data_7XJ2
#
_entry.id   7XJ2
#
_cell.length_a   1.00
_cell.length_b   1.00
_cell.length_c   1.00
_cell.angle_alpha   90.00
_cell.angle_beta   90.00
_cell.angle_gamma   90.00
#
_symmetry.space_group_name_H-M   'P 1'
#
loop_
_entity.id
_entity.type
_entity.pdbx_description
1 polymer 'Fusion protein of Transient receptor potential cation channel subfamily V member 3 and 3C-GFP'
2 non-polymer N-[5-[2-(2-cyanopropan-2-yl)pyridin-4-yl]-4-(trifluoromethyl)-1,3-thiazol-2-yl]-4,6-dimethoxy-pyrimidine-5-carboxamide
#
_entity_poly.entity_id   1
_entity_poly.type   'polypeptide(L)'
_entity_poly.pdbx_seq_one_letter_code
;MKAHPKEMVPLMGKRVAAPSGNPAILPEKRPAEITPTKKSAHFFLEIEGFEPNPTVAKTSPPVFSKPMDSNIRQCISGNC
DDMDSPQSPQDDVTETPSNPNSPSAQLAKEEQRRKKRRLKKRIFAAVSEGCVEELVELLVELQELCRRRHDEDVPDFLMH
KLTASDTGKTCLMKALLNINPNTKEIVRILLAFAEENDILGRFINAEYTEEAYEGQTALNIAIERRQGDIAALLIAAGAD
VNAHAKGAFFNPKYQHEGFYFGETPLALAACTNQPEIVQLLMEHEQTDITSRDSRGNNILHALVTVAEDFKTQNDFVKRM
YDMILLRSGNWELETTRNNDGLTPLQLAAKMGKAEILKYILSREIKEKRLRSLSRKFTDWAYGPVSSSLYDLTNVDTTTD
NSVLEITVYNTNIDNRHEMLTLEPLHTLLHMKWKKFAKHMFFLSFCFYFFYNITLTLVSYYRPREEEAIPHPLALTHKMG
WLQLLGRMFVLIWAMCISVKEGIAIFLLRPSDLQSILSDAWFHFVFFIQAVLVILSVFLYLFAYKEYLACLVLAMALGWA
NMLYYTRGFQSMSMYSVMIQKVILHDVLKFLFVYIVFLLGFGVALASLIEKCPKDNKDCSSYGSFSDAVLELFKLTIGLG
DLNIQQNSKYPILFLFLLITYVILTFVLLLNMLIALMGETVENVSKESERIWRLQRARTILEFEKMLPEWLRSRFRMGEL
CKVAEDDFRLCLRINEVKWTEWKTHVSFLNEDPGPVRRTADFNKIQDSSRNNSKTTLNAFEEVEEFPETSVLEVLFQGPS
KGEELFTGVVPILVELDGDVNGHKFSVRGEGEGDATNGKLTLKFICTTGKLPVPWPTLVTTLTYGVQCFSRYPDHMKRHD
FFKSAMPEGYVQERTISFKDDGTYKTRAEVKFEGDTLVNRIELKGIDFKEDGNILGHKLEYNFNSHNVYITADKQKNGIK
ANFKIRHNVEDGSVQLADHYQQNTPIGDGPVLLPDNHYLSTQSVLSKDPNEKRDHMVLLEFVTAAGITHGMDEWSHPQFE
KGGGSGGGSGGSAWSHPQFEK
;
_entity_poly.pdbx_strand_id   B,C,A,D
#
loop_
_chem_comp.id
_chem_comp.type
_chem_comp.name
_chem_comp.formula
EQK non-polymer N-[5-[2-(2-cyanopropan-2-yl)pyridin-4-yl]-4-(trifluoromethyl)-1,3-thiazol-2-yl]-4,6-dimethoxy-pyrimidine-5-carboxamide 'C20 H17 F3 N6 O3 S'
#
# COMPACT_ATOMS: atom_id res chain seq x y z
N ARG A 118 -69.07 -8.46 -0.95
CA ARG A 118 -69.04 -7.89 -2.30
C ARG A 118 -68.61 -6.43 -2.27
N LEU A 119 -69.39 -5.60 -1.58
CA LEU A 119 -69.05 -4.19 -1.46
C LEU A 119 -67.83 -4.00 -0.57
N LYS A 120 -67.59 -4.91 0.37
CA LYS A 120 -66.43 -4.82 1.24
C LYS A 120 -65.14 -4.86 0.44
N LYS A 121 -64.93 -5.95 -0.31
CA LYS A 121 -63.75 -6.06 -1.16
C LYS A 121 -63.75 -4.98 -2.23
N ARG A 122 -64.92 -4.52 -2.67
CA ARG A 122 -64.99 -3.44 -3.64
C ARG A 122 -64.33 -2.19 -3.09
N ILE A 123 -64.78 -1.72 -1.92
CA ILE A 123 -64.20 -0.54 -1.30
C ILE A 123 -62.74 -0.79 -0.95
N PHE A 124 -62.39 -2.01 -0.56
CA PHE A 124 -61.00 -2.33 -0.22
C PHE A 124 -60.09 -2.13 -1.42
N ALA A 125 -60.46 -2.71 -2.56
CA ALA A 125 -59.66 -2.52 -3.76
C ALA A 125 -59.68 -1.07 -4.24
N ALA A 126 -60.82 -0.39 -4.07
CA ALA A 126 -60.89 1.01 -4.48
C ALA A 126 -59.92 1.88 -3.68
N VAL A 127 -59.79 1.59 -2.38
CA VAL A 127 -58.90 2.40 -1.56
C VAL A 127 -57.45 1.94 -1.70
N SER A 128 -57.21 0.65 -1.94
CA SER A 128 -55.85 0.16 -2.11
C SER A 128 -55.25 0.67 -3.43
N GLU A 129 -56.00 0.53 -4.52
CA GLU A 129 -55.57 1.12 -5.78
C GLU A 129 -55.54 2.64 -5.68
N GLY A 130 -56.57 3.23 -5.07
CA GLY A 130 -56.65 4.67 -4.95
C GLY A 130 -56.66 5.40 -6.27
N CYS A 131 -57.02 4.72 -7.35
CA CYS A 131 -56.98 5.32 -8.69
C CYS A 131 -57.92 6.51 -8.81
N VAL A 132 -58.88 6.67 -7.91
CA VAL A 132 -59.77 7.82 -7.88
C VAL A 132 -60.43 7.87 -6.52
N GLU A 133 -60.82 9.08 -6.10
CA GLU A 133 -61.53 9.25 -4.84
C GLU A 133 -63.04 9.36 -5.02
N GLU A 134 -63.51 9.66 -6.23
CA GLU A 134 -64.94 9.82 -6.46
C GLU A 134 -65.68 8.51 -6.21
N LEU A 135 -65.16 7.39 -6.74
CA LEU A 135 -65.88 6.14 -6.56
C LEU A 135 -65.77 5.64 -5.13
N VAL A 136 -64.69 5.97 -4.42
CA VAL A 136 -64.62 5.57 -3.03
C VAL A 136 -65.58 6.39 -2.19
N GLU A 137 -65.77 7.67 -2.53
CA GLU A 137 -66.79 8.47 -1.85
C GLU A 137 -68.18 7.93 -2.14
N LEU A 138 -68.43 7.50 -3.38
CA LEU A 138 -69.70 6.88 -3.72
C LEU A 138 -69.93 5.60 -2.95
N LEU A 139 -68.89 4.77 -2.82
CA LEU A 139 -69.01 3.55 -2.04
C LEU A 139 -69.27 3.85 -0.57
N VAL A 140 -68.64 4.91 -0.05
CA VAL A 140 -68.90 5.32 1.33
C VAL A 140 -70.35 5.75 1.50
N GLU A 141 -70.87 6.51 0.54
CA GLU A 141 -72.27 6.92 0.60
C GLU A 141 -73.20 5.72 0.55
N LEU A 142 -72.90 4.74 -0.30
CA LEU A 142 -73.73 3.54 -0.39
C LEU A 142 -73.69 2.75 0.92
N GLN A 143 -72.49 2.63 1.51
CA GLN A 143 -72.38 1.92 2.79
C GLN A 143 -73.14 2.64 3.88
N GLU A 144 -73.09 3.98 3.89
CA GLU A 144 -73.85 4.75 4.88
C GLU A 144 -75.35 4.55 4.69
N LEU A 145 -75.82 4.56 3.44
CA LEU A 145 -77.23 4.31 3.18
C LEU A 145 -77.64 2.92 3.65
N CYS A 146 -76.79 1.91 3.40
CA CYS A 146 -77.10 0.56 3.84
C CYS A 146 -77.08 0.45 5.36
N ARG A 147 -76.22 1.22 6.03
CA ARG A 147 -76.15 1.15 7.49
C ARG A 147 -77.31 1.89 8.14
N ARG A 148 -77.84 2.92 7.48
CA ARG A 148 -78.96 3.67 8.05
C ARG A 148 -80.19 2.79 8.19
N ARG A 149 -80.44 1.93 7.21
CA ARG A 149 -81.60 1.03 7.24
C ARG A 149 -81.16 -0.42 7.49
N VAL A 154 -75.64 -0.21 15.74
CA VAL A 154 -75.51 0.64 14.56
C VAL A 154 -74.04 0.93 14.21
N PRO A 155 -73.22 1.39 15.16
CA PRO A 155 -71.81 1.60 14.83
C PRO A 155 -71.03 0.30 14.72
N ASP A 156 -71.37 -0.69 15.54
CA ASP A 156 -70.72 -2.00 15.43
C ASP A 156 -70.90 -2.59 14.04
N PHE A 157 -72.08 -2.39 13.43
CA PHE A 157 -72.30 -2.88 12.07
C PHE A 157 -71.40 -2.16 11.07
N LEU A 158 -71.28 -0.83 11.21
CA LEU A 158 -70.42 -0.09 10.31
C LEU A 158 -68.96 -0.53 10.44
N MET A 159 -68.53 -0.82 11.67
CA MET A 159 -67.18 -1.34 11.87
C MET A 159 -67.02 -2.71 11.22
N HIS A 160 -67.93 -3.63 11.52
CA HIS A 160 -67.86 -4.98 10.96
C HIS A 160 -67.82 -4.95 9.44
N LYS A 161 -68.58 -4.04 8.83
CA LYS A 161 -68.59 -3.93 7.37
C LYS A 161 -67.39 -3.15 6.83
N LEU A 162 -66.73 -2.35 7.66
CA LEU A 162 -65.61 -1.53 7.21
C LEU A 162 -64.26 -2.15 7.53
N THR A 163 -64.23 -3.32 8.15
CA THR A 163 -63.00 -4.03 8.48
C THR A 163 -63.06 -5.44 7.92
N ALA A 164 -61.91 -6.10 7.89
CA ALA A 164 -61.81 -7.50 7.52
C ALA A 164 -61.53 -8.31 8.78
N SER A 165 -62.48 -9.17 9.16
CA SER A 165 -62.38 -9.92 10.40
C SER A 165 -61.31 -11.01 10.37
N ASP A 166 -60.57 -11.15 9.28
CA ASP A 166 -59.48 -12.11 9.24
C ASP A 166 -58.34 -11.70 10.17
N THR A 167 -57.79 -10.50 9.94
CA THR A 167 -56.76 -9.94 10.80
C THR A 167 -57.22 -8.71 11.56
N GLY A 168 -58.13 -7.93 10.99
CA GLY A 168 -58.50 -6.64 11.53
C GLY A 168 -58.06 -5.46 10.70
N LYS A 169 -57.43 -5.72 9.55
CA LYS A 169 -56.97 -4.64 8.69
C LYS A 169 -58.14 -3.82 8.16
N THR A 170 -58.24 -2.56 8.61
CA THR A 170 -59.35 -1.71 8.20
C THR A 170 -59.01 -0.95 6.93
N CYS A 171 -59.96 -0.13 6.48
CA CYS A 171 -59.75 0.65 5.26
C CYS A 171 -58.66 1.69 5.44
N LEU A 172 -58.51 2.24 6.64
CA LEU A 172 -57.43 3.19 6.89
C LEU A 172 -56.06 2.52 6.74
N MET A 173 -55.88 1.37 7.38
CA MET A 173 -54.63 0.64 7.25
C MET A 173 -54.36 0.28 5.80
N LYS A 174 -55.38 -0.23 5.10
CA LYS A 174 -55.19 -0.63 3.71
C LYS A 174 -54.80 0.56 2.84
N ALA A 175 -55.38 1.73 3.13
CA ALA A 175 -54.99 2.94 2.41
C ALA A 175 -53.53 3.28 2.66
N LEU A 176 -53.12 3.27 3.94
CA LEU A 176 -51.76 3.65 4.27
C LEU A 176 -50.73 2.65 3.76
N LEU A 177 -51.08 1.37 3.62
CA LEU A 177 -50.11 0.40 3.14
C LEU A 177 -49.69 0.65 1.70
N ASN A 178 -50.59 1.20 0.88
CA ASN A 178 -50.34 1.41 -0.54
C ASN A 178 -50.32 2.91 -0.80
N ILE A 179 -49.14 3.53 -0.69
CA ILE A 179 -49.01 4.97 -0.81
C ILE A 179 -49.06 5.34 -2.28
N ASN A 180 -50.18 5.94 -2.69
CA ASN A 180 -50.33 6.59 -3.98
C ASN A 180 -50.61 8.06 -3.74
N PRO A 181 -50.32 8.93 -4.70
CA PRO A 181 -50.47 10.38 -4.46
C PRO A 181 -51.86 10.82 -4.01
N ASN A 182 -52.83 9.92 -3.93
CA ASN A 182 -54.18 10.26 -3.52
C ASN A 182 -54.44 10.07 -2.02
N THR A 183 -53.51 9.43 -1.29
CA THR A 183 -53.76 9.13 0.12
C THR A 183 -54.07 10.38 0.93
N LYS A 184 -53.36 11.48 0.66
CA LYS A 184 -53.52 12.69 1.45
C LYS A 184 -54.97 13.15 1.57
N GLU A 185 -55.81 12.84 0.58
CA GLU A 185 -57.23 13.15 0.63
C GLU A 185 -58.08 11.94 0.99
N ILE A 186 -57.62 10.74 0.64
CA ILE A 186 -58.37 9.53 0.98
C ILE A 186 -58.48 9.39 2.49
N VAL A 187 -57.38 9.62 3.20
CA VAL A 187 -57.42 9.50 4.65
C VAL A 187 -58.33 10.56 5.24
N ARG A 188 -58.32 11.77 4.68
CA ARG A 188 -59.21 12.82 5.19
C ARG A 188 -60.67 12.42 5.01
N ILE A 189 -61.02 11.90 3.84
CA ILE A 189 -62.38 11.43 3.60
C ILE A 189 -62.73 10.31 4.57
N LEU A 190 -61.77 9.42 4.83
CA LEU A 190 -62.04 8.29 5.72
C LEU A 190 -62.27 8.76 7.15
N LEU A 191 -61.47 9.71 7.64
CA LEU A 191 -61.69 10.24 8.98
C LEU A 191 -63.00 11.01 9.06
N ALA A 192 -63.35 11.76 8.01
CA ALA A 192 -64.64 12.44 7.98
C ALA A 192 -65.79 11.44 8.07
N PHE A 193 -65.68 10.33 7.35
CA PHE A 193 -66.72 9.30 7.41
C PHE A 193 -66.79 8.68 8.80
N ALA A 194 -65.64 8.34 9.38
CA ALA A 194 -65.64 7.74 10.71
C ALA A 194 -66.14 8.72 11.77
N GLU A 195 -66.03 10.03 11.52
CA GLU A 195 -66.60 11.01 12.43
C GLU A 195 -68.09 11.21 12.20
N GLU A 196 -68.56 10.96 10.97
CA GLU A 196 -69.99 11.05 10.70
C GLU A 196 -70.79 10.11 11.61
N ASN A 197 -70.32 8.87 11.77
CA ASN A 197 -70.89 7.95 12.73
C ASN A 197 -70.24 8.06 14.10
N ASP A 198 -69.21 8.89 14.23
CA ASP A 198 -68.46 9.06 15.48
C ASP A 198 -67.95 7.71 15.99
N ILE A 199 -67.14 7.07 15.15
CA ILE A 199 -66.58 5.76 15.49
C ILE A 199 -65.06 5.87 15.43
N LEU A 200 -64.56 7.10 15.41
CA LEU A 200 -63.12 7.34 15.30
C LEU A 200 -62.34 6.55 16.35
N GLY A 201 -62.87 6.45 17.56
CA GLY A 201 -62.21 5.75 18.64
C GLY A 201 -61.85 4.32 18.29
N ARG A 202 -62.86 3.51 17.98
CA ARG A 202 -62.60 2.14 17.57
C ARG A 202 -62.12 2.04 16.13
N PHE A 203 -62.02 3.15 15.39
CA PHE A 203 -61.61 3.13 14.00
C PHE A 203 -60.10 3.32 13.84
N ILE A 204 -59.57 4.45 14.31
CA ILE A 204 -58.14 4.69 14.19
C ILE A 204 -57.37 3.80 15.15
N ASN A 205 -57.83 3.70 16.39
CA ASN A 205 -57.16 2.87 17.39
C ASN A 205 -57.34 1.38 17.12
N ALA A 206 -58.06 1.00 16.08
CA ALA A 206 -58.16 -0.40 15.71
C ALA A 206 -56.79 -0.95 15.37
N GLU A 207 -56.61 -2.25 15.59
CA GLU A 207 -55.32 -2.88 15.43
C GLU A 207 -55.52 -4.29 14.88
N TYR A 208 -54.42 -4.88 14.43
CA TYR A 208 -54.49 -6.24 13.90
C TYR A 208 -54.84 -7.23 15.00
N THR A 209 -55.06 -8.48 14.58
CA THR A 209 -55.28 -9.57 15.51
C THR A 209 -54.50 -10.82 15.14
N GLU A 210 -53.91 -10.89 13.94
CA GLU A 210 -53.15 -12.06 13.54
C GLU A 210 -51.92 -12.22 14.41
N GLU A 211 -51.46 -13.46 14.56
CA GLU A 211 -50.31 -13.75 15.40
C GLU A 211 -49.02 -13.14 14.89
N ALA A 212 -49.04 -12.44 13.75
CA ALA A 212 -47.82 -11.82 13.24
C ALA A 212 -47.69 -10.38 13.73
N TYR A 213 -48.67 -9.55 13.42
CA TYR A 213 -48.65 -8.12 13.74
C TYR A 213 -49.56 -7.79 14.91
N GLU A 214 -49.57 -8.66 15.92
CA GLU A 214 -50.49 -8.51 17.04
C GLU A 214 -50.36 -7.13 17.68
N GLY A 215 -51.40 -6.31 17.55
CA GLY A 215 -51.40 -4.98 18.11
C GLY A 215 -51.00 -3.87 17.17
N GLN A 216 -50.46 -4.19 16.00
CA GLN A 216 -50.01 -3.16 15.07
C GLN A 216 -51.14 -2.19 14.74
N THR A 217 -50.83 -0.91 14.77
CA THR A 217 -51.81 0.15 14.63
C THR A 217 -51.48 0.98 13.40
N ALA A 218 -52.47 1.74 12.92
CA ALA A 218 -52.28 2.57 11.75
C ALA A 218 -51.12 3.54 11.89
N LEU A 219 -50.74 3.91 13.11
CA LEU A 219 -49.65 4.87 13.28
C LEU A 219 -48.31 4.25 12.90
N ASN A 220 -48.06 3.01 13.33
CA ASN A 220 -46.82 2.37 12.93
C ASN A 220 -46.78 2.13 11.42
N ILE A 221 -47.94 1.96 10.78
CA ILE A 221 -47.97 1.82 9.33
C ILE A 221 -47.63 3.14 8.67
N ALA A 222 -48.22 4.23 9.15
CA ALA A 222 -47.94 5.54 8.57
C ALA A 222 -46.49 5.94 8.78
N ILE A 223 -45.89 5.52 9.91
CA ILE A 223 -44.51 5.88 10.18
C ILE A 223 -43.56 4.99 9.36
N GLU A 224 -43.85 3.70 9.26
CA GLU A 224 -43.00 2.80 8.47
C GLU A 224 -42.95 3.22 7.01
N ARG A 225 -43.94 3.96 6.53
CA ARG A 225 -43.96 4.44 5.15
C ARG A 225 -43.56 5.91 5.04
N ARG A 226 -43.06 6.50 6.13
CA ARG A 226 -42.48 7.84 6.15
C ARG A 226 -43.49 8.93 5.80
N GLN A 227 -44.77 8.67 5.98
CA GLN A 227 -45.80 9.67 5.70
C GLN A 227 -45.98 10.54 6.94
N GLY A 228 -45.23 11.64 6.98
CA GLY A 228 -45.27 12.50 8.16
C GLY A 228 -46.56 13.30 8.27
N ASP A 229 -46.99 13.91 7.15
CA ASP A 229 -48.21 14.71 7.18
C ASP A 229 -49.42 13.87 7.58
N ILE A 230 -49.52 12.65 7.05
CA ILE A 230 -50.63 11.78 7.43
C ILE A 230 -50.48 11.33 8.87
N ALA A 231 -49.25 11.15 9.36
CA ALA A 231 -49.07 10.87 10.78
C ALA A 231 -49.60 12.01 11.63
N ALA A 232 -49.36 13.25 11.19
CA ALA A 232 -49.91 14.41 11.89
C ALA A 232 -51.43 14.40 11.87
N LEU A 233 -52.01 14.16 10.70
CA LEU A 233 -53.47 14.09 10.59
C LEU A 233 -54.04 12.98 11.46
N LEU A 234 -53.29 11.90 11.64
CA LEU A 234 -53.76 10.79 12.46
C LEU A 234 -53.73 11.15 13.93
N ILE A 235 -52.59 11.63 14.43
CA ILE A 235 -52.51 11.98 15.85
C ILE A 235 -53.46 13.11 16.18
N ALA A 236 -53.68 14.04 15.25
CA ALA A 236 -54.71 15.06 15.45
C ALA A 236 -56.09 14.43 15.52
N ALA A 237 -56.30 13.34 14.78
CA ALA A 237 -57.56 12.60 14.85
C ALA A 237 -57.64 11.69 16.07
N GLY A 238 -56.66 11.76 16.97
CA GLY A 238 -56.69 10.95 18.17
C GLY A 238 -56.09 9.57 17.99
N ALA A 239 -55.08 9.46 17.13
CA ALA A 239 -54.39 8.20 16.96
C ALA A 239 -53.63 7.84 18.22
N ASP A 240 -53.86 6.64 18.73
CA ASP A 240 -53.22 6.20 19.98
C ASP A 240 -51.72 6.14 19.77
N VAL A 241 -50.99 7.03 20.43
CA VAL A 241 -49.56 7.18 20.14
C VAL A 241 -48.73 6.13 20.85
N ASN A 242 -49.19 5.64 22.01
CA ASN A 242 -48.44 4.64 22.77
C ASN A 242 -48.93 3.22 22.50
N ALA A 243 -49.53 2.99 21.34
CA ALA A 243 -50.01 1.66 20.99
C ALA A 243 -48.82 0.73 20.77
N HIS A 244 -48.69 -0.30 21.59
CA HIS A 244 -47.56 -1.21 21.53
C HIS A 244 -47.81 -2.31 20.52
N ALA A 245 -46.90 -2.43 19.56
CA ALA A 245 -47.01 -3.43 18.50
C ALA A 245 -46.29 -4.70 18.89
N LYS A 246 -46.78 -5.33 19.96
CA LYS A 246 -46.12 -6.50 20.52
C LYS A 246 -46.48 -7.76 19.75
N GLY A 247 -46.30 -7.74 18.43
CA GLY A 247 -46.58 -8.90 17.62
C GLY A 247 -45.36 -9.78 17.43
N ALA A 248 -45.61 -11.06 17.15
CA ALA A 248 -44.52 -12.01 16.99
C ALA A 248 -43.65 -11.69 15.79
N PHE A 249 -44.09 -10.79 14.91
CA PHE A 249 -43.22 -10.31 13.84
C PHE A 249 -42.33 -9.17 14.33
N PHE A 250 -42.92 -8.21 15.05
CA PHE A 250 -42.16 -7.05 15.51
C PHE A 250 -41.18 -7.42 16.61
N ASN A 251 -41.36 -8.55 17.28
CA ASN A 251 -40.41 -9.05 18.28
C ASN A 251 -39.86 -10.40 17.84
N PRO A 252 -39.12 -10.43 16.73
CA PRO A 252 -38.69 -11.73 16.19
C PRO A 252 -37.49 -12.29 16.95
N LYS A 253 -37.52 -13.60 17.16
CA LYS A 253 -36.42 -14.27 17.85
C LYS A 253 -35.22 -14.43 16.93
N TYR A 254 -35.43 -14.99 15.75
CA TYR A 254 -34.39 -15.11 14.74
C TYR A 254 -34.40 -13.85 13.88
N GLN A 255 -33.23 -13.27 13.67
CA GLN A 255 -33.11 -12.06 12.86
C GLN A 255 -33.42 -12.37 11.39
N HIS A 256 -33.45 -11.32 10.59
CA HIS A 256 -33.63 -11.39 9.14
C HIS A 256 -35.04 -11.79 8.75
N GLU A 257 -35.87 -12.14 9.73
CA GLU A 257 -37.29 -12.39 9.54
C GLU A 257 -38.02 -11.59 10.61
N GLY A 258 -38.27 -10.32 10.32
CA GLY A 258 -38.78 -9.41 11.32
C GLY A 258 -37.88 -8.22 11.52
N PHE A 259 -38.38 -7.19 12.20
CA PHE A 259 -37.64 -5.96 12.40
C PHE A 259 -37.98 -5.42 13.78
N TYR A 260 -37.15 -5.72 14.77
CA TYR A 260 -37.38 -5.25 16.14
C TYR A 260 -36.92 -3.80 16.24
N PHE A 261 -37.81 -2.94 16.72
CA PHE A 261 -37.56 -1.51 16.71
C PHE A 261 -37.97 -0.79 17.98
N GLY A 262 -38.49 -1.51 18.98
CA GLY A 262 -38.98 -0.88 20.19
C GLY A 262 -40.49 -0.94 20.36
N GLU A 263 -41.22 -1.37 19.33
CA GLU A 263 -42.64 -1.68 19.46
C GLU A 263 -43.48 -0.47 19.83
N THR A 264 -43.01 0.73 19.47
CA THR A 264 -43.74 1.95 19.80
C THR A 264 -43.56 2.96 18.67
N PRO A 265 -44.62 3.68 18.30
CA PRO A 265 -44.47 4.69 17.24
C PRO A 265 -43.32 5.66 17.45
N LEU A 266 -43.06 6.07 18.69
CA LEU A 266 -41.87 6.87 18.94
C LEU A 266 -40.62 6.06 18.67
N ALA A 267 -40.57 4.83 19.17
CA ALA A 267 -39.44 3.95 18.89
C ALA A 267 -39.27 3.73 17.40
N LEU A 268 -40.36 3.63 16.65
CA LEU A 268 -40.25 3.41 15.23
C LEU A 268 -39.73 4.65 14.52
N ALA A 269 -40.34 5.81 14.77
CA ALA A 269 -39.89 7.04 14.16
C ALA A 269 -38.47 7.41 14.57
N ALA A 270 -37.97 6.82 15.66
CA ALA A 270 -36.58 7.07 16.05
C ALA A 270 -35.61 6.08 15.42
N CYS A 271 -36.00 4.81 15.27
CA CYS A 271 -35.08 3.84 14.72
C CYS A 271 -34.97 3.93 13.19
N THR A 272 -36.01 4.41 12.51
CA THR A 272 -35.97 4.55 11.06
C THR A 272 -35.61 5.96 10.62
N ASN A 273 -34.87 6.69 11.45
CA ASN A 273 -34.33 8.01 11.11
C ASN A 273 -35.42 8.94 10.59
N GLN A 274 -36.36 9.25 11.49
CA GLN A 274 -37.43 10.19 11.21
C GLN A 274 -37.53 11.18 12.37
N PRO A 275 -36.61 12.14 12.43
CA PRO A 275 -36.60 13.07 13.57
C PRO A 275 -37.79 14.01 13.60
N GLU A 276 -38.31 14.41 12.44
CA GLU A 276 -39.48 15.27 12.42
C GLU A 276 -40.63 14.63 13.19
N ILE A 277 -40.90 13.36 12.90
CA ILE A 277 -42.01 12.67 13.58
C ILE A 277 -41.66 12.39 15.02
N VAL A 278 -40.38 12.22 15.33
CA VAL A 278 -39.98 12.03 16.73
C VAL A 278 -40.32 13.28 17.54
N GLN A 279 -39.97 14.45 17.01
CA GLN A 279 -40.33 15.69 17.68
C GLN A 279 -41.85 15.88 17.71
N LEU A 280 -42.53 15.47 16.64
CA LEU A 280 -43.98 15.59 16.60
C LEU A 280 -44.65 14.71 17.65
N LEU A 281 -44.04 13.58 17.98
CA LEU A 281 -44.62 12.70 19.00
C LEU A 281 -44.24 13.17 20.41
N MET A 282 -43.00 13.62 20.60
CA MET A 282 -42.58 14.03 21.93
C MET A 282 -43.24 15.35 22.33
N GLU A 283 -43.40 16.28 21.39
CA GLU A 283 -44.07 17.54 21.70
C GLU A 283 -45.52 17.32 22.07
N HIS A 284 -46.10 16.19 21.66
CA HIS A 284 -47.45 15.84 22.07
C HIS A 284 -47.48 15.51 23.56
N GLU A 285 -48.67 15.57 24.15
CA GLU A 285 -48.83 15.35 25.58
C GLU A 285 -49.13 13.90 25.92
N GLN A 286 -49.90 13.20 25.07
CA GLN A 286 -50.28 11.83 25.37
C GLN A 286 -49.13 10.85 25.24
N THR A 287 -48.01 11.26 24.67
CA THR A 287 -46.88 10.34 24.51
C THR A 287 -46.32 9.95 25.87
N ASP A 288 -45.60 8.84 25.89
CA ASP A 288 -45.04 8.29 27.13
C ASP A 288 -43.65 7.77 26.81
N ILE A 289 -42.64 8.61 27.03
CA ILE A 289 -41.28 8.24 26.66
C ILE A 289 -40.74 7.16 27.60
N THR A 290 -41.31 7.02 28.78
CA THR A 290 -40.88 6.01 29.74
C THR A 290 -41.59 4.68 29.55
N SER A 291 -42.24 4.46 28.42
CA SER A 291 -42.97 3.22 28.21
C SER A 291 -42.01 2.04 28.09
N ARG A 292 -42.51 0.86 28.44
CA ARG A 292 -41.72 -0.36 28.39
C ARG A 292 -42.49 -1.43 27.63
N ASP A 293 -41.78 -2.15 26.78
CA ASP A 293 -42.39 -3.09 25.84
C ASP A 293 -42.34 -4.52 26.37
N SER A 294 -42.72 -5.47 25.52
CA SER A 294 -42.79 -6.87 25.91
C SER A 294 -41.42 -7.44 26.29
N ARG A 295 -40.34 -6.77 25.91
CA ARG A 295 -39.00 -7.18 26.32
C ARG A 295 -38.47 -6.33 27.47
N GLY A 296 -39.27 -5.42 28.01
CA GLY A 296 -38.84 -4.53 29.06
C GLY A 296 -38.17 -3.26 28.58
N ASN A 297 -37.71 -3.23 27.34
CA ASN A 297 -37.02 -2.08 26.80
C ASN A 297 -37.88 -0.83 26.86
N ASN A 298 -37.22 0.32 26.92
CA ASN A 298 -37.82 1.60 26.58
C ASN A 298 -37.18 2.08 25.27
N ILE A 299 -37.50 3.31 24.90
CA ILE A 299 -37.00 3.84 23.63
C ILE A 299 -35.49 3.76 23.55
N LEU A 300 -34.80 4.02 24.65
CA LEU A 300 -33.34 4.06 24.61
C LEU A 300 -32.74 2.68 24.42
N HIS A 301 -33.35 1.67 25.04
CA HIS A 301 -32.89 0.31 24.79
C HIS A 301 -33.03 -0.06 23.33
N ALA A 302 -34.11 0.37 22.68
CA ALA A 302 -34.30 0.07 21.27
C ALA A 302 -33.25 0.78 20.43
N LEU A 303 -33.05 2.08 20.67
CA LEU A 303 -32.01 2.80 19.95
C LEU A 303 -30.65 2.15 20.12
N VAL A 304 -30.38 1.61 21.31
CA VAL A 304 -29.14 0.87 21.50
C VAL A 304 -29.16 -0.41 20.67
N THR A 305 -30.30 -1.08 20.63
CA THR A 305 -30.37 -2.41 19.99
C THR A 305 -30.18 -2.32 18.48
N VAL A 306 -30.65 -1.23 17.86
CA VAL A 306 -30.59 -1.15 16.40
C VAL A 306 -29.41 -0.33 15.90
N ALA A 307 -28.51 0.11 16.77
CA ALA A 307 -27.34 0.87 16.36
C ALA A 307 -26.24 -0.09 15.93
N GLU A 308 -25.89 -0.12 14.65
CA GLU A 308 -24.98 -1.14 14.16
C GLU A 308 -23.53 -0.68 14.10
N ASP A 309 -23.23 0.28 13.22
CA ASP A 309 -21.88 0.73 12.96
C ASP A 309 -21.93 1.90 11.98
N PHE A 310 -20.96 2.82 12.06
CA PHE A 310 -21.04 4.02 11.23
C PHE A 310 -20.97 3.69 9.74
N LYS A 311 -20.22 2.64 9.37
CA LYS A 311 -20.07 2.31 7.96
C LYS A 311 -21.38 1.90 7.31
N THR A 312 -22.38 1.51 8.10
CA THR A 312 -23.65 1.03 7.57
C THR A 312 -24.84 1.88 7.96
N GLN A 313 -24.65 2.94 8.75
CA GLN A 313 -25.79 3.73 9.20
C GLN A 313 -25.60 5.22 9.14
N ASN A 314 -24.38 5.74 8.98
CA ASN A 314 -24.06 7.16 9.10
C ASN A 314 -24.35 7.70 10.49
N ASP A 315 -24.70 6.83 11.44
CA ASP A 315 -24.84 7.18 12.85
C ASP A 315 -25.86 8.30 13.06
N PHE A 316 -27.10 8.02 12.68
CA PHE A 316 -28.21 8.87 13.10
C PHE A 316 -28.73 8.47 14.46
N VAL A 317 -28.59 7.19 14.81
CA VAL A 317 -29.11 6.68 16.08
C VAL A 317 -28.47 7.38 17.26
N LYS A 318 -27.22 7.81 17.12
CA LYS A 318 -26.60 8.62 18.16
C LYS A 318 -27.26 9.99 18.27
N ARG A 319 -27.60 10.58 17.12
CA ARG A 319 -28.28 11.87 17.13
C ARG A 319 -29.65 11.74 17.78
N MET A 320 -30.43 10.73 17.37
CA MET A 320 -31.73 10.52 17.97
C MET A 320 -31.61 10.18 19.46
N TYR A 321 -30.53 9.49 19.83
CA TYR A 321 -30.27 9.24 21.24
C TYR A 321 -30.13 10.54 22.00
N ASP A 322 -29.26 11.43 21.52
CA ASP A 322 -29.08 12.72 22.18
C ASP A 322 -30.39 13.49 22.27
N MET A 323 -31.12 13.54 21.16
CA MET A 323 -32.37 14.30 21.12
C MET A 323 -33.37 13.77 22.14
N ILE A 324 -33.65 12.46 22.10
CA ILE A 324 -34.65 11.88 22.99
C ILE A 324 -34.19 11.97 24.44
N LEU A 325 -32.89 11.80 24.68
CA LEU A 325 -32.39 11.89 26.04
C LEU A 325 -32.60 13.27 26.62
N LEU A 326 -31.99 14.29 26.01
CA LEU A 326 -32.12 15.62 26.60
C LEU A 326 -33.52 16.20 26.46
N ARG A 327 -34.41 15.58 25.67
CA ARG A 327 -35.77 16.07 25.63
C ARG A 327 -36.55 15.72 26.90
N SER A 328 -36.50 14.47 27.33
CA SER A 328 -37.01 14.08 28.64
C SER A 328 -35.85 14.25 29.60
N GLY A 329 -35.71 15.45 30.13
CA GLY A 329 -34.49 15.76 30.84
C GLY A 329 -34.52 15.32 32.29
N ASN A 330 -33.98 14.14 32.51
CA ASN A 330 -33.79 13.51 33.82
C ASN A 330 -33.13 12.16 33.54
N TRP A 331 -32.75 11.49 34.61
CA TRP A 331 -32.16 10.16 34.50
C TRP A 331 -33.22 9.06 34.50
N GLU A 332 -34.45 9.39 34.11
CA GLU A 332 -35.52 8.39 34.07
C GLU A 332 -35.16 7.27 33.10
N LEU A 333 -34.76 7.64 31.89
CA LEU A 333 -34.55 6.65 30.83
C LEU A 333 -33.31 5.80 31.10
N GLU A 334 -32.20 6.44 31.44
CA GLU A 334 -30.96 5.70 31.62
C GLU A 334 -30.94 4.82 32.86
N THR A 335 -31.84 5.06 33.83
CA THR A 335 -31.79 4.31 35.07
C THR A 335 -32.64 3.06 35.07
N THR A 336 -33.63 2.95 34.18
CA THR A 336 -34.48 1.77 34.14
C THR A 336 -33.71 0.60 33.56
N ARG A 337 -34.13 -0.60 33.94
CA ARG A 337 -33.54 -1.81 33.42
C ARG A 337 -34.64 -2.60 32.76
N ASN A 338 -34.28 -3.42 31.78
CA ASN A 338 -35.25 -4.22 31.06
C ASN A 338 -35.41 -5.57 31.74
N ASN A 339 -36.15 -6.48 31.10
CA ASN A 339 -36.38 -7.79 31.70
C ASN A 339 -35.13 -8.66 31.73
N ASP A 340 -34.01 -8.17 31.20
CA ASP A 340 -32.72 -8.80 31.39
C ASP A 340 -31.92 -8.17 32.51
N GLY A 341 -32.47 -7.17 33.17
CA GLY A 341 -31.77 -6.51 34.26
C GLY A 341 -30.61 -5.64 33.83
N LEU A 342 -30.69 -5.04 32.64
CA LEU A 342 -29.64 -4.17 32.13
C LEU A 342 -30.20 -2.80 31.80
N THR A 343 -29.37 -1.79 31.94
CA THR A 343 -29.67 -0.42 31.57
C THR A 343 -29.17 -0.14 30.16
N PRO A 344 -29.70 0.89 29.49
CA PRO A 344 -29.24 1.18 28.12
C PRO A 344 -27.74 1.31 28.01
N LEU A 345 -27.07 1.87 29.00
CA LEU A 345 -25.62 1.89 29.02
C LEU A 345 -25.07 0.47 29.13
N GLN A 346 -25.50 -0.25 30.18
CA GLN A 346 -25.10 -1.65 30.31
C GLN A 346 -25.53 -2.46 29.09
N LEU A 347 -26.64 -2.09 28.46
CA LEU A 347 -27.09 -2.83 27.29
C LEU A 347 -26.13 -2.65 26.12
N ALA A 348 -25.86 -1.40 25.75
CA ALA A 348 -24.88 -1.15 24.70
C ALA A 348 -23.51 -1.71 25.07
N ALA A 349 -23.27 -1.98 26.34
CA ALA A 349 -22.06 -2.68 26.74
C ALA A 349 -22.16 -4.17 26.47
N LYS A 350 -23.34 -4.76 26.72
CA LYS A 350 -23.50 -6.20 26.54
C LYS A 350 -23.31 -6.59 25.09
N MET A 351 -24.01 -5.91 24.18
CA MET A 351 -23.70 -6.03 22.77
C MET A 351 -22.44 -5.24 22.47
N GLY A 352 -22.01 -5.26 21.21
CA GLY A 352 -20.76 -4.62 20.87
C GLY A 352 -20.91 -3.24 20.27
N LYS A 353 -21.89 -2.48 20.72
CA LYS A 353 -22.17 -1.19 20.12
C LYS A 353 -21.14 -0.15 20.56
N ALA A 354 -20.03 -0.05 19.81
CA ALA A 354 -18.94 0.83 20.21
C ALA A 354 -19.33 2.30 20.09
N GLU A 355 -20.01 2.67 19.01
CA GLU A 355 -20.31 4.07 18.77
C GLU A 355 -21.23 4.63 19.86
N ILE A 356 -22.36 3.96 20.09
CA ILE A 356 -23.28 4.39 21.13
C ILE A 356 -22.58 4.41 22.48
N LEU A 357 -21.70 3.44 22.72
CA LEU A 357 -20.97 3.42 23.98
C LEU A 357 -20.03 4.61 24.09
N LYS A 358 -19.24 4.86 23.05
CA LYS A 358 -18.33 6.01 23.07
C LYS A 358 -19.08 7.30 23.25
N TYR A 359 -20.34 7.35 22.82
CA TYR A 359 -21.14 8.55 23.05
C TYR A 359 -21.59 8.63 24.50
N ILE A 360 -22.17 7.55 25.02
CA ILE A 360 -22.76 7.60 26.36
C ILE A 360 -21.70 7.82 27.42
N LEU A 361 -20.53 7.19 27.27
CA LEU A 361 -19.50 7.33 28.30
C LEU A 361 -18.98 8.75 28.37
N SER A 362 -18.68 9.35 27.23
CA SER A 362 -18.22 10.74 27.18
C SER A 362 -19.31 11.56 26.48
N ARG A 363 -20.30 11.98 27.25
CA ARG A 363 -21.39 12.81 26.76
C ARG A 363 -21.37 14.12 27.52
N GLU A 364 -21.08 15.22 26.83
CA GLU A 364 -21.05 16.54 27.42
C GLU A 364 -22.27 17.32 26.95
N ILE A 365 -23.07 17.78 27.91
CA ILE A 365 -24.20 18.67 27.64
C ILE A 365 -23.84 20.03 28.21
N LYS A 366 -23.71 21.03 27.36
CA LYS A 366 -23.21 22.33 27.77
C LYS A 366 -24.31 23.33 28.12
N GLU A 367 -25.57 23.02 27.83
CA GLU A 367 -26.65 23.86 28.32
C GLU A 367 -26.68 23.85 29.83
N LYS A 368 -27.16 24.95 30.42
CA LYS A 368 -27.11 25.09 31.87
C LYS A 368 -28.07 24.11 32.56
N ARG A 369 -29.36 24.20 32.24
CA ARG A 369 -30.37 23.42 32.95
C ARG A 369 -30.24 21.92 32.72
N LEU A 370 -29.54 21.48 31.68
CA LEU A 370 -29.37 20.06 31.39
C LEU A 370 -27.93 19.60 31.59
N ARG A 371 -27.08 20.45 32.16
CA ARG A 371 -25.68 20.09 32.37
C ARG A 371 -25.54 18.88 33.29
N SER A 372 -26.52 18.67 34.19
CA SER A 372 -26.45 17.56 35.12
C SER A 372 -26.55 16.21 34.45
N LEU A 373 -26.98 16.17 33.18
CA LEU A 373 -27.12 14.90 32.45
C LEU A 373 -25.81 14.39 31.88
N SER A 374 -24.75 15.18 31.94
CA SER A 374 -23.51 14.82 31.26
C SER A 374 -22.77 13.73 32.03
N ARG A 375 -21.76 13.16 31.38
CA ARG A 375 -20.85 12.22 32.03
C ARG A 375 -19.40 12.61 31.78
N LYS A 376 -19.15 13.86 31.41
CA LYS A 376 -17.81 14.39 31.23
C LYS A 376 -17.90 15.90 31.32
N PHE A 377 -17.22 16.47 32.31
CA PHE A 377 -17.27 17.91 32.57
C PHE A 377 -15.88 18.51 32.42
N THR A 378 -15.68 19.29 31.35
CA THR A 378 -14.48 20.09 31.27
C THR A 378 -14.53 21.13 32.37
N ASP A 379 -13.76 20.92 33.43
CA ASP A 379 -13.89 21.71 34.63
C ASP A 379 -12.73 22.66 34.88
N TRP A 380 -11.71 22.64 34.04
CA TRP A 380 -10.44 23.24 34.41
C TRP A 380 -9.75 24.00 33.29
N ALA A 381 -10.32 24.01 32.08
CA ALA A 381 -9.60 24.48 30.91
C ALA A 381 -9.08 25.90 31.07
N TYR A 382 -7.84 26.12 30.68
CA TYR A 382 -7.19 27.42 30.69
C TYR A 382 -6.84 27.91 29.29
N GLY A 383 -6.17 27.08 28.50
CA GLY A 383 -5.84 27.42 27.15
C GLY A 383 -6.01 26.20 26.28
N PRO A 384 -4.98 25.85 25.51
CA PRO A 384 -4.99 24.56 24.83
C PRO A 384 -4.93 23.40 25.78
N VAL A 385 -4.68 23.64 27.06
CA VAL A 385 -4.70 22.62 28.09
C VAL A 385 -6.09 22.61 28.73
N SER A 386 -6.51 21.43 29.18
CA SER A 386 -7.82 21.27 29.77
C SER A 386 -7.86 19.96 30.54
N SER A 387 -8.74 19.90 31.53
CA SER A 387 -8.86 18.72 32.39
C SER A 387 -10.31 18.25 32.39
N SER A 388 -10.64 17.40 31.43
CA SER A 388 -11.97 16.78 31.40
C SER A 388 -12.13 15.84 32.59
N LEU A 389 -13.27 15.93 33.24
CA LEU A 389 -13.54 15.18 34.46
C LEU A 389 -14.65 14.17 34.17
N TYR A 390 -14.24 12.98 33.73
CA TYR A 390 -15.18 11.95 33.33
C TYR A 390 -15.98 11.45 34.52
N ASP A 391 -16.90 10.53 34.26
CA ASP A 391 -17.77 9.96 35.29
C ASP A 391 -17.51 8.48 35.44
N LEU A 392 -17.69 8.00 36.67
CA LEU A 392 -17.48 6.60 37.00
C LEU A 392 -18.64 6.08 37.85
N THR A 393 -19.85 6.51 37.55
CA THR A 393 -21.00 6.12 38.35
C THR A 393 -21.20 4.61 38.31
N ASN A 394 -21.40 4.06 37.11
CA ASN A 394 -21.61 2.63 36.95
C ASN A 394 -20.61 2.02 35.99
N VAL A 395 -19.33 2.37 36.15
CA VAL A 395 -18.29 1.96 35.22
C VAL A 395 -17.13 1.34 35.98
N ASP A 396 -17.08 1.57 37.29
CA ASP A 396 -15.88 1.32 38.10
C ASP A 396 -15.87 -0.04 38.77
N THR A 397 -16.66 -1.00 38.28
CA THR A 397 -16.68 -2.38 38.76
C THR A 397 -17.10 -2.51 40.22
N THR A 398 -17.58 -1.43 40.84
CA THR A 398 -18.08 -1.49 42.20
C THR A 398 -19.56 -1.79 42.26
N THR A 399 -20.15 -2.27 41.16
CA THR A 399 -21.55 -2.67 41.11
C THR A 399 -21.60 -4.14 40.66
N ASP A 400 -22.80 -4.70 40.64
CA ASP A 400 -22.99 -6.10 40.27
C ASP A 400 -22.43 -6.38 38.88
N ASN A 401 -22.95 -5.70 37.87
CA ASN A 401 -22.46 -5.85 36.50
C ASN A 401 -22.11 -4.45 35.96
N SER A 402 -20.85 -4.08 36.09
CA SER A 402 -20.38 -2.80 35.59
C SER A 402 -20.31 -2.81 34.07
N VAL A 403 -20.10 -1.62 33.50
CA VAL A 403 -19.83 -1.53 32.08
C VAL A 403 -18.45 -2.07 31.76
N LEU A 404 -17.51 -1.93 32.69
CA LEU A 404 -16.15 -2.39 32.44
C LEU A 404 -16.05 -3.90 32.53
N GLU A 405 -16.64 -4.49 33.58
CA GLU A 405 -16.58 -5.94 33.70
C GLU A 405 -17.37 -6.61 32.58
N ILE A 406 -18.41 -5.96 32.08
CA ILE A 406 -19.14 -6.47 30.93
C ILE A 406 -18.28 -6.37 29.68
N THR A 407 -17.65 -5.20 29.47
CA THR A 407 -16.84 -5.00 28.28
C THR A 407 -15.64 -5.94 28.25
N VAL A 408 -15.17 -6.41 29.41
CA VAL A 408 -14.00 -7.29 29.40
C VAL A 408 -14.40 -8.75 29.45
N TYR A 409 -15.49 -9.10 30.14
CA TYR A 409 -15.87 -10.49 30.34
C TYR A 409 -16.86 -10.99 29.29
N ASN A 410 -17.32 -10.13 28.40
CA ASN A 410 -18.19 -10.56 27.31
C ASN A 410 -17.32 -10.93 26.11
N THR A 411 -17.14 -12.23 25.91
CA THR A 411 -16.28 -12.74 24.85
C THR A 411 -17.07 -13.14 23.60
N ASN A 412 -18.35 -12.82 23.55
CA ASN A 412 -19.21 -13.16 22.42
C ASN A 412 -19.64 -11.91 21.65
N ILE A 413 -18.77 -10.91 21.57
CA ILE A 413 -19.05 -9.69 20.82
C ILE A 413 -18.02 -9.48 19.73
N ASP A 414 -16.75 -9.76 20.05
CA ASP A 414 -15.67 -9.73 19.07
C ASP A 414 -15.41 -8.33 18.52
N ASN A 415 -15.56 -7.32 19.38
CA ASN A 415 -15.22 -5.94 19.03
C ASN A 415 -14.42 -5.24 20.12
N ARG A 416 -14.10 -5.94 21.21
CA ARG A 416 -13.51 -5.30 22.39
C ARG A 416 -12.18 -4.64 22.08
N HIS A 417 -11.48 -5.10 21.05
CA HIS A 417 -10.23 -4.47 20.65
C HIS A 417 -10.40 -2.98 20.37
N GLU A 418 -11.63 -2.52 20.14
CA GLU A 418 -11.96 -1.11 20.00
C GLU A 418 -12.66 -0.54 21.23
N MET A 419 -13.54 -1.32 21.85
CA MET A 419 -14.30 -0.81 22.99
C MET A 419 -13.41 -0.55 24.19
N LEU A 420 -12.30 -1.28 24.34
CA LEU A 420 -11.41 -1.04 25.45
C LEU A 420 -10.40 0.06 25.19
N THR A 421 -10.69 0.93 24.22
CA THR A 421 -9.92 2.14 23.97
C THR A 421 -10.77 3.39 24.17
N LEU A 422 -11.94 3.23 24.77
CA LEU A 422 -12.89 4.33 24.88
C LEU A 422 -12.42 5.29 25.98
N GLU A 423 -13.28 6.26 26.34
CA GLU A 423 -12.79 7.40 27.11
C GLU A 423 -12.37 7.02 28.52
N PRO A 424 -13.27 6.57 29.41
CA PRO A 424 -12.81 6.27 30.78
C PRO A 424 -12.33 4.84 30.94
N LEU A 425 -12.76 3.94 30.05
CA LEU A 425 -12.40 2.52 30.19
C LEU A 425 -10.89 2.32 30.07
N HIS A 426 -10.29 2.87 29.01
CA HIS A 426 -8.88 2.68 28.75
C HIS A 426 -8.02 3.18 29.91
N THR A 427 -8.26 4.42 30.34
CA THR A 427 -7.42 4.98 31.40
C THR A 427 -7.77 4.40 32.76
N LEU A 428 -8.99 3.87 32.94
CA LEU A 428 -9.28 3.19 34.20
C LEU A 428 -8.55 1.86 34.28
N LEU A 429 -8.48 1.13 33.16
CA LEU A 429 -7.63 -0.05 33.12
C LEU A 429 -6.18 0.32 33.41
N HIS A 430 -5.69 1.37 32.77
CA HIS A 430 -4.33 1.82 33.00
C HIS A 430 -4.07 2.14 34.47
N MET A 431 -5.02 2.82 35.12
CA MET A 431 -4.81 3.23 36.50
C MET A 431 -4.88 2.05 37.45
N LYS A 432 -5.88 1.19 37.30
CA LYS A 432 -5.92 -0.03 38.10
C LYS A 432 -4.64 -0.83 37.94
N TRP A 433 -4.14 -0.90 36.70
CA TRP A 433 -2.90 -1.62 36.41
C TRP A 433 -1.76 -1.04 37.21
N LYS A 434 -1.40 0.21 36.94
CA LYS A 434 -0.26 0.83 37.60
C LYS A 434 -0.44 0.96 39.10
N LYS A 435 -1.67 0.83 39.61
CA LYS A 435 -1.84 0.93 41.05
C LYS A 435 -1.57 -0.41 41.73
N PHE A 436 -2.22 -1.49 41.29
CA PHE A 436 -2.02 -2.77 41.95
C PHE A 436 -1.79 -3.96 41.02
N ALA A 437 -2.23 -3.90 39.78
CA ALA A 437 -2.22 -5.09 38.95
C ALA A 437 -0.83 -5.42 38.46
N LYS A 438 -0.04 -4.41 38.11
CA LYS A 438 1.36 -4.67 37.76
C LYS A 438 2.08 -5.39 38.89
N HIS A 439 1.88 -4.93 40.12
CA HIS A 439 2.54 -5.54 41.27
C HIS A 439 2.09 -6.98 41.46
N MET A 440 0.78 -7.22 41.47
CA MET A 440 0.29 -8.57 41.71
C MET A 440 0.70 -9.51 40.58
N PHE A 441 0.70 -9.01 39.34
CA PHE A 441 1.06 -9.85 38.21
C PHE A 441 2.54 -10.22 38.24
N PHE A 442 3.40 -9.25 38.56
CA PHE A 442 4.82 -9.56 38.67
C PHE A 442 5.10 -10.50 39.82
N LEU A 443 4.38 -10.34 40.94
CA LEU A 443 4.51 -11.28 42.04
C LEU A 443 4.13 -12.69 41.59
N SER A 444 3.04 -12.82 40.85
CA SER A 444 2.61 -14.13 40.38
C SER A 444 3.64 -14.72 39.43
N PHE A 445 4.23 -13.89 38.55
CA PHE A 445 5.27 -14.37 37.66
C PHE A 445 6.46 -14.87 38.44
N CYS A 446 6.89 -14.13 39.47
CA CYS A 446 8.05 -14.54 40.24
C CYS A 446 7.79 -15.84 40.99
N PHE A 447 6.62 -15.97 41.61
CA PHE A 447 6.28 -17.21 42.30
C PHE A 447 6.26 -18.38 41.33
N TYR A 448 5.67 -18.20 40.15
CA TYR A 448 5.62 -19.29 39.19
C TYR A 448 7.01 -19.65 38.67
N PHE A 449 7.86 -18.64 38.46
CA PHE A 449 9.21 -18.92 37.98
C PHE A 449 10.01 -19.70 39.02
N PHE A 450 9.85 -19.35 40.30
CA PHE A 450 10.57 -20.10 41.32
C PHE A 450 10.03 -21.51 41.47
N TYR A 451 8.70 -21.66 41.39
CA TYR A 451 8.11 -23.00 41.40
C TYR A 451 8.61 -23.82 40.22
N ASN A 452 8.81 -23.18 39.07
CA ASN A 452 9.29 -23.90 37.90
C ASN A 452 10.75 -24.30 38.05
N ILE A 453 11.58 -23.40 38.58
CA ILE A 453 12.99 -23.74 38.79
C ILE A 453 13.10 -24.84 39.84
N THR A 454 12.16 -24.88 40.80
CA THR A 454 12.19 -25.94 41.80
C THR A 454 11.79 -27.27 41.19
N LEU A 455 10.77 -27.27 40.32
CA LEU A 455 10.45 -28.48 39.58
C LEU A 455 11.65 -28.95 38.76
N THR A 456 12.36 -28.01 38.13
CA THR A 456 13.52 -28.37 37.31
C THR A 456 14.60 -29.03 38.16
N LEU A 457 14.90 -28.44 39.31
CA LEU A 457 15.96 -28.99 40.17
C LEU A 457 15.53 -30.33 40.77
N VAL A 458 14.26 -30.47 41.12
CA VAL A 458 13.77 -31.75 41.63
C VAL A 458 13.87 -32.83 40.56
N SER A 459 13.53 -32.48 39.32
CA SER A 459 13.67 -33.43 38.22
C SER A 459 15.12 -33.83 38.03
N TYR A 460 16.02 -32.85 37.95
CA TYR A 460 17.44 -33.16 37.76
C TYR A 460 17.99 -34.01 38.90
N TYR A 461 17.60 -33.72 40.13
CA TYR A 461 18.12 -34.39 41.31
C TYR A 461 17.14 -35.41 41.87
N ARG A 462 16.44 -36.10 40.98
CA ARG A 462 15.60 -37.22 41.38
C ARG A 462 16.46 -38.31 42.01
N PRO A 463 15.86 -39.24 42.75
CA PRO A 463 16.67 -40.27 43.42
C PRO A 463 17.30 -41.28 42.45
N ARG A 464 17.99 -40.77 41.44
CA ARG A 464 18.76 -41.58 40.50
C ARG A 464 17.98 -42.76 39.91
N GLY A 480 15.75 -34.67 54.15
CA GLY A 480 14.67 -33.76 53.88
C GLY A 480 15.14 -32.42 53.34
N TRP A 481 16.44 -32.33 53.03
CA TRP A 481 16.99 -31.09 52.50
C TRP A 481 16.48 -30.83 51.08
N LEU A 482 16.76 -31.75 50.16
CA LEU A 482 16.27 -31.62 48.80
C LEU A 482 14.89 -32.23 48.62
N GLN A 483 14.54 -33.23 49.44
CA GLN A 483 13.24 -33.88 49.31
C GLN A 483 12.13 -33.08 49.95
N LEU A 484 12.21 -32.87 51.26
CA LEU A 484 11.04 -32.38 52.00
C LEU A 484 10.70 -30.95 51.63
N LEU A 485 11.69 -30.04 51.71
CA LEU A 485 11.42 -28.63 51.45
C LEU A 485 10.80 -28.43 50.08
N GLY A 486 11.53 -28.82 49.03
CA GLY A 486 11.06 -28.59 47.68
C GLY A 486 9.80 -29.36 47.35
N ARG A 487 9.71 -30.61 47.80
CA ARG A 487 8.55 -31.43 47.47
C ARG A 487 7.29 -30.90 48.15
N MET A 488 7.39 -30.50 49.41
CA MET A 488 6.23 -29.92 50.08
C MET A 488 5.84 -28.58 49.47
N PHE A 489 6.83 -27.76 49.10
CA PHE A 489 6.51 -26.48 48.47
C PHE A 489 5.77 -26.68 47.16
N VAL A 490 6.30 -27.56 46.30
CA VAL A 490 5.62 -27.79 45.03
C VAL A 490 4.27 -28.44 45.27
N LEU A 491 4.15 -29.29 46.28
CA LEU A 491 2.84 -29.87 46.60
C LEU A 491 1.82 -28.79 46.91
N ILE A 492 2.14 -27.89 47.84
CA ILE A 492 1.15 -26.90 48.27
C ILE A 492 0.86 -25.92 47.14
N TRP A 493 1.89 -25.44 46.47
CA TRP A 493 1.68 -24.49 45.37
C TRP A 493 0.83 -25.13 44.28
N ALA A 494 1.14 -26.37 43.91
CA ALA A 494 0.39 -27.03 42.85
C ALA A 494 -1.05 -27.27 43.25
N MET A 495 -1.29 -27.70 44.50
CA MET A 495 -2.67 -27.99 44.88
C MET A 495 -3.50 -26.71 44.91
N CYS A 496 -2.95 -25.63 45.46
CA CYS A 496 -3.74 -24.40 45.53
C CYS A 496 -4.00 -23.83 44.13
N ILE A 497 -2.97 -23.83 43.27
CA ILE A 497 -3.20 -23.28 41.94
C ILE A 497 -4.12 -24.19 41.13
N SER A 498 -4.12 -25.50 41.41
CA SER A 498 -5.02 -26.40 40.70
C SER A 498 -6.46 -26.16 41.12
N VAL A 499 -6.69 -26.00 42.43
CA VAL A 499 -8.05 -25.66 42.88
C VAL A 499 -8.48 -24.32 42.30
N LYS A 500 -7.57 -23.35 42.26
CA LYS A 500 -7.88 -22.04 41.69
C LYS A 500 -8.31 -22.17 40.22
N GLU A 501 -7.48 -22.83 39.42
CA GLU A 501 -7.79 -22.95 38.00
C GLU A 501 -9.04 -23.79 37.77
N GLY A 502 -9.26 -24.81 38.61
CA GLY A 502 -10.46 -25.63 38.44
C GLY A 502 -11.73 -24.86 38.74
N ILE A 503 -11.75 -24.11 39.84
CA ILE A 503 -12.93 -23.29 40.12
C ILE A 503 -13.04 -22.16 39.11
N ALA A 504 -11.93 -21.79 38.46
CA ALA A 504 -12.02 -20.83 37.36
C ALA A 504 -12.67 -21.44 36.13
N ILE A 505 -12.44 -22.74 35.90
CA ILE A 505 -13.10 -23.41 34.79
C ILE A 505 -14.61 -23.38 34.96
N PHE A 506 -15.10 -23.41 36.19
CA PHE A 506 -16.51 -23.59 36.47
C PHE A 506 -17.33 -22.31 36.27
N LEU A 507 -16.78 -21.31 35.58
CA LEU A 507 -17.53 -20.09 35.31
C LEU A 507 -18.39 -20.18 34.06
N LEU A 508 -18.02 -21.02 33.09
CA LEU A 508 -18.81 -21.16 31.87
C LEU A 508 -18.54 -22.51 31.21
N SER A 518 -7.61 -18.50 21.06
CA SER A 518 -6.49 -18.44 21.98
C SER A 518 -6.68 -17.34 23.03
N ASP A 519 -7.64 -17.53 23.93
CA ASP A 519 -7.94 -16.52 24.92
C ASP A 519 -7.73 -17.00 26.36
N ALA A 520 -8.36 -18.12 26.72
CA ALA A 520 -8.39 -18.52 28.13
C ALA A 520 -8.20 -20.01 28.34
N TRP A 521 -7.57 -20.71 27.39
CA TRP A 521 -7.23 -22.12 27.61
C TRP A 521 -6.08 -22.28 28.60
N PHE A 522 -5.46 -21.18 29.02
CA PHE A 522 -4.38 -21.26 29.99
C PHE A 522 -4.89 -21.78 31.33
N HIS A 523 -6.17 -21.55 31.65
CA HIS A 523 -6.74 -22.21 32.82
C HIS A 523 -6.64 -23.73 32.67
N PHE A 524 -7.07 -24.24 31.51
CA PHE A 524 -6.96 -25.68 31.25
C PHE A 524 -5.53 -26.16 31.44
N VAL A 525 -4.57 -25.50 30.81
CA VAL A 525 -3.22 -26.07 30.81
C VAL A 525 -2.54 -25.89 32.16
N PHE A 526 -2.79 -24.77 32.86
CA PHE A 526 -2.25 -24.61 34.21
C PHE A 526 -2.80 -25.67 35.14
N PHE A 527 -4.12 -25.88 35.11
CA PHE A 527 -4.74 -26.91 35.95
C PHE A 527 -4.20 -28.28 35.62
N ILE A 528 -3.97 -28.56 34.33
CA ILE A 528 -3.45 -29.85 33.92
C ILE A 528 -2.03 -30.05 34.46
N GLN A 529 -1.19 -29.02 34.34
CA GLN A 529 0.18 -29.14 34.85
C GLN A 529 0.19 -29.31 36.36
N ALA A 530 -0.68 -28.61 37.07
CA ALA A 530 -0.71 -28.72 38.52
C ALA A 530 -1.17 -30.12 38.94
N VAL A 531 -2.22 -30.64 38.30
CA VAL A 531 -2.66 -32.00 38.60
C VAL A 531 -1.57 -33.00 38.25
N LEU A 532 -0.81 -32.74 37.18
CA LEU A 532 0.29 -33.62 36.82
C LEU A 532 1.34 -33.66 37.92
N VAL A 533 1.74 -32.50 38.43
CA VAL A 533 2.72 -32.46 39.52
C VAL A 533 2.19 -33.19 40.74
N ILE A 534 0.92 -32.95 41.10
CA ILE A 534 0.39 -33.52 42.32
C ILE A 534 0.27 -35.03 42.20
N LEU A 535 -0.14 -35.52 41.02
CA LEU A 535 -0.22 -36.96 40.80
C LEU A 535 1.16 -37.59 40.81
N SER A 536 2.14 -36.93 40.20
CA SER A 536 3.50 -37.44 40.20
C SER A 536 4.04 -37.60 41.61
N VAL A 537 3.88 -36.56 42.44
CA VAL A 537 4.43 -36.64 43.79
C VAL A 537 3.65 -37.63 44.65
N PHE A 538 2.32 -37.71 44.45
CA PHE A 538 1.54 -38.70 45.18
C PHE A 538 1.97 -40.12 44.81
N LEU A 539 2.24 -40.37 43.53
CA LEU A 539 2.73 -41.69 43.12
C LEU A 539 4.13 -41.96 43.66
N TYR A 540 4.98 -40.92 43.72
CA TYR A 540 6.29 -41.10 44.33
C TYR A 540 6.15 -41.53 45.79
N LEU A 541 5.22 -40.89 46.52
CA LEU A 541 4.91 -41.36 47.87
C LEU A 541 4.33 -42.76 47.84
N PHE A 542 3.65 -43.13 46.77
CA PHE A 542 3.00 -44.43 46.66
C PHE A 542 3.97 -45.47 46.10
N ALA A 543 3.46 -46.68 45.94
CA ALA A 543 4.25 -47.82 45.48
C ALA A 543 4.22 -47.94 43.95
N TYR A 544 4.61 -46.87 43.27
CA TYR A 544 4.62 -46.84 41.81
C TYR A 544 5.81 -46.02 41.33
N LYS A 545 6.74 -46.68 40.63
CA LYS A 545 7.91 -46.01 40.08
C LYS A 545 7.66 -45.42 38.70
N GLU A 546 6.39 -45.25 38.33
CA GLU A 546 6.03 -44.54 37.10
C GLU A 546 5.74 -43.06 37.36
N TYR A 547 6.33 -42.50 38.42
CA TYR A 547 6.13 -41.10 38.79
C TYR A 547 7.02 -40.15 37.99
N LEU A 548 8.20 -40.61 37.56
CA LEU A 548 9.14 -39.73 36.89
C LEU A 548 8.57 -39.21 35.58
N ALA A 549 7.80 -40.05 34.86
CA ALA A 549 7.18 -39.60 33.62
C ALA A 549 6.28 -38.39 33.88
N CYS A 550 5.35 -38.52 34.83
CA CYS A 550 4.47 -37.41 35.16
C CYS A 550 5.26 -36.19 35.62
N LEU A 551 6.31 -36.40 36.40
CA LEU A 551 7.07 -35.26 36.94
C LEU A 551 7.78 -34.50 35.83
N VAL A 552 8.47 -35.21 34.93
CA VAL A 552 9.22 -34.51 33.89
C VAL A 552 8.28 -33.90 32.87
N LEU A 553 7.15 -34.56 32.58
CA LEU A 553 6.17 -33.94 31.69
C LEU A 553 5.60 -32.68 32.32
N ALA A 554 5.36 -32.72 33.64
CA ALA A 554 4.88 -31.53 34.34
C ALA A 554 5.90 -30.41 34.26
N MET A 555 7.19 -30.73 34.35
CA MET A 555 8.20 -29.67 34.25
C MET A 555 8.21 -29.06 32.86
N ALA A 556 8.17 -29.90 31.82
CA ALA A 556 8.18 -29.38 30.45
C ALA A 556 6.93 -28.56 30.16
N LEU A 557 5.81 -28.91 30.80
CA LEU A 557 4.55 -28.21 30.61
C LEU A 557 4.51 -26.90 31.38
N GLY A 558 5.08 -26.87 32.57
CA GLY A 558 5.19 -25.60 33.29
C GLY A 558 6.11 -24.63 32.58
N TRP A 559 7.23 -25.12 32.07
CA TRP A 559 8.08 -24.26 31.28
C TRP A 559 7.36 -23.80 30.01
N ALA A 560 6.48 -24.63 29.46
CA ALA A 560 5.63 -24.17 28.37
C ALA A 560 4.67 -23.08 28.83
N ASN A 561 4.08 -23.25 30.01
CA ASN A 561 3.08 -22.34 30.55
C ASN A 561 3.67 -20.99 30.94
N MET A 562 4.98 -20.91 31.10
CA MET A 562 5.62 -19.59 31.20
C MET A 562 5.23 -18.67 30.04
N LEU A 563 4.67 -19.24 28.96
CA LEU A 563 4.19 -18.44 27.85
C LEU A 563 3.07 -17.51 28.28
N TYR A 564 2.23 -17.95 29.22
CA TYR A 564 1.20 -17.06 29.76
C TYR A 564 1.82 -15.80 30.33
N TYR A 565 2.83 -15.96 31.19
CA TYR A 565 3.41 -14.83 31.90
C TYR A 565 4.37 -14.03 31.05
N THR A 566 4.79 -14.54 29.90
CA THR A 566 5.58 -13.67 29.03
C THR A 566 4.72 -12.87 28.06
N ARG A 567 3.48 -12.56 28.46
CA ARG A 567 2.61 -11.63 27.76
C ARG A 567 2.85 -10.17 28.19
N GLY A 568 3.68 -9.94 29.20
CA GLY A 568 3.70 -8.66 29.88
C GLY A 568 4.18 -7.46 29.10
N PHE A 569 5.48 -7.40 28.78
CA PHE A 569 6.01 -6.20 28.14
C PHE A 569 5.86 -6.29 26.63
N GLN A 570 5.99 -5.14 25.97
CA GLN A 570 5.64 -5.03 24.56
C GLN A 570 6.42 -6.05 23.72
N SER A 571 7.73 -6.17 23.96
CA SER A 571 8.54 -7.10 23.18
C SER A 571 8.12 -8.54 23.46
N MET A 572 8.02 -8.91 24.73
CA MET A 572 7.60 -10.26 25.06
C MET A 572 6.13 -10.49 24.72
N SER A 573 5.29 -9.46 24.81
CA SER A 573 3.90 -9.62 24.40
C SER A 573 3.81 -10.00 22.93
N MET A 574 4.41 -9.18 22.06
CA MET A 574 4.39 -9.48 20.63
C MET A 574 5.03 -10.83 20.34
N TYR A 575 6.19 -11.11 20.94
CA TYR A 575 6.89 -12.37 20.70
C TYR A 575 6.04 -13.56 21.09
N SER A 576 5.55 -13.59 22.33
CA SER A 576 4.76 -14.71 22.81
C SER A 576 3.51 -14.90 21.98
N VAL A 577 2.82 -13.81 21.65
CA VAL A 577 1.55 -13.98 20.98
C VAL A 577 1.72 -14.37 19.52
N MET A 578 2.80 -13.93 18.85
CA MET A 578 2.97 -14.41 17.48
C MET A 578 3.54 -15.82 17.46
N ILE A 579 4.27 -16.22 18.51
CA ILE A 579 4.62 -17.63 18.65
C ILE A 579 3.36 -18.46 18.78
N GLN A 580 2.42 -18.01 19.63
CA GLN A 580 1.14 -18.69 19.76
C GLN A 580 0.40 -18.75 18.44
N LYS A 581 0.41 -17.64 17.69
CA LYS A 581 -0.27 -17.61 16.40
C LYS A 581 0.32 -18.63 15.45
N VAL A 582 1.64 -18.68 15.33
CA VAL A 582 2.29 -19.72 14.52
C VAL A 582 1.80 -21.10 14.98
N ILE A 583 2.06 -21.40 16.25
CA ILE A 583 1.85 -22.75 16.79
C ILE A 583 0.42 -23.21 16.53
N LEU A 584 -0.57 -22.37 16.86
CA LEU A 584 -1.95 -22.81 16.76
C LEU A 584 -2.47 -22.72 15.33
N HIS A 585 -2.25 -21.58 14.66
CA HIS A 585 -2.77 -21.38 13.32
C HIS A 585 -2.22 -22.41 12.34
N ASP A 586 -0.90 -22.39 12.10
CA ASP A 586 -0.44 -22.96 10.85
C ASP A 586 0.40 -24.22 10.97
N VAL A 587 1.37 -24.25 11.90
CA VAL A 587 2.27 -25.40 11.97
C VAL A 587 1.51 -26.64 12.38
N LEU A 588 0.34 -26.50 13.00
CA LEU A 588 -0.42 -27.68 13.41
C LEU A 588 -1.05 -28.38 12.21
N LYS A 589 -1.69 -27.61 11.32
CA LYS A 589 -2.20 -28.24 10.10
C LYS A 589 -1.06 -28.73 9.22
N PHE A 590 0.07 -28.00 9.23
CA PHE A 590 1.24 -28.51 8.52
C PHE A 590 1.69 -29.85 9.09
N LEU A 591 1.69 -29.99 10.41
CA LEU A 591 2.04 -31.26 11.03
C LEU A 591 1.04 -32.34 10.65
N PHE A 592 -0.25 -32.00 10.58
CA PHE A 592 -1.23 -33.01 10.20
C PHE A 592 -0.95 -33.54 8.80
N VAL A 593 -0.79 -32.64 7.83
CA VAL A 593 -0.56 -33.09 6.46
C VAL A 593 0.79 -33.80 6.35
N TYR A 594 1.78 -33.37 7.14
CA TYR A 594 3.08 -34.04 7.12
C TYR A 594 3.01 -35.42 7.75
N ILE A 595 2.16 -35.62 8.76
CA ILE A 595 1.98 -36.94 9.32
C ILE A 595 1.25 -37.85 8.34
N VAL A 596 0.34 -37.29 7.55
CA VAL A 596 -0.27 -38.10 6.49
C VAL A 596 0.78 -38.50 5.46
N PHE A 597 1.65 -37.56 5.09
CA PHE A 597 2.80 -37.89 4.24
C PHE A 597 3.60 -39.04 4.84
N LEU A 598 3.91 -38.94 6.13
CA LEU A 598 4.71 -39.95 6.80
C LEU A 598 4.04 -41.31 6.73
N LEU A 599 2.76 -41.38 7.09
CA LEU A 599 2.04 -42.65 7.06
C LEU A 599 2.09 -43.26 5.66
N GLY A 600 1.72 -42.48 4.65
CA GLY A 600 1.66 -43.02 3.30
C GLY A 600 3.01 -43.47 2.78
N PHE A 601 4.02 -42.61 2.92
CA PHE A 601 5.35 -42.96 2.40
C PHE A 601 5.98 -44.08 3.21
N GLY A 602 5.69 -44.14 4.51
CA GLY A 602 6.21 -45.23 5.31
C GLY A 602 5.62 -46.57 4.88
N VAL A 603 4.30 -46.63 4.72
CA VAL A 603 3.72 -47.91 4.30
C VAL A 603 4.20 -48.25 2.89
N ALA A 604 4.36 -47.26 2.01
CA ALA A 604 4.86 -47.54 0.67
C ALA A 604 6.27 -48.12 0.72
N LEU A 605 7.17 -47.45 1.42
CA LEU A 605 8.56 -47.90 1.47
C LEU A 605 8.66 -49.27 2.14
N ALA A 606 7.99 -49.47 3.27
CA ALA A 606 8.03 -50.76 3.93
C ALA A 606 7.34 -51.84 3.12
N SER A 607 6.49 -51.47 2.17
CA SER A 607 5.94 -52.43 1.22
C SER A 607 6.90 -52.73 0.08
N LEU A 608 7.79 -51.80 -0.24
CA LEU A 608 8.79 -52.06 -1.27
C LEU A 608 9.97 -52.87 -0.78
N ILE A 609 10.16 -52.96 0.54
CA ILE A 609 11.36 -53.62 1.05
C ILE A 609 11.25 -55.12 0.86
N GLU A 610 12.41 -55.76 0.79
CA GLU A 610 12.52 -57.21 0.72
C GLU A 610 13.29 -57.71 1.94
N LYS A 611 12.80 -58.79 2.54
CA LYS A 611 13.44 -59.33 3.73
C LYS A 611 14.83 -59.83 3.41
N CYS A 612 15.80 -59.45 4.24
CA CYS A 612 17.19 -59.82 4.03
C CYS A 612 17.46 -61.18 4.67
N PRO A 613 18.20 -62.07 4.00
CA PRO A 613 18.41 -63.43 4.50
C PRO A 613 19.53 -63.48 5.53
N ASN A 616 20.49 -61.59 7.50
CA ASN A 616 21.05 -60.27 7.73
C ASN A 616 19.97 -59.21 7.62
N LYS A 617 18.82 -59.47 8.27
CA LYS A 617 17.66 -58.59 8.13
C LYS A 617 17.98 -57.13 8.39
N ASP A 618 19.03 -56.86 9.17
CA ASP A 618 19.47 -55.50 9.42
C ASP A 618 20.24 -54.89 8.27
N CYS A 619 20.27 -55.55 7.11
CA CYS A 619 21.00 -55.02 5.95
C CYS A 619 20.29 -53.87 5.27
N SER A 620 19.10 -53.48 5.75
CA SER A 620 18.35 -52.39 5.14
C SER A 620 17.55 -51.70 6.24
N SER A 621 17.82 -50.41 6.44
CA SER A 621 17.27 -49.71 7.59
C SER A 621 15.74 -49.63 7.53
N TYR A 622 15.18 -49.50 6.33
CA TYR A 622 13.72 -49.44 6.18
C TYR A 622 13.14 -50.84 6.35
N GLY A 623 13.11 -51.28 7.60
CA GLY A 623 12.68 -52.63 7.90
C GLY A 623 11.20 -52.68 8.19
N SER A 624 10.85 -52.83 9.47
CA SER A 624 9.46 -52.72 9.87
C SER A 624 8.96 -51.31 9.61
N PHE A 625 7.64 -51.13 9.74
CA PHE A 625 7.02 -49.84 9.44
C PHE A 625 7.63 -48.73 10.29
N SER A 626 7.66 -48.93 11.61
CA SER A 626 8.15 -47.89 12.52
C SER A 626 9.59 -47.49 12.19
N ASP A 627 10.40 -48.46 11.79
CA ASP A 627 11.76 -48.14 11.36
C ASP A 627 11.75 -47.19 10.17
N ALA A 628 10.94 -47.49 9.16
CA ALA A 628 10.85 -46.63 7.99
C ALA A 628 10.37 -45.23 8.36
N VAL A 629 9.39 -45.14 9.26
CA VAL A 629 8.89 -43.83 9.68
C VAL A 629 9.99 -43.06 10.40
N LEU A 630 10.79 -43.74 11.22
CA LEU A 630 11.90 -43.07 11.89
C LEU A 630 12.91 -42.54 10.88
N GLU A 631 13.26 -43.36 9.89
CA GLU A 631 14.23 -42.91 8.89
C GLU A 631 13.68 -41.73 8.10
N LEU A 632 12.38 -41.75 7.81
CA LEU A 632 11.78 -40.65 7.06
C LEU A 632 11.77 -39.37 7.90
N PHE A 633 11.48 -39.48 9.19
CA PHE A 633 11.63 -38.36 10.10
C PHE A 633 13.04 -37.79 10.04
N LYS A 634 14.04 -38.66 10.23
CA LYS A 634 15.43 -38.19 10.22
C LYS A 634 15.79 -37.55 8.89
N LEU A 635 15.21 -38.05 7.79
CA LEU A 635 15.46 -37.45 6.49
C LEU A 635 14.84 -36.06 6.39
N THR A 636 13.65 -35.90 6.96
CA THR A 636 13.02 -34.57 6.98
C THR A 636 13.86 -33.60 7.78
N ILE A 637 14.37 -34.01 8.94
CA ILE A 637 15.24 -33.13 9.72
C ILE A 637 16.65 -33.09 9.17
N GLY A 638 17.07 -34.10 8.41
CA GLY A 638 18.35 -34.07 7.74
C GLY A 638 19.41 -34.97 8.35
N LEU A 639 18.98 -36.10 8.93
CA LEU A 639 19.91 -37.00 9.58
C LEU A 639 19.88 -38.41 9.01
N GLY A 640 18.88 -38.78 8.22
CA GLY A 640 18.83 -40.09 7.60
C GLY A 640 19.90 -40.25 6.53
N ASP A 641 19.91 -41.43 5.93
CA ASP A 641 20.90 -41.78 4.92
C ASP A 641 20.19 -42.21 3.64
N LEU A 642 20.63 -41.68 2.51
CA LEU A 642 20.10 -42.04 1.20
C LEU A 642 21.06 -43.06 0.58
N ASN A 643 20.74 -44.34 0.75
CA ASN A 643 21.47 -45.42 0.12
C ASN A 643 20.52 -46.14 -0.83
N ILE A 644 20.89 -46.20 -2.11
CA ILE A 644 20.02 -46.83 -3.10
C ILE A 644 19.84 -48.32 -2.85
N GLN A 645 20.77 -48.96 -2.16
CA GLN A 645 20.69 -50.40 -1.91
C GLN A 645 19.96 -50.68 -0.59
N GLN A 646 18.65 -50.44 -0.62
CA GLN A 646 17.78 -50.77 0.49
C GLN A 646 17.16 -52.15 0.36
N ASN A 647 17.85 -53.08 -0.29
CA ASN A 647 17.33 -54.43 -0.54
C ASN A 647 15.97 -54.36 -1.25
N SER A 648 15.86 -53.43 -2.18
CA SER A 648 14.60 -53.25 -2.89
C SER A 648 14.47 -54.26 -4.03
N LYS A 649 13.23 -54.44 -4.47
CA LYS A 649 12.94 -55.20 -5.67
C LYS A 649 12.79 -54.32 -6.89
N TYR A 650 12.52 -53.03 -6.70
CA TYR A 650 12.47 -52.05 -7.78
C TYR A 650 13.23 -50.82 -7.31
N PRO A 651 14.56 -50.89 -7.26
CA PRO A 651 15.35 -49.78 -6.67
C PRO A 651 15.05 -48.44 -7.30
N ILE A 652 14.80 -48.40 -8.61
CA ILE A 652 14.47 -47.14 -9.26
C ILE A 652 13.16 -46.58 -8.70
N LEU A 653 12.15 -47.43 -8.56
CA LEU A 653 10.86 -46.97 -8.07
C LEU A 653 10.93 -46.56 -6.60
N PHE A 654 11.68 -47.32 -5.79
CA PHE A 654 11.85 -46.95 -4.39
C PHE A 654 12.56 -45.62 -4.27
N LEU A 655 13.63 -45.43 -5.04
CA LEU A 655 14.32 -44.15 -5.02
C LEU A 655 13.41 -43.02 -5.47
N PHE A 656 12.56 -43.30 -6.46
CA PHE A 656 11.60 -42.29 -6.92
C PHE A 656 10.65 -41.90 -5.80
N LEU A 657 10.09 -42.89 -5.10
CA LEU A 657 9.17 -42.60 -4.00
C LEU A 657 9.87 -41.83 -2.88
N LEU A 658 11.12 -42.17 -2.58
CA LEU A 658 11.81 -41.49 -1.50
C LEU A 658 12.12 -40.04 -1.87
N ILE A 659 12.60 -39.82 -3.10
CA ILE A 659 12.84 -38.46 -3.55
C ILE A 659 11.53 -37.68 -3.59
N THR A 660 10.44 -38.35 -3.94
CA THR A 660 9.13 -37.70 -3.93
C THR A 660 8.77 -37.26 -2.53
N TYR A 661 8.96 -38.12 -1.53
CA TYR A 661 8.64 -37.75 -0.17
C TYR A 661 9.46 -36.55 0.28
N VAL A 662 10.77 -36.59 0.06
CA VAL A 662 11.60 -35.49 0.55
C VAL A 662 11.28 -34.20 -0.19
N ILE A 663 11.00 -34.30 -1.50
CA ILE A 663 10.64 -33.12 -2.28
C ILE A 663 9.33 -32.51 -1.78
N LEU A 664 8.33 -33.36 -1.55
CA LEU A 664 7.01 -32.86 -1.15
C LEU A 664 7.04 -32.30 0.27
N THR A 665 7.83 -32.89 1.17
CA THR A 665 7.93 -32.30 2.49
C THR A 665 8.73 -31.00 2.45
N PHE A 666 9.69 -30.91 1.53
CA PHE A 666 10.35 -29.63 1.27
C PHE A 666 9.33 -28.60 0.80
N VAL A 667 8.43 -29.00 -0.10
CA VAL A 667 7.41 -28.10 -0.62
C VAL A 667 6.45 -27.69 0.48
N LEU A 668 6.15 -28.60 1.41
CA LEU A 668 5.30 -28.24 2.53
C LEU A 668 6.00 -27.27 3.47
N LEU A 669 7.31 -27.43 3.65
CA LEU A 669 8.08 -26.43 4.39
C LEU A 669 7.99 -25.07 3.73
N LEU A 670 8.16 -25.01 2.41
CA LEU A 670 8.06 -23.74 1.69
C LEU A 670 6.67 -23.13 1.84
N ASN A 671 5.64 -23.96 1.69
CA ASN A 671 4.27 -23.47 1.80
C ASN A 671 3.99 -22.93 3.19
N MET A 672 4.47 -23.63 4.22
CA MET A 672 4.35 -23.11 5.57
C MET A 672 5.06 -21.77 5.70
N LEU A 673 6.27 -21.67 5.14
CA LEU A 673 7.02 -20.43 5.20
C LEU A 673 6.23 -19.28 4.58
N ILE A 674 5.60 -19.52 3.43
CA ILE A 674 4.85 -18.44 2.79
C ILE A 674 3.61 -18.10 3.61
N ALA A 675 2.96 -19.12 4.16
CA ALA A 675 1.74 -18.87 4.93
C ALA A 675 2.02 -18.04 6.18
N LEU A 676 3.19 -18.22 6.78
CA LEU A 676 3.52 -17.42 7.97
C LEU A 676 4.38 -16.20 7.67
N MET A 677 4.81 -16.01 6.42
CA MET A 677 5.61 -14.85 6.08
C MET A 677 4.87 -13.84 5.21
N GLY A 678 3.71 -14.19 4.66
CA GLY A 678 2.96 -13.22 3.88
C GLY A 678 1.63 -12.84 4.50
N GLU A 679 0.98 -13.80 5.16
CA GLU A 679 -0.37 -13.57 5.64
C GLU A 679 -0.38 -12.85 6.99
N THR A 680 0.21 -13.47 8.01
CA THR A 680 0.12 -12.92 9.36
C THR A 680 0.91 -11.62 9.48
N VAL A 681 1.96 -11.46 8.67
CA VAL A 681 2.87 -10.32 8.80
C VAL A 681 2.13 -9.00 8.65
N GLU A 682 0.99 -9.00 7.94
CA GLU A 682 0.20 -7.78 7.85
C GLU A 682 -0.45 -7.44 9.18
N ASN A 683 -1.25 -8.37 9.72
CA ASN A 683 -2.06 -8.10 10.90
C ASN A 683 -1.43 -8.59 12.19
N VAL A 684 -0.16 -9.03 12.16
CA VAL A 684 0.48 -9.48 13.40
C VAL A 684 0.59 -8.33 14.38
N SER A 685 0.96 -7.14 13.90
CA SER A 685 1.13 -5.99 14.78
C SER A 685 -0.17 -5.63 15.49
N LYS A 686 -1.30 -5.76 14.79
CA LYS A 686 -2.57 -5.37 15.38
C LYS A 686 -3.13 -6.47 16.27
N GLU A 687 -3.01 -7.73 15.84
CA GLU A 687 -3.51 -8.83 16.65
C GLU A 687 -2.73 -8.97 17.94
N SER A 688 -1.40 -8.80 17.87
CA SER A 688 -0.58 -8.81 19.07
C SER A 688 -1.08 -7.80 20.07
N GLU A 689 -1.30 -6.56 19.62
CA GLU A 689 -1.74 -5.51 20.53
C GLU A 689 -3.12 -5.79 21.09
N ARG A 690 -4.06 -6.27 20.27
CA ARG A 690 -5.40 -6.49 20.78
C ARG A 690 -5.43 -7.64 21.77
N ILE A 691 -4.63 -8.68 21.53
CA ILE A 691 -4.59 -9.80 22.47
C ILE A 691 -3.91 -9.39 23.76
N TRP A 692 -2.80 -8.65 23.65
CA TRP A 692 -2.16 -8.07 24.82
C TRP A 692 -3.17 -7.29 25.66
N ARG A 693 -3.94 -6.42 25.01
CA ARG A 693 -4.88 -5.58 25.73
C ARG A 693 -5.98 -6.39 26.38
N LEU A 694 -6.53 -7.37 25.67
CA LEU A 694 -7.61 -8.16 26.25
C LEU A 694 -7.12 -9.00 27.42
N GLN A 695 -5.93 -9.62 27.29
CA GLN A 695 -5.41 -10.39 28.39
C GLN A 695 -5.07 -9.51 29.59
N ARG A 696 -4.57 -8.29 29.34
CA ARG A 696 -4.32 -7.38 30.46
C ARG A 696 -5.61 -7.00 31.15
N ALA A 697 -6.67 -6.71 30.38
CA ALA A 697 -7.96 -6.42 30.99
C ALA A 697 -8.44 -7.58 31.83
N ARG A 698 -8.34 -8.80 31.31
CA ARG A 698 -8.82 -9.95 32.06
C ARG A 698 -8.03 -10.14 33.35
N THR A 699 -6.70 -10.03 33.26
CA THR A 699 -5.87 -10.20 34.45
C THR A 699 -6.15 -9.13 35.48
N ILE A 700 -6.31 -7.88 35.04
CA ILE A 700 -6.59 -6.78 35.96
C ILE A 700 -7.92 -7.03 36.67
N LEU A 701 -8.95 -7.34 35.91
CA LEU A 701 -10.26 -7.55 36.51
C LEU A 701 -10.29 -8.81 37.37
N GLU A 702 -9.40 -9.76 37.10
CA GLU A 702 -9.34 -10.97 37.92
C GLU A 702 -8.66 -10.69 39.25
N PHE A 703 -7.49 -10.05 39.21
CA PHE A 703 -6.84 -9.60 40.43
C PHE A 703 -7.79 -8.74 41.26
N GLU A 704 -8.55 -7.87 40.60
CA GLU A 704 -9.52 -7.03 41.31
C GLU A 704 -10.46 -7.87 42.18
N LYS A 705 -10.88 -9.03 41.69
CA LYS A 705 -11.71 -9.91 42.50
C LYS A 705 -10.90 -10.64 43.58
N MET A 706 -9.63 -10.94 43.30
CA MET A 706 -8.83 -11.71 44.25
C MET A 706 -8.57 -10.96 45.55
N LEU A 707 -8.87 -9.67 45.61
CA LEU A 707 -8.58 -8.86 46.78
C LEU A 707 -9.80 -8.73 47.67
N PRO A 708 -9.60 -8.48 48.97
CA PRO A 708 -10.73 -8.35 49.89
C PRO A 708 -11.42 -7.00 49.71
N GLU A 709 -12.56 -6.87 50.41
CA GLU A 709 -13.36 -5.66 50.28
C GLU A 709 -12.62 -4.44 50.83
N TRP A 710 -11.96 -4.58 51.98
CA TRP A 710 -11.30 -3.43 52.59
C TRP A 710 -10.15 -2.92 51.73
N LEU A 711 -9.32 -3.83 51.22
CA LEU A 711 -8.20 -3.40 50.38
C LEU A 711 -8.69 -2.81 49.07
N ARG A 712 -9.74 -3.39 48.49
CA ARG A 712 -10.31 -2.84 47.27
C ARG A 712 -10.81 -1.42 47.50
N SER A 713 -11.55 -1.20 48.59
CA SER A 713 -11.97 0.15 48.93
C SER A 713 -10.78 1.06 49.20
N ARG A 714 -9.67 0.49 49.69
CA ARG A 714 -8.46 1.28 49.87
C ARG A 714 -7.87 1.68 48.53
N PHE A 715 -8.10 0.90 47.48
CA PHE A 715 -7.61 1.29 46.15
C PHE A 715 -8.54 2.32 45.50
N ARG A 716 -9.77 1.90 45.19
CA ARG A 716 -10.87 2.79 44.81
C ARG A 716 -10.44 3.86 43.80
N MET A 717 -10.10 3.39 42.60
CA MET A 717 -9.76 4.30 41.53
C MET A 717 -10.85 5.35 41.33
N GLY A 718 -10.43 6.58 41.06
CA GLY A 718 -11.35 7.68 40.92
C GLY A 718 -11.34 8.59 42.14
N GLU A 719 -12.02 9.73 42.01
CA GLU A 719 -12.11 10.72 43.06
C GLU A 719 -13.57 11.09 43.28
N LEU A 720 -13.78 12.14 44.06
CA LEU A 720 -15.09 12.75 44.21
C LEU A 720 -15.13 14.07 43.44
N CYS A 721 -16.35 14.51 43.12
CA CYS A 721 -16.50 15.73 42.34
C CYS A 721 -17.93 16.25 42.38
N LYS A 722 -18.11 17.53 42.69
CA LYS A 722 -19.42 18.16 42.73
C LYS A 722 -19.71 18.79 41.37
N VAL A 723 -20.82 18.40 40.76
CA VAL A 723 -21.21 18.92 39.46
C VAL A 723 -22.63 19.47 39.43
N ALA A 724 -23.53 19.02 40.30
CA ALA A 724 -24.91 19.46 40.30
C ALA A 724 -25.21 20.14 41.63
N GLU A 725 -26.49 20.43 41.85
CA GLU A 725 -26.93 20.94 43.15
C GLU A 725 -26.41 20.05 44.28
N ASP A 726 -26.67 18.75 44.18
CA ASP A 726 -26.02 17.76 45.04
C ASP A 726 -25.92 16.45 44.25
N ASP A 727 -24.79 16.28 43.57
CA ASP A 727 -24.52 15.04 42.84
C ASP A 727 -23.33 14.30 43.45
N PHE A 728 -22.16 14.94 43.50
CA PHE A 728 -20.97 14.37 44.14
C PHE A 728 -20.70 12.93 43.70
N ARG A 729 -20.92 12.64 42.42
CA ARG A 729 -20.64 11.33 41.88
C ARG A 729 -19.15 11.18 41.59
N LEU A 730 -18.68 9.94 41.60
CA LEU A 730 -17.27 9.66 41.36
C LEU A 730 -16.84 10.19 40.01
N CYS A 731 -15.55 10.44 39.87
CA CYS A 731 -15.00 10.99 38.64
C CYS A 731 -13.55 10.56 38.50
N LEU A 732 -12.99 10.83 37.32
CA LEU A 732 -11.66 10.38 36.95
C LEU A 732 -11.04 11.44 36.06
N ARG A 733 -10.16 12.26 36.64
CA ARG A 733 -9.58 13.37 35.90
C ARG A 733 -8.70 12.88 34.76
N ILE A 734 -8.77 13.60 33.64
CA ILE A 734 -7.88 13.35 32.50
C ILE A 734 -7.45 14.68 31.90
N ASN A 735 -6.20 15.07 32.13
CA ASN A 735 -5.67 16.26 31.49
C ASN A 735 -5.52 16.01 30.00
N GLU A 736 -5.49 17.10 29.23
CA GLU A 736 -5.38 16.99 27.78
C GLU A 736 -4.86 18.30 27.22
N VAL A 737 -4.45 18.26 25.95
CA VAL A 737 -3.91 19.42 25.25
C VAL A 737 -4.37 19.35 23.80
N LYS A 738 -5.01 20.43 23.34
CA LYS A 738 -5.50 20.51 21.97
C LYS A 738 -5.33 21.94 21.46
N TRP A 739 -4.54 22.10 20.41
CA TRP A 739 -4.27 23.41 19.82
C TRP A 739 -5.15 23.72 18.62
N THR A 740 -6.05 22.81 18.24
CA THR A 740 -6.76 22.95 16.97
C THR A 740 -8.05 23.77 17.11
N GLU A 741 -8.88 23.42 18.09
CA GLU A 741 -10.20 24.05 18.24
C GLU A 741 -10.13 25.05 19.38
N TRP A 742 -10.09 26.33 19.04
CA TRP A 742 -10.09 27.40 20.03
C TRP A 742 -11.51 27.83 20.32
N LYS A 743 -11.88 27.85 21.59
CA LYS A 743 -13.23 28.21 22.01
C LYS A 743 -13.17 29.01 23.30
N THR A 744 -13.96 30.08 23.37
CA THR A 744 -14.12 30.83 24.61
C THR A 744 -14.79 29.95 25.64
N HIS A 745 -14.04 29.51 26.64
CA HIS A 745 -14.54 28.54 27.60
C HIS A 745 -15.73 29.11 28.38
N VAL A 746 -16.78 28.31 28.49
CA VAL A 746 -18.04 28.78 29.05
C VAL A 746 -18.46 27.91 30.23
N SER A 747 -18.03 26.65 30.22
CA SER A 747 -18.47 25.68 31.22
C SER A 747 -17.26 25.09 31.92
N PHE A 748 -17.29 25.10 33.26
CA PHE A 748 -16.26 24.49 34.08
C PHE A 748 -16.74 24.45 35.52
N LEU A 749 -16.12 23.57 36.31
CA LEU A 749 -16.45 23.46 37.72
C LEU A 749 -15.61 24.43 38.55
N ASN A 750 -14.31 24.49 38.29
CA ASN A 750 -13.41 25.40 38.98
C ASN A 750 -13.04 26.56 38.07
N GLU A 751 -13.34 27.79 38.52
CA GLU A 751 -12.92 28.96 37.77
C GLU A 751 -11.41 29.04 37.69
N ASP A 752 -10.72 28.72 38.79
CA ASP A 752 -9.28 28.82 38.86
C ASP A 752 -8.65 27.47 38.60
N PRO A 753 -7.81 27.33 37.58
CA PRO A 753 -7.21 26.03 37.28
C PRO A 753 -6.20 25.62 38.36
N GLY A 754 -6.38 24.42 38.89
CA GLY A 754 -5.45 23.87 39.86
C GLY A 754 -4.46 22.88 39.27
N ARG B 118 -23.52 38.54 53.54
CA ARG B 118 -22.48 39.47 53.12
C ARG B 118 -22.74 40.00 51.72
N LEU B 119 -22.52 41.30 51.53
CA LEU B 119 -22.70 41.89 50.21
C LEU B 119 -21.55 41.54 49.28
N LYS B 120 -20.40 41.17 49.84
CA LYS B 120 -19.25 40.81 49.02
C LYS B 120 -19.57 39.61 48.14
N LYS B 121 -19.89 38.48 48.78
CA LYS B 121 -20.26 37.29 48.01
C LYS B 121 -21.52 37.52 47.18
N ARG B 122 -22.41 38.40 47.64
CA ARG B 122 -23.58 38.73 46.86
C ARG B 122 -23.20 39.32 45.51
N ILE B 123 -22.41 40.40 45.52
CA ILE B 123 -21.96 41.00 44.27
C ILE B 123 -21.08 40.03 43.47
N PHE B 124 -20.30 39.20 44.16
CA PHE B 124 -19.46 38.24 43.46
C PHE B 124 -20.30 37.27 42.65
N ALA B 125 -21.33 36.67 43.27
CA ALA B 125 -22.20 35.77 42.54
C ALA B 125 -23.00 36.51 41.48
N ALA B 126 -23.41 37.75 41.76
CA ALA B 126 -24.17 38.51 40.77
C ALA B 126 -23.35 38.76 39.51
N VAL B 127 -22.06 39.02 39.68
CA VAL B 127 -21.21 39.30 38.52
C VAL B 127 -20.74 38.01 37.85
N SER B 128 -20.54 36.94 38.63
CA SER B 128 -20.12 35.67 38.04
C SER B 128 -21.24 35.06 37.21
N GLU B 129 -22.46 35.01 37.78
CA GLU B 129 -23.60 34.57 36.99
C GLU B 129 -23.89 35.56 35.87
N GLY B 130 -23.85 36.85 36.17
CA GLY B 130 -24.14 37.86 35.18
C GLY B 130 -25.53 37.78 34.60
N CYS B 131 -26.46 37.12 35.31
CA CYS B 131 -27.81 36.93 34.81
C CYS B 131 -28.55 38.25 34.55
N VAL B 132 -28.07 39.35 35.12
CA VAL B 132 -28.63 40.66 34.87
C VAL B 132 -27.62 41.71 35.33
N GLU B 133 -27.69 42.89 34.75
CA GLU B 133 -26.82 43.99 35.16
C GLU B 133 -27.51 44.98 36.09
N GLU B 134 -28.84 44.98 36.13
CA GLU B 134 -29.55 45.92 36.99
C GLU B 134 -29.24 45.67 38.46
N LEU B 135 -29.27 44.42 38.90
CA LEU B 135 -29.03 44.14 40.31
C LEU B 135 -27.56 44.36 40.66
N VAL B 136 -26.65 44.16 39.71
CA VAL B 136 -25.25 44.42 40.01
C VAL B 136 -25.01 45.92 40.09
N GLU B 137 -25.70 46.72 39.29
CA GLU B 137 -25.61 48.17 39.43
C GLU B 137 -26.20 48.61 40.76
N LEU B 138 -27.30 47.99 41.19
CA LEU B 138 -27.88 48.30 42.49
C LEU B 138 -26.91 47.95 43.61
N LEU B 139 -26.24 46.80 43.51
CA LEU B 139 -25.26 46.42 44.52
C LEU B 139 -24.09 47.39 44.53
N VAL B 140 -23.67 47.87 43.36
CA VAL B 140 -22.60 48.86 43.31
C VAL B 140 -23.04 50.15 43.98
N GLU B 141 -24.28 50.57 43.74
CA GLU B 141 -24.79 51.78 44.39
C GLU B 141 -24.84 51.61 45.90
N LEU B 142 -25.26 50.43 46.37
CA LEU B 142 -25.32 50.17 47.81
C LEU B 142 -23.92 50.18 48.41
N GLN B 143 -22.95 49.58 47.73
CA GLN B 143 -21.58 49.59 48.22
C GLN B 143 -21.02 51.01 48.26
N GLU B 144 -21.34 51.82 47.25
CA GLU B 144 -20.89 53.21 47.25
C GLU B 144 -21.50 53.98 48.40
N LEU B 145 -22.79 53.78 48.66
CA LEU B 145 -23.43 54.44 49.79
C LEU B 145 -22.79 54.01 51.11
N CYS B 146 -22.46 52.72 51.24
CA CYS B 146 -21.83 52.23 52.46
C CYS B 146 -20.43 52.81 52.62
N ARG B 147 -19.72 53.01 51.50
CA ARG B 147 -18.36 53.54 51.56
C ARG B 147 -18.33 55.05 51.74
N ARG B 148 -19.43 55.75 51.41
CA ARG B 148 -19.44 57.20 51.56
C ARG B 148 -19.29 57.64 53.01
N ARG B 149 -19.73 56.81 53.95
CA ARG B 149 -19.64 57.14 55.37
C ARG B 149 -18.19 57.14 55.84
N VAL B 154 -10.22 55.80 52.49
CA VAL B 154 -11.49 55.84 51.78
C VAL B 154 -11.50 54.92 50.55
N PRO B 155 -10.48 55.02 49.65
CA PRO B 155 -10.44 54.11 48.51
C PRO B 155 -9.96 52.72 48.92
N ASP B 156 -9.10 52.68 49.94
CA ASP B 156 -8.63 51.40 50.45
C ASP B 156 -9.78 50.53 50.93
N PHE B 157 -10.77 51.14 51.57
CA PHE B 157 -11.93 50.39 52.03
C PHE B 157 -12.73 49.83 50.85
N LEU B 158 -12.92 50.64 49.81
CA LEU B 158 -13.64 50.17 48.64
C LEU B 158 -12.90 49.02 47.97
N MET B 159 -11.57 49.09 47.91
CA MET B 159 -10.79 47.99 47.35
C MET B 159 -10.93 46.73 48.21
N HIS B 160 -10.73 46.87 49.52
CA HIS B 160 -10.83 45.73 50.42
C HIS B 160 -12.20 45.06 50.32
N LYS B 161 -13.26 45.85 50.19
CA LYS B 161 -14.59 45.29 50.07
C LYS B 161 -14.88 44.76 48.67
N LEU B 162 -14.15 45.22 47.66
CA LEU B 162 -14.39 44.82 46.28
C LEU B 162 -13.48 43.69 45.82
N THR B 163 -12.63 43.17 46.69
CA THR B 163 -11.75 42.05 46.37
C THR B 163 -11.94 40.96 47.41
N ALA B 164 -11.39 39.79 47.12
CA ALA B 164 -11.34 38.68 48.06
C ALA B 164 -9.90 38.49 48.52
N SER B 165 -9.65 38.74 49.81
CA SER B 165 -8.29 38.70 50.34
C SER B 165 -7.69 37.32 50.40
N ASP B 166 -8.40 36.28 49.95
CA ASP B 166 -7.83 34.94 49.92
C ASP B 166 -6.74 34.84 48.87
N THR B 167 -7.07 35.16 47.61
CA THR B 167 -6.10 35.18 46.53
C THR B 167 -5.88 36.58 45.97
N GLY B 168 -6.90 37.43 45.97
CA GLY B 168 -6.84 38.72 45.31
C GLY B 168 -7.77 38.85 44.13
N LYS B 169 -8.57 37.83 43.83
CA LYS B 169 -9.49 37.84 42.71
C LYS B 169 -10.55 38.91 42.91
N THR B 170 -10.51 39.97 42.09
CA THR B 170 -11.46 41.07 42.20
C THR B 170 -12.70 40.78 41.36
N CYS B 171 -13.65 41.73 41.39
CA CYS B 171 -14.87 41.57 40.63
C CYS B 171 -14.61 41.59 39.13
N LEU B 172 -13.60 42.33 38.69
CA LEU B 172 -13.27 42.36 37.27
C LEU B 172 -12.78 40.99 36.80
N MET B 173 -11.83 40.41 37.53
CA MET B 173 -11.35 39.07 37.20
C MET B 173 -12.49 38.07 37.22
N LYS B 174 -13.33 38.12 38.26
CA LYS B 174 -14.43 37.17 38.37
C LYS B 174 -15.40 37.32 37.21
N ALA B 175 -15.62 38.55 36.76
CA ALA B 175 -16.46 38.78 35.59
C ALA B 175 -15.85 38.16 34.34
N LEU B 176 -14.55 38.39 34.13
CA LEU B 176 -13.91 37.89 32.93
C LEU B 176 -13.80 36.37 32.93
N LEU B 177 -13.72 35.74 34.10
CA LEU B 177 -13.57 34.29 34.13
C LEU B 177 -14.82 33.57 33.60
N ASN B 178 -16.00 34.16 33.76
CA ASN B 178 -17.25 33.53 33.37
C ASN B 178 -17.88 34.38 32.26
N ILE B 179 -17.55 34.04 31.01
CA ILE B 179 -17.99 34.82 29.87
C ILE B 179 -19.45 34.48 29.57
N ASN B 180 -20.34 35.40 29.90
CA ASN B 180 -21.73 35.38 29.46
C ASN B 180 -21.97 36.61 28.59
N PRO B 181 -22.99 36.58 27.73
CA PRO B 181 -23.19 37.70 26.79
C PRO B 181 -23.33 39.07 27.45
N ASN B 182 -23.33 39.15 28.78
CA ASN B 182 -23.48 40.43 29.47
C ASN B 182 -22.16 41.08 29.85
N THR B 183 -21.03 40.36 29.72
CA THR B 183 -19.74 40.91 30.17
C THR B 183 -19.43 42.25 29.53
N LYS B 184 -19.71 42.38 28.23
CA LYS B 184 -19.35 43.59 27.49
C LYS B 184 -19.84 44.86 28.16
N GLU B 185 -20.95 44.80 28.89
CA GLU B 185 -21.45 45.95 29.65
C GLU B 185 -21.06 45.90 31.12
N ILE B 186 -20.93 44.70 31.69
CA ILE B 186 -20.55 44.58 33.09
C ILE B 186 -19.16 45.18 33.31
N VAL B 187 -18.23 44.89 32.41
CA VAL B 187 -16.88 45.44 32.57
C VAL B 187 -16.91 46.96 32.43
N ARG B 188 -17.74 47.48 31.52
CA ARG B 188 -17.84 48.93 31.38
C ARG B 188 -18.37 49.56 32.66
N ILE B 189 -19.41 48.97 33.25
CA ILE B 189 -19.94 49.48 34.51
C ILE B 189 -18.87 49.41 35.59
N LEU B 190 -18.10 48.33 35.63
CA LEU B 190 -17.09 48.17 36.66
C LEU B 190 -15.97 49.20 36.51
N LEU B 191 -15.53 49.46 35.28
CA LEU B 191 -14.50 50.48 35.07
C LEU B 191 -15.03 51.86 35.41
N ALA B 192 -16.29 52.14 35.06
CA ALA B 192 -16.89 53.42 35.44
C ALA B 192 -16.92 53.57 36.95
N PHE B 193 -17.28 52.51 37.67
CA PHE B 193 -17.30 52.56 39.12
C PHE B 193 -15.90 52.77 39.69
N ALA B 194 -14.91 52.08 39.14
CA ALA B 194 -13.54 52.22 39.65
C ALA B 194 -12.98 53.60 39.35
N GLU B 195 -13.42 54.23 38.26
CA GLU B 195 -13.01 55.59 37.98
C GLU B 195 -13.76 56.60 38.84
N GLU B 196 -14.98 56.25 39.28
CA GLU B 196 -15.74 57.14 40.15
C GLU B 196 -15.00 57.43 41.45
N ASN B 197 -14.39 56.40 42.03
CA ASN B 197 -13.59 56.56 43.24
C ASN B 197 -12.12 56.81 42.93
N ASP B 198 -11.74 56.86 41.66
CA ASP B 198 -10.36 57.04 41.25
C ASP B 198 -9.46 55.95 41.83
N ILE B 199 -10.01 54.74 41.93
CA ILE B 199 -9.28 53.56 42.36
C ILE B 199 -8.95 52.65 41.19
N LEU B 200 -9.26 53.09 39.97
CA LEU B 200 -9.02 52.29 38.77
C LEU B 200 -7.59 51.74 38.72
N GLY B 201 -6.61 52.53 39.11
CA GLY B 201 -5.22 52.12 39.07
C GLY B 201 -4.95 50.83 39.81
N ARG B 202 -5.13 50.83 41.13
CA ARG B 202 -4.97 49.61 41.91
C ARG B 202 -6.07 48.59 41.63
N PHE B 203 -7.12 48.98 40.90
CA PHE B 203 -8.23 48.06 40.64
C PHE B 203 -7.92 47.12 39.47
N ILE B 204 -7.70 47.69 38.29
CA ILE B 204 -7.50 46.85 37.11
C ILE B 204 -6.12 46.22 37.12
N ASN B 205 -5.12 46.93 37.64
CA ASN B 205 -3.77 46.39 37.72
C ASN B 205 -3.60 45.43 38.89
N ALA B 206 -4.64 45.17 39.67
CA ALA B 206 -4.54 44.20 40.74
C ALA B 206 -4.25 42.82 40.18
N GLU B 207 -3.64 41.98 41.00
CA GLU B 207 -3.23 40.65 40.57
C GLU B 207 -3.44 39.67 41.70
N TYR B 208 -3.33 38.39 41.37
CA TYR B 208 -3.49 37.34 42.37
C TYR B 208 -2.35 37.39 43.39
N THR B 209 -2.48 36.57 44.43
CA THR B 209 -1.43 36.39 45.41
C THR B 209 -1.19 34.93 45.77
N GLU B 210 -2.06 34.01 45.38
CA GLU B 210 -1.87 32.61 45.69
C GLU B 210 -0.64 32.07 44.99
N GLU B 211 -0.02 31.04 45.58
CA GLU B 211 1.19 30.46 45.02
C GLU B 211 0.96 29.85 43.64
N ALA B 212 -0.29 29.72 43.18
CA ALA B 212 -0.52 29.15 41.86
C ALA B 212 -0.37 30.19 40.76
N TYR B 213 -1.18 31.25 40.82
CA TYR B 213 -1.25 32.26 39.78
C TYR B 213 -0.56 33.55 40.21
N GLU B 214 0.58 33.43 40.89
CA GLU B 214 1.27 34.58 41.46
C GLU B 214 1.53 35.64 40.39
N GLY B 215 0.88 36.79 40.52
CA GLY B 215 1.05 37.88 39.59
C GLY B 215 0.05 37.92 38.45
N GLN B 216 -0.77 36.89 38.28
CA GLN B 216 -1.71 36.87 37.17
C GLN B 216 -2.64 38.08 37.23
N THR B 217 -2.81 38.72 36.08
CA THR B 217 -3.56 39.97 35.97
C THR B 217 -4.80 39.73 35.13
N ALA B 218 -5.77 40.65 35.25
CA ALA B 218 -7.00 40.55 34.48
C ALA B 218 -6.75 40.49 32.98
N LEU B 219 -5.61 40.98 32.49
CA LEU B 219 -5.37 41.00 31.06
C LEU B 219 -5.12 39.59 30.53
N ASN B 220 -4.30 38.81 31.23
CA ASN B 220 -4.11 37.42 30.80
C ASN B 220 -5.39 36.61 30.93
N ILE B 221 -6.30 37.00 31.82
CA ILE B 221 -7.58 36.33 31.90
C ILE B 221 -8.43 36.67 30.69
N ALA B 222 -8.46 37.97 30.33
CA ALA B 222 -9.23 38.37 29.15
C ALA B 222 -8.67 37.75 27.88
N ILE B 223 -7.34 37.57 27.82
CA ILE B 223 -6.75 37.00 26.61
C ILE B 223 -6.96 35.50 26.56
N GLU B 224 -6.81 34.81 27.70
CA GLU B 224 -7.01 33.36 27.72
C GLU B 224 -8.44 32.97 27.33
N ARG B 225 -9.39 33.89 27.46
CA ARG B 225 -10.77 33.65 27.07
C ARG B 225 -11.12 34.27 25.72
N ARG B 226 -10.11 34.76 24.99
CA ARG B 226 -10.26 35.24 23.62
C ARG B 226 -11.19 36.44 23.51
N GLN B 227 -11.37 37.20 24.58
CA GLN B 227 -12.22 38.40 24.55
C GLN B 227 -11.37 39.56 24.07
N GLY B 228 -11.38 39.80 22.76
CA GLY B 228 -10.54 40.85 22.20
C GLY B 228 -11.06 42.24 22.50
N ASP B 229 -12.38 42.45 22.33
CA ASP B 229 -12.96 43.76 22.58
C ASP B 229 -12.76 44.19 24.03
N ILE B 230 -12.96 43.26 24.97
CA ILE B 230 -12.76 43.59 26.36
C ILE B 230 -11.28 43.81 26.66
N ALA B 231 -10.40 43.09 25.98
CA ALA B 231 -8.97 43.38 26.11
C ALA B 231 -8.67 44.81 25.66
N ALA B 232 -9.32 45.25 24.58
CA ALA B 232 -9.16 46.62 24.12
C ALA B 232 -9.67 47.60 25.17
N LEU B 233 -10.85 47.34 25.73
CA LEU B 233 -11.40 48.21 26.75
C LEU B 233 -10.48 48.25 27.98
N LEU B 234 -9.81 47.14 28.27
CA LEU B 234 -8.91 47.09 29.42
C LEU B 234 -7.66 47.92 29.18
N ILE B 235 -6.98 47.68 28.05
CA ILE B 235 -5.76 48.43 27.78
C ILE B 235 -6.06 49.91 27.61
N ALA B 236 -7.20 50.25 27.02
CA ALA B 236 -7.62 51.65 26.97
C ALA B 236 -7.86 52.20 28.37
N ALA B 237 -8.32 51.36 29.29
CA ALA B 237 -8.43 51.74 30.69
C ALA B 237 -7.09 51.73 31.40
N GLY B 238 -6.00 51.41 30.71
CA GLY B 238 -4.68 51.42 31.32
C GLY B 238 -4.33 50.10 31.98
N ALA B 239 -4.77 49.00 31.38
CA ALA B 239 -4.36 47.69 31.87
C ALA B 239 -2.86 47.51 31.66
N ASP B 240 -2.17 47.07 32.71
CA ASP B 240 -0.72 46.94 32.64
C ASP B 240 -0.38 45.84 31.64
N VAL B 241 0.13 46.24 30.47
CA VAL B 241 0.31 45.28 29.38
C VAL B 241 1.48 44.35 29.65
N ASN B 242 2.53 44.82 30.31
CA ASN B 242 3.70 44.00 30.59
C ASN B 242 3.64 43.34 31.97
N ALA B 243 2.44 43.11 32.50
CA ALA B 243 2.30 42.44 33.79
C ALA B 243 2.77 41.00 33.65
N HIS B 244 3.80 40.63 34.41
CA HIS B 244 4.41 39.32 34.31
C HIS B 244 3.71 38.33 35.23
N ALA B 245 3.20 37.26 34.64
CA ALA B 245 2.46 36.24 35.39
C ALA B 245 3.39 35.11 35.83
N LYS B 246 4.35 35.48 36.68
CA LYS B 246 5.37 34.52 37.11
C LYS B 246 4.85 33.62 38.22
N GLY B 247 3.70 32.98 38.00
CA GLY B 247 3.15 32.09 38.99
C GLY B 247 3.61 30.66 38.80
N ALA B 248 3.60 29.91 39.91
CA ALA B 248 4.06 28.52 39.85
C ALA B 248 3.17 27.65 38.99
N PHE B 249 1.99 28.14 38.61
CA PHE B 249 1.17 27.42 37.63
C PHE B 249 1.61 27.76 36.21
N PHE B 250 1.84 29.04 35.92
CA PHE B 250 2.22 29.46 34.58
C PHE B 250 3.63 29.02 34.22
N ASN B 251 4.47 28.70 35.21
CA ASN B 251 5.81 28.17 34.97
C ASN B 251 5.92 26.77 35.57
N PRO B 252 5.16 25.81 35.04
CA PRO B 252 5.15 24.47 35.67
C PRO B 252 6.38 23.66 35.29
N LYS B 253 6.90 22.92 36.27
CA LYS B 253 8.05 22.07 36.01
C LYS B 253 7.64 20.79 35.29
N TYR B 254 6.61 20.12 35.79
CA TYR B 254 6.07 18.94 35.14
C TYR B 254 4.96 19.37 34.19
N GLN B 255 5.03 18.90 32.94
CA GLN B 255 4.02 19.23 31.94
C GLN B 255 2.67 18.63 32.30
N HIS B 256 1.63 19.01 31.54
CA HIS B 256 0.28 18.48 31.67
C HIS B 256 -0.42 18.98 32.93
N GLU B 257 0.31 19.70 33.78
CA GLU B 257 -0.26 20.39 34.94
C GLU B 257 0.27 21.81 34.89
N GLY B 258 -0.40 22.66 34.13
CA GLY B 258 0.11 23.99 33.86
C GLY B 258 0.26 24.24 32.37
N PHE B 259 0.46 25.51 32.00
CA PHE B 259 0.57 25.89 30.60
C PHE B 259 1.57 27.02 30.51
N TYR B 260 2.82 26.70 30.18
CA TYR B 260 3.86 27.71 30.04
C TYR B 260 3.73 28.38 28.68
N PHE B 261 3.64 29.69 28.68
CA PHE B 261 3.34 30.44 27.47
C PHE B 261 4.19 31.68 27.28
N GLY B 262 5.12 31.97 28.18
CA GLY B 262 5.90 33.20 28.11
C GLY B 262 5.59 34.22 29.16
N GLU B 263 4.56 34.00 29.97
CA GLU B 263 4.26 34.77 31.18
C GLU B 263 3.92 36.23 30.89
N THR B 264 3.62 36.58 29.63
CA THR B 264 3.33 37.97 29.30
C THR B 264 2.10 38.02 28.40
N PRO B 265 1.22 39.00 28.60
CA PRO B 265 0.04 39.11 27.73
C PRO B 265 0.35 39.07 26.25
N LEU B 266 1.45 39.67 25.80
CA LEU B 266 1.85 39.50 24.41
C LEU B 266 2.21 38.06 24.13
N ALA B 267 3.00 37.45 25.02
CA ALA B 267 3.33 36.04 24.85
C ALA B 267 2.09 35.16 24.85
N LEU B 268 1.08 35.52 25.64
CA LEU B 268 -0.14 34.71 25.68
C LEU B 268 -0.93 34.87 24.39
N ALA B 269 -1.17 36.13 23.98
CA ALA B 269 -1.90 36.36 22.75
C ALA B 269 -1.16 35.84 21.52
N ALA B 270 0.13 35.58 21.63
CA ALA B 270 0.87 34.98 20.52
C ALA B 270 0.87 33.47 20.56
N CYS B 271 0.92 32.85 21.74
CA CYS B 271 0.97 31.40 21.79
C CYS B 271 -0.41 30.77 21.58
N THR B 272 -1.49 31.47 21.95
CA THR B 272 -2.83 30.94 21.77
C THR B 272 -3.47 31.40 20.47
N ASN B 273 -2.65 31.74 19.46
CA ASN B 273 -3.12 32.08 18.12
C ASN B 273 -4.20 33.17 18.17
N GLN B 274 -3.76 34.35 18.61
CA GLN B 274 -4.60 35.54 18.66
C GLN B 274 -3.83 36.70 18.04
N PRO B 275 -3.73 36.73 16.71
CA PRO B 275 -2.92 37.79 16.07
C PRO B 275 -3.53 39.17 16.21
N GLU B 276 -4.85 39.28 16.22
CA GLU B 276 -5.48 40.59 16.40
C GLU B 276 -4.99 41.25 17.68
N ILE B 277 -5.02 40.50 18.79
CA ILE B 277 -4.59 41.07 20.06
C ILE B 277 -3.08 41.26 20.09
N VAL B 278 -2.34 40.44 19.35
CA VAL B 278 -0.89 40.64 19.27
C VAL B 278 -0.59 41.99 18.63
N GLN B 279 -1.26 42.29 17.52
CA GLN B 279 -1.08 43.59 16.89
C GLN B 279 -1.60 44.71 17.78
N LEU B 280 -2.68 44.45 18.51
CA LEU B 280 -3.23 45.45 19.42
C LEU B 280 -2.27 45.77 20.55
N LEU B 281 -1.47 44.79 20.98
CA LEU B 281 -0.51 45.02 22.04
C LEU B 281 0.76 45.66 21.50
N MET B 282 1.22 45.22 20.33
CA MET B 282 2.47 45.76 19.79
C MET B 282 2.29 47.19 19.31
N GLU B 283 1.14 47.50 18.70
CA GLU B 283 0.89 48.87 18.26
C GLU B 283 0.81 49.83 19.45
N HIS B 284 0.55 49.31 20.64
CA HIS B 284 0.57 50.14 21.83
C HIS B 284 2.01 50.57 22.14
N GLU B 285 2.13 51.62 22.95
CA GLU B 285 3.43 52.18 23.27
C GLU B 285 4.03 51.59 24.54
N GLN B 286 3.19 51.30 25.54
CA GLN B 286 3.69 50.79 26.81
C GLN B 286 4.19 49.36 26.72
N THR B 287 3.94 48.66 25.62
CA THR B 287 4.39 47.28 25.50
C THR B 287 5.91 47.22 25.46
N ASP B 288 6.44 46.05 25.80
CA ASP B 288 7.89 45.85 25.86
C ASP B 288 8.19 44.47 25.27
N ILE B 289 8.47 44.44 23.96
CA ILE B 289 8.68 43.17 23.30
C ILE B 289 9.98 42.52 23.75
N THR B 290 10.90 43.30 24.30
CA THR B 290 12.17 42.78 24.78
C THR B 290 12.12 42.32 26.23
N SER B 291 10.93 42.13 26.79
CA SER B 291 10.81 41.72 28.18
C SER B 291 11.32 40.29 28.36
N ARG B 292 11.74 40.00 29.58
CA ARG B 292 12.30 38.70 29.91
C ARG B 292 11.69 38.19 31.21
N ASP B 293 11.34 36.91 31.24
CA ASP B 293 10.54 36.34 32.31
C ASP B 293 11.41 35.62 33.33
N SER B 294 10.76 34.91 34.25
CA SER B 294 11.47 34.20 35.32
C SER B 294 12.37 33.08 34.80
N ARG B 295 12.24 32.71 33.54
CA ARG B 295 13.14 31.74 32.92
C ARG B 295 14.13 32.41 31.98
N GLY B 296 14.12 33.75 31.91
CA GLY B 296 14.98 34.47 31.00
C GLY B 296 14.43 34.65 29.60
N ASN B 297 13.44 33.85 29.22
CA ASN B 297 12.87 33.90 27.88
C ASN B 297 12.31 35.28 27.58
N ASN B 298 12.31 35.61 26.29
CA ASN B 298 11.48 36.68 25.75
C ASN B 298 10.37 36.02 24.93
N ILE B 299 9.60 36.85 24.23
CA ILE B 299 8.48 36.34 23.46
C ILE B 299 8.92 35.25 22.49
N LEU B 300 10.08 35.43 21.85
CA LEU B 300 10.50 34.48 20.84
C LEU B 300 10.87 33.14 21.44
N HIS B 301 11.50 33.14 22.61
CA HIS B 301 11.78 31.87 23.29
C HIS B 301 10.48 31.14 23.59
N ALA B 302 9.43 31.86 23.98
CA ALA B 302 8.16 31.22 24.26
C ALA B 302 7.55 30.63 23.01
N LEU B 303 7.50 31.41 21.93
CA LEU B 303 7.01 30.89 20.66
C LEU B 303 7.78 29.67 20.22
N VAL B 304 9.08 29.63 20.49
CA VAL B 304 9.84 28.43 20.18
C VAL B 304 9.41 27.28 21.09
N THR B 305 9.19 27.57 22.37
CA THR B 305 8.93 26.52 23.34
C THR B 305 7.59 25.85 23.11
N VAL B 306 6.58 26.58 22.61
CA VAL B 306 5.26 26.01 22.45
C VAL B 306 4.96 25.56 21.02
N ALA B 307 5.95 25.61 20.13
CA ALA B 307 5.74 25.16 18.75
C ALA B 307 5.97 23.65 18.68
N GLU B 308 4.91 22.89 18.41
CA GLU B 308 5.03 21.44 18.50
C GLU B 308 5.33 20.76 17.17
N ASP B 309 4.38 20.82 16.24
CA ASP B 309 4.47 20.11 14.96
C ASP B 309 3.27 20.47 14.11
N PHE B 310 3.42 20.46 12.79
CA PHE B 310 2.33 20.93 11.92
C PHE B 310 1.10 20.05 12.06
N LYS B 311 1.27 18.76 12.31
CA LYS B 311 0.12 17.86 12.38
C LYS B 311 -0.80 18.18 13.56
N THR B 312 -0.32 18.92 14.55
CA THR B 312 -1.08 19.22 15.74
C THR B 312 -1.34 20.71 15.96
N GLN B 313 -0.82 21.58 15.09
CA GLN B 313 -0.98 23.01 15.31
C GLN B 313 -1.36 23.81 14.08
N ASN B 314 -1.26 23.27 12.87
CA ASN B 314 -1.41 24.01 11.62
C ASN B 314 -0.37 25.13 11.47
N ASP B 315 0.61 25.18 12.38
CA ASP B 315 1.76 26.08 12.29
C ASP B 315 1.33 27.54 12.18
N PHE B 316 0.65 28.01 13.21
CA PHE B 316 0.45 29.45 13.37
C PHE B 316 1.62 30.10 14.08
N VAL B 317 2.32 29.34 14.92
CA VAL B 317 3.43 29.87 15.70
C VAL B 317 4.53 30.40 14.79
N LYS B 318 4.69 29.80 13.61
CA LYS B 318 5.64 30.34 12.65
C LYS B 318 5.16 31.68 12.11
N ARG B 319 3.86 31.80 11.86
CA ARG B 319 3.31 33.08 11.40
C ARG B 319 3.49 34.16 12.46
N MET B 320 3.13 33.85 13.70
CA MET B 320 3.32 34.81 14.78
C MET B 320 4.79 35.14 14.99
N TYR B 321 5.66 34.14 14.78
CA TYR B 321 7.10 34.39 14.84
C TYR B 321 7.49 35.45 13.81
N ASP B 322 7.12 35.25 12.56
CA ASP B 322 7.45 36.22 11.52
C ASP B 322 6.90 37.59 11.86
N MET B 323 5.64 37.66 12.29
CA MET B 323 5.01 38.94 12.59
C MET B 323 5.75 39.67 13.70
N ILE B 324 5.95 39.01 14.84
CA ILE B 324 6.59 39.66 15.98
C ILE B 324 8.03 40.01 15.65
N LEU B 325 8.72 39.15 14.89
CA LEU B 325 10.10 39.43 14.54
C LEU B 325 10.21 40.69 13.69
N LEU B 326 9.58 40.69 12.52
CA LEU B 326 9.74 41.86 11.66
C LEU B 326 9.01 43.09 12.18
N ARG B 327 8.17 42.96 13.22
CA ARG B 327 7.57 44.14 13.80
C ARG B 327 8.57 44.96 14.60
N SER B 328 9.26 44.32 15.55
CA SER B 328 10.39 44.95 16.23
C SER B 328 11.60 44.68 15.34
N GLY B 329 11.82 45.57 14.38
CA GLY B 329 12.78 45.25 13.35
C GLY B 329 14.21 45.56 13.75
N ASN B 330 14.87 44.54 14.27
CA ASN B 330 16.28 44.56 14.64
C ASN B 330 16.64 43.18 15.17
N TRP B 331 17.92 42.93 15.44
CA TRP B 331 18.35 41.65 15.99
C TRP B 331 18.28 41.62 17.51
N GLU B 332 17.44 42.46 18.11
CA GLU B 332 17.31 42.45 19.56
C GLU B 332 16.79 41.11 20.05
N LEU B 333 15.68 40.63 19.47
CA LEU B 333 15.01 39.45 20.00
C LEU B 333 15.82 38.18 19.75
N GLU B 334 16.50 38.10 18.61
CA GLU B 334 17.25 36.90 18.30
C GLU B 334 18.60 36.82 18.99
N THR B 335 19.11 37.92 19.52
CA THR B 335 20.45 37.92 20.09
C THR B 335 20.46 37.81 21.62
N THR B 336 19.31 37.89 22.27
CA THR B 336 19.29 37.73 23.72
C THR B 336 19.42 36.27 24.09
N ARG B 337 19.75 36.04 25.36
CA ARG B 337 19.91 34.69 25.90
C ARG B 337 19.09 34.56 27.17
N ASN B 338 18.54 33.37 27.38
CA ASN B 338 17.76 33.10 28.57
C ASN B 338 18.69 32.65 29.69
N ASN B 339 18.12 32.21 30.81
CA ASN B 339 18.94 31.78 31.93
C ASN B 339 19.66 30.47 31.66
N ASP B 340 19.40 29.84 30.51
CA ASP B 340 20.17 28.69 30.08
C ASP B 340 21.29 29.08 29.12
N GLY B 341 21.42 30.36 28.81
CA GLY B 341 22.46 30.80 27.89
C GLY B 341 22.23 30.39 26.45
N LEU B 342 20.99 30.37 25.99
CA LEU B 342 20.66 30.02 24.62
C LEU B 342 19.87 31.15 23.97
N THR B 343 19.92 31.19 22.67
CA THR B 343 19.16 32.11 21.84
C THR B 343 17.95 31.40 21.24
N PRO B 344 16.92 32.12 20.84
CA PRO B 344 15.75 31.45 20.24
C PRO B 344 16.10 30.49 19.13
N LEU B 345 17.07 30.84 18.30
CA LEU B 345 17.57 29.89 17.30
C LEU B 345 18.21 28.69 17.98
N GLN B 346 19.20 28.94 18.83
CA GLN B 346 19.81 27.86 19.59
C GLN B 346 18.79 27.11 20.42
N LEU B 347 17.74 27.80 20.89
CA LEU B 347 16.72 27.14 21.69
C LEU B 347 15.92 26.16 20.86
N ALA B 348 15.37 26.61 19.74
CA ALA B 348 14.68 25.70 18.83
C ALA B 348 15.60 24.60 18.34
N ALA B 349 16.91 24.81 18.42
CA ALA B 349 17.84 23.72 18.11
C ALA B 349 17.94 22.73 19.27
N LYS B 350 17.95 23.22 20.51
CA LYS B 350 18.09 22.34 21.66
C LYS B 350 16.93 21.37 21.75
N MET B 351 15.71 21.89 21.70
CA MET B 351 14.55 21.02 21.51
C MET B 351 14.48 20.58 20.05
N GLY B 352 13.48 19.78 19.73
CA GLY B 352 13.41 19.22 18.40
C GLY B 352 12.46 19.94 17.47
N LYS B 353 12.36 21.26 17.62
CA LYS B 353 11.39 22.03 16.83
C LYS B 353 11.86 22.18 15.39
N ALA B 354 11.51 21.22 14.54
CA ALA B 354 12.01 21.23 13.16
C ALA B 354 11.40 22.37 12.35
N GLU B 355 10.10 22.58 12.49
CA GLU B 355 9.42 23.59 11.68
C GLU B 355 9.96 24.99 11.95
N ILE B 356 9.96 25.40 13.22
CA ILE B 356 10.50 26.71 13.58
C ILE B 356 11.95 26.83 13.15
N LEU B 357 12.72 25.74 13.25
CA LEU B 357 14.10 25.77 12.81
C LEU B 357 14.20 25.98 11.31
N LYS B 358 13.46 25.18 10.53
CA LYS B 358 13.48 25.32 9.09
C LYS B 358 13.05 26.71 8.66
N TYR B 359 12.23 27.38 9.46
CA TYR B 359 11.87 28.75 9.16
C TYR B 359 13.02 29.70 9.47
N ILE B 360 13.56 29.62 10.68
CA ILE B 360 14.57 30.59 11.12
C ILE B 360 15.81 30.51 10.25
N LEU B 361 16.22 29.30 9.86
CA LEU B 361 17.43 29.17 9.05
C LEU B 361 17.23 29.78 7.66
N SER B 362 16.20 29.32 6.95
CA SER B 362 15.91 29.83 5.62
C SER B 362 14.77 30.86 5.70
N ARG B 363 15.05 31.97 6.36
CA ARG B 363 14.11 33.07 6.44
C ARG B 363 14.56 34.20 5.52
N GLU B 364 13.71 34.54 4.56
CA GLU B 364 13.99 35.61 3.62
C GLU B 364 12.92 36.69 3.79
N ILE B 365 13.35 37.94 3.89
CA ILE B 365 12.47 39.09 3.99
C ILE B 365 12.74 39.98 2.77
N LYS B 366 11.72 40.19 1.95
CA LYS B 366 11.90 40.87 0.68
C LYS B 366 11.66 42.37 0.76
N GLU B 367 11.04 42.86 1.84
CA GLU B 367 10.91 44.29 2.03
C GLU B 367 12.29 44.94 2.10
N LYS B 368 12.44 46.09 1.45
CA LYS B 368 13.76 46.70 1.31
C LYS B 368 14.36 47.05 2.68
N ARG B 369 13.59 47.74 3.52
CA ARG B 369 14.12 48.20 4.80
C ARG B 369 14.30 47.09 5.82
N LEU B 370 14.03 45.84 5.46
CA LEU B 370 14.16 44.75 6.42
C LEU B 370 14.89 43.53 5.85
N ARG B 371 15.51 43.65 4.67
CA ARG B 371 16.29 42.53 4.14
C ARG B 371 17.43 42.16 5.08
N SER B 372 17.95 43.13 5.84
CA SER B 372 19.03 42.87 6.78
C SER B 372 18.65 41.84 7.83
N LEU B 373 17.36 41.57 8.03
CA LEU B 373 16.90 40.60 9.00
C LEU B 373 16.90 39.18 8.48
N SER B 374 17.12 38.98 7.19
CA SER B 374 16.97 37.67 6.59
C SER B 374 18.20 36.80 6.86
N ARG B 375 18.08 35.51 6.54
CA ARG B 375 19.20 34.60 6.59
C ARG B 375 19.31 33.79 5.29
N LYS B 376 18.74 34.29 4.21
CA LYS B 376 18.84 33.68 2.90
C LYS B 376 18.55 34.75 1.86
N PHE B 377 19.52 35.04 1.01
CA PHE B 377 19.39 36.10 0.02
C PHE B 377 19.55 35.52 -1.38
N THR B 378 18.46 35.43 -2.12
CA THR B 378 18.56 35.12 -3.53
C THR B 378 19.29 36.27 -4.20
N ASP B 379 20.56 36.08 -4.51
CA ASP B 379 21.42 37.18 -4.94
C ASP B 379 21.79 37.12 -6.41
N TRP B 380 21.37 36.08 -7.12
CA TRP B 380 21.95 35.81 -8.42
C TRP B 380 20.96 35.37 -9.47
N ALA B 381 19.67 35.23 -9.14
CA ALA B 381 18.72 34.55 -10.00
C ALA B 381 18.65 35.19 -11.38
N TYR B 382 18.67 34.35 -12.41
CA TYR B 382 18.53 34.76 -13.80
C TYR B 382 17.25 34.28 -14.44
N GLY B 383 16.98 32.99 -14.41
CA GLY B 383 15.75 32.45 -14.91
C GLY B 383 15.20 31.45 -13.94
N PRO B 384 14.94 30.22 -14.40
CA PRO B 384 14.66 29.14 -13.46
C PRO B 384 15.85 28.78 -12.60
N VAL B 385 17.03 29.25 -12.94
CA VAL B 385 18.23 29.06 -12.14
C VAL B 385 18.33 30.20 -11.15
N SER B 386 18.93 29.92 -9.99
CA SER B 386 19.06 30.92 -8.94
C SER B 386 20.10 30.43 -7.94
N SER B 387 20.71 31.39 -7.25
CA SER B 387 21.77 31.07 -6.29
C SER B 387 21.42 31.72 -4.95
N SER B 388 20.68 30.99 -4.13
CA SER B 388 20.37 31.43 -2.78
C SER B 388 21.63 31.44 -1.94
N LEU B 389 21.84 32.51 -1.20
CA LEU B 389 23.05 32.73 -0.42
C LEU B 389 22.67 32.67 1.06
N TYR B 390 22.71 31.46 1.63
CA TYR B 390 22.30 31.25 3.01
C TYR B 390 23.27 31.94 3.96
N ASP B 391 22.94 31.87 5.26
CA ASP B 391 23.75 32.50 6.29
C ASP B 391 24.36 31.44 7.21
N LEU B 392 25.54 31.75 7.73
CA LEU B 392 26.28 30.88 8.61
C LEU B 392 26.82 31.65 9.80
N THR B 393 26.02 32.59 10.32
CA THR B 393 26.48 33.42 11.43
C THR B 393 26.76 32.57 12.66
N ASN B 394 25.75 31.85 13.15
CA ASN B 394 25.91 31.03 14.34
C ASN B 394 25.51 29.59 14.05
N VAL B 395 25.98 29.05 12.93
CA VAL B 395 25.58 27.72 12.48
C VAL B 395 26.80 26.88 12.18
N ASP B 396 27.96 27.53 12.01
CA ASP B 396 29.13 26.91 11.41
C ASP B 396 30.11 26.33 12.42
N THR B 397 29.65 26.01 13.63
CA THR B 397 30.45 25.36 14.67
C THR B 397 31.68 26.16 15.09
N THR B 398 31.75 27.44 14.74
CA THR B 398 32.83 28.30 15.16
C THR B 398 32.49 29.11 16.40
N THR B 399 31.47 28.68 17.14
CA THR B 399 31.06 29.29 18.39
C THR B 399 31.00 28.21 19.46
N ASP B 400 30.68 28.62 20.69
CA ASP B 400 30.64 27.69 21.82
C ASP B 400 29.66 26.55 21.56
N ASN B 401 28.38 26.88 21.39
CA ASN B 401 27.35 25.87 21.10
C ASN B 401 26.60 26.33 19.85
N SER B 402 27.10 25.90 18.69
CA SER B 402 26.46 26.24 17.42
C SER B 402 25.16 25.48 17.26
N VAL B 403 24.36 25.91 16.28
CA VAL B 403 23.13 25.20 15.96
C VAL B 403 23.44 23.83 15.39
N LEU B 404 24.53 23.70 14.64
CA LEU B 404 24.86 22.42 14.06
C LEU B 404 25.38 21.44 15.10
N GLU B 405 26.29 21.89 15.97
CA GLU B 405 26.80 21.00 17.00
C GLU B 405 25.70 20.63 17.99
N ILE B 406 24.73 21.52 18.21
CA ILE B 406 23.59 21.18 19.05
C ILE B 406 22.70 20.16 18.36
N THR B 407 22.41 20.39 17.08
CA THR B 407 21.55 19.46 16.36
C THR B 407 22.16 18.07 16.26
N VAL B 408 23.49 17.97 16.22
CA VAL B 408 24.09 16.65 16.06
C VAL B 408 24.40 16.00 17.41
N TYR B 409 24.81 16.77 18.40
CA TYR B 409 25.25 16.21 19.67
C TYR B 409 24.12 16.08 20.70
N ASN B 410 22.94 16.59 20.40
CA ASN B 410 21.78 16.44 21.29
C ASN B 410 20.98 15.24 20.82
N THR B 411 21.19 14.10 21.48
CA THR B 411 20.52 12.86 21.13
C THR B 411 19.31 12.58 22.00
N ASN B 412 18.84 13.57 22.76
CA ASN B 412 17.66 13.43 23.60
C ASN B 412 16.44 14.13 23.01
N ILE B 413 16.35 14.20 21.69
CA ILE B 413 15.21 14.81 21.02
C ILE B 413 14.53 13.80 20.11
N ASP B 414 15.34 13.00 19.40
CA ASP B 414 14.84 11.91 18.57
C ASP B 414 14.05 12.42 17.37
N ASN B 415 14.56 13.48 16.75
CA ASN B 415 13.99 14.00 15.51
C ASN B 415 15.05 14.40 14.49
N ARG B 416 16.34 14.16 14.79
CA ARG B 416 17.42 14.65 13.94
C ARG B 416 17.33 14.11 12.52
N HIS B 417 16.68 12.96 12.34
CA HIS B 417 16.51 12.39 11.01
C HIS B 417 15.86 13.38 10.04
N GLU B 418 15.15 14.38 10.56
CA GLU B 418 14.56 15.44 9.76
C GLU B 418 15.32 16.76 9.89
N MET B 419 15.81 17.08 11.08
CA MET B 419 16.49 18.36 11.28
C MET B 419 17.82 18.43 10.53
N LEU B 420 18.47 17.29 10.31
CA LEU B 420 19.72 17.30 9.58
C LEU B 420 19.51 17.23 8.07
N THR B 421 18.31 17.57 7.60
CA THR B 421 18.03 17.73 6.19
C THR B 421 17.61 19.15 5.86
N LEU B 422 17.80 20.08 6.80
CA LEU B 422 17.33 21.44 6.65
C LEU B 422 18.24 22.19 5.68
N GLU B 423 18.03 23.51 5.57
CA GLU B 423 18.59 24.24 4.43
C GLU B 423 20.12 24.31 4.48
N PRO B 424 20.75 24.98 5.46
CA PRO B 424 22.22 25.05 5.42
C PRO B 424 22.89 23.89 6.14
N LEU B 425 22.18 23.23 7.05
CA LEU B 425 22.77 22.16 7.84
C LEU B 425 23.21 21.00 6.96
N HIS B 426 22.30 20.52 6.10
CA HIS B 426 22.59 19.36 5.27
C HIS B 426 23.79 19.60 4.36
N THR B 427 23.77 20.72 3.63
CA THR B 427 24.85 20.98 2.69
C THR B 427 26.14 21.39 3.40
N LEU B 428 26.04 21.92 4.62
CA LEU B 428 27.26 22.20 5.38
C LEU B 428 27.91 20.91 5.84
N LEU B 429 27.12 19.94 6.28
CA LEU B 429 27.66 18.62 6.56
C LEU B 429 28.31 18.03 5.32
N HIS B 430 27.61 18.13 4.18
CA HIS B 430 28.15 17.60 2.93
C HIS B 430 29.50 18.26 2.60
N MET B 431 29.60 19.57 2.77
CA MET B 431 30.82 20.27 2.38
C MET B 431 31.97 19.96 3.33
N LYS B 432 31.71 20.00 4.64
CA LYS B 432 32.74 19.59 5.59
C LYS B 432 33.22 18.19 5.30
N TRP B 433 32.28 17.29 4.97
CA TRP B 433 32.61 15.92 4.64
C TRP B 433 33.58 15.88 3.48
N LYS B 434 33.11 16.30 2.30
CA LYS B 434 33.92 16.22 1.09
C LYS B 434 35.20 17.04 1.18
N LYS B 435 35.29 17.97 2.12
CA LYS B 435 36.52 18.74 2.24
C LYS B 435 37.57 17.99 3.06
N PHE B 436 37.23 17.57 4.27
CA PHE B 436 38.23 16.90 5.09
C PHE B 436 37.77 15.62 5.78
N ALA B 437 36.47 15.43 6.00
CA ALA B 437 36.03 14.33 6.84
C ALA B 437 36.13 13.00 6.09
N LYS B 438 35.79 13.00 4.80
CA LYS B 438 36.00 11.81 4.00
C LYS B 438 37.45 11.32 4.10
N HIS B 439 38.39 12.25 3.95
CA HIS B 439 39.80 11.88 3.98
C HIS B 439 40.21 11.34 5.34
N MET B 440 39.85 12.06 6.41
CA MET B 440 40.26 11.60 7.74
C MET B 440 39.60 10.27 8.09
N PHE B 441 38.35 10.07 7.68
CA PHE B 441 37.65 8.84 7.99
C PHE B 441 38.25 7.66 7.24
N PHE B 442 38.58 7.85 5.95
CA PHE B 442 39.21 6.77 5.21
C PHE B 442 40.59 6.46 5.75
N LEU B 443 41.33 7.49 6.17
CA LEU B 443 42.62 7.26 6.81
C LEU B 443 42.46 6.42 8.07
N SER B 444 41.46 6.75 8.89
CA SER B 444 41.22 5.99 10.11
C SER B 444 40.85 4.55 9.79
N PHE B 445 40.02 4.35 8.76
CA PHE B 445 39.67 3.00 8.35
C PHE B 445 40.90 2.22 7.93
N CYS B 446 41.78 2.84 7.14
CA CYS B 446 42.98 2.13 6.67
C CYS B 446 43.90 1.77 7.83
N PHE B 447 44.12 2.73 8.74
CA PHE B 447 44.96 2.43 9.89
C PHE B 447 44.38 1.30 10.73
N TYR B 448 43.07 1.31 10.94
CA TYR B 448 42.46 0.25 11.75
C TYR B 448 42.52 -1.09 11.03
N PHE B 449 42.34 -1.09 9.72
CA PHE B 449 42.42 -2.35 8.97
C PHE B 449 43.82 -2.94 9.03
N PHE B 450 44.84 -2.09 8.95
CA PHE B 450 46.20 -2.61 9.03
C PHE B 450 46.52 -3.09 10.44
N TYR B 451 46.08 -2.35 11.46
CA TYR B 451 46.23 -2.81 12.83
C TYR B 451 45.53 -4.15 13.04
N ASN B 452 44.39 -4.35 12.38
CA ASN B 452 43.66 -5.60 12.54
C ASN B 452 44.37 -6.74 11.83
N ILE B 453 44.87 -6.51 10.62
CA ILE B 453 45.61 -7.55 9.92
C ILE B 453 46.88 -7.89 10.69
N THR B 454 47.46 -6.92 11.39
CA THR B 454 48.66 -7.22 12.15
C THR B 454 48.33 -8.02 13.40
N LEU B 455 47.21 -7.70 14.06
CA LEU B 455 46.75 -8.57 15.14
C LEU B 455 46.50 -9.99 14.64
N THR B 456 45.90 -10.12 13.45
CA THR B 456 45.64 -11.45 12.90
C THR B 456 46.93 -12.21 12.67
N LEU B 457 47.93 -11.56 12.07
CA LEU B 457 49.19 -12.25 11.79
C LEU B 457 49.95 -12.56 13.08
N VAL B 458 49.88 -11.67 14.08
CA VAL B 458 50.52 -11.95 15.36
C VAL B 458 49.87 -13.16 16.03
N SER B 459 48.54 -13.23 15.98
CA SER B 459 47.84 -14.38 16.54
C SER B 459 48.23 -15.66 15.81
N TYR B 460 48.18 -15.65 14.48
CA TYR B 460 48.54 -16.85 13.72
C TYR B 460 49.99 -17.25 13.94
N TYR B 461 50.86 -16.29 14.23
CA TYR B 461 52.29 -16.54 14.42
C TYR B 461 52.69 -16.30 15.86
N ARG B 462 51.84 -16.72 16.80
CA ARG B 462 52.20 -16.76 18.21
C ARG B 462 53.39 -17.70 18.39
N PRO B 463 54.04 -17.67 19.58
CA PRO B 463 55.21 -18.54 19.79
C PRO B 463 54.96 -19.99 19.40
N ARG B 464 55.67 -20.44 18.37
CA ARG B 464 55.54 -21.80 17.87
C ARG B 464 56.60 -22.71 18.47
N GLY B 480 61.96 -11.63 11.07
CA GLY B 480 62.61 -11.95 12.32
C GLY B 480 62.37 -10.89 13.39
N TRP B 481 63.08 -9.77 13.28
CA TRP B 481 62.93 -8.70 14.26
C TRP B 481 61.62 -7.94 14.04
N LEU B 482 61.24 -7.71 12.79
CA LEU B 482 60.07 -6.89 12.48
C LEU B 482 58.79 -7.44 13.07
N GLN B 483 58.74 -8.74 13.40
CA GLN B 483 57.56 -9.30 14.03
C GLN B 483 57.37 -8.74 15.43
N LEU B 484 58.44 -8.75 16.23
CA LEU B 484 58.38 -8.13 17.55
C LEU B 484 58.15 -6.63 17.44
N LEU B 485 58.73 -5.99 16.41
CA LEU B 485 58.43 -4.58 16.18
C LEU B 485 56.97 -4.38 15.78
N GLY B 486 56.38 -5.36 15.11
CA GLY B 486 54.94 -5.31 14.87
C GLY B 486 54.14 -5.40 16.15
N ARG B 487 54.60 -6.25 17.09
CA ARG B 487 53.98 -6.29 18.41
C ARG B 487 54.08 -4.93 19.10
N MET B 488 55.24 -4.29 19.02
CA MET B 488 55.39 -2.95 19.58
C MET B 488 54.43 -1.97 18.91
N PHE B 489 54.29 -2.04 17.58
CA PHE B 489 53.41 -1.12 16.87
C PHE B 489 51.97 -1.29 17.31
N VAL B 490 51.52 -2.53 17.44
CA VAL B 490 50.14 -2.73 17.87
C VAL B 490 49.96 -2.30 19.31
N LEU B 491 51.00 -2.44 20.14
CA LEU B 491 50.94 -1.89 21.49
C LEU B 491 50.70 -0.39 21.45
N ILE B 492 51.49 0.33 20.65
CA ILE B 492 51.35 1.78 20.54
C ILE B 492 49.96 2.16 20.06
N TRP B 493 49.51 1.53 18.97
CA TRP B 493 48.25 1.92 18.37
C TRP B 493 47.07 1.61 19.30
N ALA B 494 47.09 0.44 19.93
CA ALA B 494 46.03 0.10 20.88
C ALA B 494 46.06 1.02 22.08
N MET B 495 47.25 1.47 22.51
CA MET B 495 47.31 2.44 23.60
C MET B 495 46.65 3.75 23.20
N CYS B 496 46.97 4.26 22.01
CA CYS B 496 46.35 5.49 21.55
C CYS B 496 44.83 5.33 21.48
N ILE B 497 44.36 4.23 20.89
CA ILE B 497 42.91 4.03 20.75
C ILE B 497 42.26 3.93 22.13
N SER B 498 42.91 3.24 23.07
CA SER B 498 42.34 3.09 24.40
C SER B 498 42.19 4.44 25.09
N VAL B 499 43.26 5.24 25.08
CA VAL B 499 43.16 6.55 25.72
C VAL B 499 42.12 7.43 25.02
N LYS B 500 42.09 7.40 23.69
CA LYS B 500 41.14 8.22 22.95
C LYS B 500 39.71 7.86 23.30
N GLU B 501 39.37 6.57 23.21
CA GLU B 501 38.00 6.16 23.50
C GLU B 501 37.66 6.32 24.97
N GLY B 502 38.64 6.18 25.86
CA GLY B 502 38.37 6.38 27.27
C GLY B 502 38.02 7.82 27.58
N ILE B 503 38.81 8.77 27.06
CA ILE B 503 38.48 10.17 27.25
C ILE B 503 37.23 10.54 26.49
N ALA B 504 36.88 9.76 25.46
CA ALA B 504 35.60 9.97 24.78
C ALA B 504 34.43 9.56 25.67
N ILE B 505 34.60 8.48 26.44
CA ILE B 505 33.54 8.06 27.36
C ILE B 505 33.24 9.15 28.38
N PHE B 506 34.24 9.89 28.80
CA PHE B 506 34.10 10.87 29.88
C PHE B 506 33.33 12.12 29.48
N LEU B 507 32.71 12.19 28.31
CA LEU B 507 31.96 13.36 27.88
C LEU B 507 30.46 13.09 27.81
N LEU B 508 29.98 12.11 28.57
CA LEU B 508 28.55 11.81 28.59
C LEU B 508 28.15 11.02 29.84
N SER B 518 21.22 1.75 19.38
CA SER B 518 22.65 1.58 19.14
C SER B 518 23.21 2.75 18.33
N ASP B 519 23.85 3.70 19.01
CA ASP B 519 24.41 4.86 18.32
C ASP B 519 25.87 5.12 18.65
N ALA B 520 26.26 4.94 19.92
CA ALA B 520 27.59 5.35 20.34
C ALA B 520 28.26 4.37 21.30
N TRP B 521 27.82 3.11 21.33
CA TRP B 521 28.49 2.12 22.15
C TRP B 521 29.80 1.64 21.53
N PHE B 522 30.11 2.09 20.31
CA PHE B 522 31.37 1.75 19.70
C PHE B 522 32.53 2.30 20.48
N HIS B 523 32.35 3.42 21.18
CA HIS B 523 33.39 3.87 22.11
C HIS B 523 33.67 2.79 23.14
N PHE B 524 32.62 2.26 23.77
CA PHE B 524 32.77 1.18 24.74
C PHE B 524 33.55 0.02 24.14
N VAL B 525 33.10 -0.47 22.97
CA VAL B 525 33.70 -1.71 22.49
C VAL B 525 35.10 -1.49 21.94
N PHE B 526 35.38 -0.33 21.35
CA PHE B 526 36.73 -0.02 20.89
C PHE B 526 37.69 0.09 22.07
N PHE B 527 37.28 0.81 23.12
CA PHE B 527 38.12 0.91 24.31
C PHE B 527 38.35 -0.46 24.93
N ILE B 528 37.32 -1.31 24.93
CA ILE B 528 37.46 -2.65 25.49
C ILE B 528 38.46 -3.47 24.68
N GLN B 529 38.35 -3.43 23.35
CA GLN B 529 39.28 -4.17 22.51
C GLN B 529 40.71 -3.67 22.68
N ALA B 530 40.89 -2.35 22.79
CA ALA B 530 42.22 -1.80 22.94
C ALA B 530 42.84 -2.22 24.27
N VAL B 531 42.08 -2.10 25.36
CA VAL B 531 42.59 -2.54 26.65
C VAL B 531 42.83 -4.04 26.66
N LEU B 532 42.03 -4.79 25.91
CA LEU B 532 42.25 -6.23 25.81
C LEU B 532 43.60 -6.53 25.15
N VAL B 533 43.88 -5.89 24.02
CA VAL B 533 45.17 -6.08 23.36
C VAL B 533 46.31 -5.69 24.29
N ILE B 534 46.17 -4.55 24.98
CA ILE B 534 47.27 -4.06 25.79
C ILE B 534 47.52 -4.98 26.98
N LEU B 535 46.43 -5.50 27.58
CA LEU B 535 46.58 -6.43 28.69
C LEU B 535 47.20 -7.74 28.23
N SER B 536 46.78 -8.21 27.05
CA SER B 536 47.35 -9.45 26.51
C SER B 536 48.84 -9.32 26.30
N VAL B 537 49.27 -8.24 25.65
CA VAL B 537 50.70 -8.11 25.34
C VAL B 537 51.49 -7.83 26.61
N PHE B 538 50.92 -7.10 27.57
CA PHE B 538 51.61 -6.89 28.83
C PHE B 538 51.79 -8.20 29.57
N LEU B 539 50.76 -9.04 29.60
CA LEU B 539 50.88 -10.35 30.24
C LEU B 539 51.90 -11.22 29.52
N TYR B 540 51.95 -11.13 28.19
CA TYR B 540 53.00 -11.83 27.46
C TYR B 540 54.37 -11.36 27.92
N LEU B 541 54.54 -10.05 28.11
CA LEU B 541 55.77 -9.55 28.72
C LEU B 541 55.86 -9.96 30.19
N PHE B 542 54.72 -10.10 30.86
CA PHE B 542 54.70 -10.44 32.27
C PHE B 542 54.88 -11.95 32.47
N ALA B 543 54.87 -12.37 33.73
CA ALA B 543 55.05 -13.77 34.09
C ALA B 543 53.72 -14.51 34.22
N TYR B 544 52.87 -14.39 33.19
CA TYR B 544 51.59 -15.07 33.14
C TYR B 544 51.31 -15.44 31.69
N LYS B 545 51.48 -16.72 31.36
CA LYS B 545 51.38 -17.18 29.97
C LYS B 545 49.98 -17.68 29.62
N GLU B 546 48.95 -17.13 30.26
CA GLU B 546 47.57 -17.35 29.87
C GLU B 546 47.03 -16.20 29.04
N TYR B 547 47.92 -15.58 28.25
CA TYR B 547 47.63 -14.36 27.51
C TYR B 547 47.00 -14.61 26.15
N LEU B 548 47.22 -15.79 25.56
CA LEU B 548 46.70 -16.05 24.21
C LEU B 548 45.19 -15.89 24.15
N ALA B 549 44.49 -16.26 25.22
CA ALA B 549 43.05 -16.06 25.26
C ALA B 549 42.70 -14.60 25.03
N CYS B 550 43.31 -13.70 25.82
CA CYS B 550 43.07 -12.28 25.66
C CYS B 550 43.43 -11.82 24.25
N LEU B 551 44.56 -12.30 23.73
CA LEU B 551 45.03 -11.82 22.42
C LEU B 551 44.06 -12.22 21.31
N VAL B 552 43.64 -13.48 21.28
CA VAL B 552 42.78 -13.92 20.20
C VAL B 552 41.38 -13.34 20.35
N LEU B 553 40.90 -13.21 21.59
CA LEU B 553 39.60 -12.56 21.79
C LEU B 553 39.65 -11.11 21.37
N ALA B 554 40.79 -10.44 21.58
CA ALA B 554 40.92 -9.06 21.13
C ALA B 554 40.97 -8.98 19.61
N MET B 555 41.64 -9.92 18.96
CA MET B 555 41.64 -9.92 17.50
C MET B 555 40.22 -10.10 16.96
N ALA B 556 39.45 -11.00 17.59
CA ALA B 556 38.06 -11.18 17.16
C ALA B 556 37.23 -9.93 17.41
N LEU B 557 37.43 -9.28 18.56
CA LEU B 557 36.66 -8.09 18.87
C LEU B 557 36.99 -6.94 17.93
N GLY B 558 38.25 -6.86 17.49
CA GLY B 558 38.60 -5.85 16.50
C GLY B 558 37.99 -6.14 15.14
N TRP B 559 38.10 -7.38 14.69
CA TRP B 559 37.44 -7.75 13.44
C TRP B 559 35.94 -7.54 13.51
N ALA B 560 35.38 -7.51 14.72
CA ALA B 560 33.96 -7.18 14.87
C ALA B 560 33.74 -5.67 14.87
N ASN B 561 34.62 -4.92 15.52
CA ASN B 561 34.57 -3.47 15.52
C ASN B 561 34.77 -2.87 14.15
N MET B 562 35.21 -3.66 13.18
CA MET B 562 35.24 -3.22 11.79
C MET B 562 33.86 -2.76 11.32
N LEU B 563 32.81 -3.06 12.09
CA LEU B 563 31.46 -2.64 11.74
C LEU B 563 31.34 -1.11 11.72
N TYR B 564 31.89 -0.46 12.74
CA TYR B 564 31.83 0.99 12.83
C TYR B 564 32.41 1.66 11.59
N TYR B 565 33.35 1.00 10.91
CA TYR B 565 33.92 1.58 9.72
C TYR B 565 33.23 1.09 8.45
N THR B 566 32.62 -0.09 8.47
CA THR B 566 31.83 -0.50 7.33
C THR B 566 30.39 -0.02 7.40
N ARG B 567 30.09 0.92 8.30
CA ARG B 567 28.84 1.66 8.23
C ARG B 567 29.08 3.09 7.76
N GLY B 568 30.16 3.31 7.02
CA GLY B 568 30.44 4.59 6.40
C GLY B 568 29.97 4.72 4.96
N PHE B 569 30.39 3.79 4.11
CA PHE B 569 29.97 3.83 2.71
C PHE B 569 28.53 3.36 2.59
N GLN B 570 27.84 3.82 1.54
CA GLN B 570 26.37 3.76 1.52
C GLN B 570 25.86 2.33 1.46
N SER B 571 26.31 1.57 0.45
CA SER B 571 25.93 0.15 0.40
C SER B 571 26.36 -0.56 1.66
N MET B 572 27.60 -0.30 2.10
CA MET B 572 28.06 -0.87 3.35
C MET B 572 27.27 -0.33 4.54
N SER B 573 26.82 0.93 4.47
CA SER B 573 26.01 1.48 5.56
C SER B 573 24.72 0.67 5.72
N MET B 574 23.97 0.52 4.62
CA MET B 574 22.73 -0.24 4.70
C MET B 574 22.98 -1.66 5.16
N TYR B 575 23.97 -2.34 4.55
CA TYR B 575 24.25 -3.73 4.90
C TYR B 575 24.62 -3.86 6.38
N SER B 576 25.64 -3.11 6.80
CA SER B 576 26.13 -3.19 8.18
C SER B 576 25.04 -2.87 9.18
N VAL B 577 24.24 -1.83 8.92
CA VAL B 577 23.30 -1.44 9.95
C VAL B 577 22.07 -2.33 9.96
N MET B 578 21.69 -2.96 8.84
CA MET B 578 20.59 -3.92 8.97
C MET B 578 21.10 -5.21 9.62
N ILE B 579 22.35 -5.59 9.40
CA ILE B 579 22.94 -6.67 10.20
C ILE B 579 22.88 -6.32 11.68
N GLN B 580 23.31 -5.10 12.02
CA GLN B 580 23.38 -4.71 13.42
C GLN B 580 22.01 -4.64 14.05
N LYS B 581 21.02 -4.16 13.31
CA LYS B 581 19.66 -4.13 13.84
C LYS B 581 19.10 -5.53 14.02
N VAL B 582 19.41 -6.46 13.11
CA VAL B 582 19.07 -7.86 13.34
C VAL B 582 19.69 -8.34 14.65
N ILE B 583 21.01 -8.25 14.74
CA ILE B 583 21.77 -8.71 15.90
C ILE B 583 21.17 -8.19 17.20
N LEU B 584 20.89 -6.89 17.27
CA LEU B 584 20.52 -6.30 18.54
C LEU B 584 19.03 -6.46 18.81
N HIS B 585 18.18 -6.24 17.82
CA HIS B 585 16.74 -6.35 18.01
C HIS B 585 16.34 -7.78 18.34
N ASP B 586 16.57 -8.71 17.42
CA ASP B 586 15.72 -9.89 17.45
C ASP B 586 16.45 -11.21 17.75
N VAL B 587 17.64 -11.41 17.18
CA VAL B 587 18.31 -12.69 17.42
C VAL B 587 18.67 -12.82 18.89
N LEU B 588 18.77 -11.71 19.62
CA LEU B 588 19.13 -11.78 21.03
C LEU B 588 17.97 -12.30 21.89
N LYS B 589 16.76 -11.79 21.66
CA LYS B 589 15.61 -12.34 22.38
C LYS B 589 15.36 -13.78 21.95
N PHE B 590 15.55 -14.08 20.65
CA PHE B 590 15.47 -15.46 20.20
C PHE B 590 16.48 -16.33 20.94
N LEU B 591 17.69 -15.82 21.13
CA LEU B 591 18.72 -16.58 21.83
C LEU B 591 18.34 -16.79 23.29
N PHE B 592 17.76 -15.79 23.93
CA PHE B 592 17.33 -15.97 25.32
C PHE B 592 16.29 -17.08 25.44
N VAL B 593 15.23 -17.00 24.62
CA VAL B 593 14.18 -18.00 24.72
C VAL B 593 14.70 -19.38 24.30
N TYR B 594 15.63 -19.42 23.34
CA TYR B 594 16.22 -20.69 22.92
C TYR B 594 17.13 -21.26 23.99
N ILE B 595 17.78 -20.40 24.77
CA ILE B 595 18.59 -20.88 25.89
C ILE B 595 17.69 -21.45 26.97
N VAL B 596 16.52 -20.84 27.18
CA VAL B 596 15.58 -21.42 28.14
C VAL B 596 15.09 -22.78 27.64
N PHE B 597 14.80 -22.87 26.34
CA PHE B 597 14.51 -24.16 25.73
C PHE B 597 15.59 -25.18 26.04
N LEU B 598 16.85 -24.82 25.73
CA LEU B 598 17.97 -25.72 25.95
C LEU B 598 18.05 -26.17 27.39
N LEU B 599 17.95 -25.24 28.34
CA LEU B 599 18.11 -25.59 29.73
C LEU B 599 17.01 -26.53 30.20
N GLY B 600 15.76 -26.19 29.91
CA GLY B 600 14.66 -27.04 30.32
C GLY B 600 14.73 -28.42 29.71
N PHE B 601 14.96 -28.49 28.40
CA PHE B 601 15.02 -29.80 27.76
C PHE B 601 16.24 -30.58 28.18
N GLY B 602 17.34 -29.90 28.51
CA GLY B 602 18.51 -30.60 29.01
C GLY B 602 18.25 -31.24 30.35
N VAL B 603 17.68 -30.48 31.29
CA VAL B 603 17.39 -31.09 32.59
C VAL B 603 16.36 -32.20 32.42
N ALA B 604 15.38 -32.03 31.54
CA ALA B 604 14.41 -33.09 31.31
C ALA B 604 15.07 -34.36 30.81
N LEU B 605 15.83 -34.25 29.71
CA LEU B 605 16.46 -35.41 29.12
C LEU B 605 17.43 -36.08 30.09
N ALA B 606 18.28 -35.29 30.75
CA ALA B 606 19.22 -35.87 31.71
C ALA B 606 18.52 -36.45 32.93
N SER B 607 17.30 -36.04 33.22
CA SER B 607 16.54 -36.69 34.27
C SER B 607 15.80 -37.91 33.77
N LEU B 608 15.67 -38.07 32.46
CA LEU B 608 15.10 -39.28 31.89
C LEU B 608 16.13 -40.39 31.70
N ILE B 609 17.42 -40.04 31.68
CA ILE B 609 18.44 -41.03 31.36
C ILE B 609 18.61 -42.00 32.52
N GLU B 610 19.10 -43.20 32.19
CA GLU B 610 19.45 -44.21 33.17
C GLU B 610 20.93 -44.54 33.04
N LYS B 611 21.60 -44.68 34.17
CA LYS B 611 23.03 -44.98 34.16
C LYS B 611 23.28 -46.35 33.54
N CYS B 612 24.37 -46.45 32.77
CA CYS B 612 24.73 -47.65 32.03
C CYS B 612 25.83 -48.40 32.77
N PRO B 613 25.70 -49.72 32.96
CA PRO B 613 26.68 -50.43 33.79
C PRO B 613 27.94 -50.84 33.04
N ASN B 616 29.49 -49.52 30.97
CA ASN B 616 29.48 -48.92 29.66
C ASN B 616 28.72 -47.61 29.70
N LYS B 617 29.01 -46.79 30.72
CA LYS B 617 28.26 -45.54 30.95
C LYS B 617 28.16 -44.67 29.71
N ASP B 618 29.10 -44.79 28.78
CA ASP B 618 29.05 -44.06 27.52
C ASP B 618 28.09 -44.66 26.51
N CYS B 619 27.27 -45.64 26.91
CA CYS B 619 26.32 -46.27 25.98
C CYS B 619 25.15 -45.36 25.64
N SER B 620 25.13 -44.13 26.12
CA SER B 620 24.07 -43.18 25.81
C SER B 620 24.64 -41.77 25.87
N SER B 621 24.51 -41.04 24.77
CA SER B 621 25.19 -39.76 24.64
C SER B 621 24.67 -38.73 25.65
N TYR B 622 23.36 -38.75 25.92
CA TYR B 622 22.77 -37.80 26.88
C TYR B 622 23.10 -38.25 28.30
N GLY B 623 24.37 -38.05 28.67
CA GLY B 623 24.83 -38.54 29.95
C GLY B 623 24.68 -37.48 31.02
N SER B 624 25.78 -36.84 31.42
CA SER B 624 25.68 -35.69 32.29
C SER B 624 24.92 -34.56 31.59
N PHE B 625 24.54 -33.56 32.38
CA PHE B 625 23.72 -32.47 31.87
C PHE B 625 24.39 -31.78 30.69
N SER B 626 25.65 -31.35 30.87
CA SER B 626 26.34 -30.61 29.83
C SER B 626 26.42 -31.42 28.53
N ASP B 627 26.59 -32.74 28.65
CA ASP B 627 26.55 -33.58 27.46
C ASP B 627 25.22 -33.44 26.74
N ALA B 628 24.11 -33.55 27.47
CA ALA B 628 22.80 -33.43 26.87
C ALA B 628 22.62 -32.08 26.19
N VAL B 629 23.09 -31.01 26.84
CA VAL B 629 22.97 -29.69 26.24
C VAL B 629 23.78 -29.60 24.95
N LEU B 630 24.95 -30.24 24.94
CA LEU B 630 25.75 -30.25 23.72
C LEU B 630 25.03 -30.96 22.58
N GLU B 631 24.46 -32.14 22.87
CA GLU B 631 23.76 -32.86 21.83
C GLU B 631 22.53 -32.09 21.35
N LEU B 632 21.87 -31.39 22.27
CA LEU B 632 20.70 -30.60 21.87
C LEU B 632 21.10 -29.43 20.98
N PHE B 633 22.22 -28.76 21.31
CA PHE B 633 22.76 -27.76 20.41
C PHE B 633 23.02 -28.35 19.03
N LYS B 634 23.76 -29.45 18.97
CA LYS B 634 24.09 -30.08 17.70
C LYS B 634 22.84 -30.46 16.92
N LEU B 635 21.78 -30.81 17.66
CA LEU B 635 20.49 -31.15 17.01
C LEU B 635 19.90 -29.89 16.39
N THR B 636 19.99 -28.75 17.10
CA THR B 636 19.45 -27.47 16.59
C THR B 636 20.19 -27.08 15.31
N ILE B 637 21.51 -27.27 15.29
CA ILE B 637 22.32 -26.94 14.07
C ILE B 637 22.24 -28.10 13.09
N GLY B 638 21.78 -29.27 13.53
CA GLY B 638 21.64 -30.40 12.63
C GLY B 638 22.83 -31.33 12.55
N LEU B 639 23.48 -31.59 13.69
CA LEU B 639 24.63 -32.50 13.73
C LEU B 639 24.47 -33.63 14.72
N GLY B 640 23.48 -33.56 15.63
CA GLY B 640 23.26 -34.60 16.60
C GLY B 640 22.76 -35.87 15.97
N ASP B 641 22.47 -36.86 16.83
CA ASP B 641 22.02 -38.17 16.38
C ASP B 641 20.72 -38.51 17.11
N LEU B 642 19.72 -38.93 16.36
CA LEU B 642 18.44 -39.36 16.91
C LEU B 642 18.44 -40.88 16.98
N ASN B 643 18.82 -41.41 18.14
CA ASN B 643 18.75 -42.84 18.41
C ASN B 643 17.76 -43.06 19.54
N ILE B 644 16.72 -43.86 19.30
CA ILE B 644 15.70 -44.09 20.30
C ILE B 644 16.26 -44.82 21.52
N GLN B 645 17.37 -45.54 21.37
CA GLN B 645 17.94 -46.30 22.47
C GLN B 645 18.97 -45.46 23.24
N GLN B 646 18.43 -44.47 23.95
CA GLN B 646 19.22 -43.63 24.84
C GLN B 646 19.22 -44.15 26.28
N ASN B 647 19.08 -45.46 26.46
CA ASN B 647 19.05 -46.07 27.79
C ASN B 647 17.97 -45.43 28.66
N SER B 648 16.81 -45.21 28.06
CA SER B 648 15.71 -44.57 28.76
C SER B 648 14.90 -45.59 29.55
N LYS B 649 14.09 -45.08 30.47
CA LYS B 649 13.11 -45.89 31.18
C LYS B 649 11.72 -45.79 30.57
N TYR B 650 11.42 -44.67 29.92
CA TYR B 650 10.18 -44.50 29.16
C TYR B 650 10.58 -43.98 27.78
N PRO B 651 11.13 -44.84 26.93
CA PRO B 651 11.68 -44.37 25.65
C PRO B 651 10.69 -43.60 24.80
N ILE B 652 9.41 -43.95 24.84
CA ILE B 652 8.42 -43.21 24.07
C ILE B 652 8.32 -41.77 24.58
N LEU B 653 8.34 -41.59 25.89
CA LEU B 653 8.23 -40.24 26.44
C LEU B 653 9.49 -39.43 26.18
N PHE B 654 10.66 -40.06 26.27
CA PHE B 654 11.89 -39.37 25.95
C PHE B 654 11.91 -38.93 24.49
N LEU B 655 11.51 -39.83 23.58
CA LEU B 655 11.43 -39.47 22.18
C LEU B 655 10.43 -38.34 21.96
N PHE B 656 9.33 -38.37 22.70
CA PHE B 656 8.34 -37.30 22.60
C PHE B 656 8.96 -35.96 23.00
N LEU B 657 9.66 -35.94 24.14
CA LEU B 657 10.27 -34.69 24.59
C LEU B 657 11.32 -34.20 23.61
N LEU B 658 12.09 -35.11 23.02
CA LEU B 658 13.13 -34.69 22.08
C LEU B 658 12.52 -34.12 20.80
N ILE B 659 11.51 -34.80 20.27
CA ILE B 659 10.82 -34.27 19.09
C ILE B 659 10.17 -32.93 19.42
N THR B 660 9.65 -32.80 20.64
CA THR B 660 9.07 -31.54 21.06
C THR B 660 10.12 -30.43 21.04
N TYR B 661 11.30 -30.70 21.58
CA TYR B 661 12.35 -29.69 21.58
C TYR B 661 12.73 -29.27 20.17
N VAL B 662 12.97 -30.25 19.29
CA VAL B 662 13.43 -29.89 17.96
C VAL B 662 12.33 -29.16 17.19
N ILE B 663 11.07 -29.57 17.39
CA ILE B 663 9.95 -28.91 16.71
C ILE B 663 9.78 -27.49 17.22
N LEU B 664 9.90 -27.29 18.53
CA LEU B 664 9.70 -25.96 19.09
C LEU B 664 10.84 -25.02 18.73
N THR B 665 12.07 -25.53 18.64
CA THR B 665 13.15 -24.66 18.20
C THR B 665 13.03 -24.37 16.70
N PHE B 666 12.49 -25.32 15.95
CA PHE B 666 12.12 -25.05 14.56
C PHE B 666 11.10 -23.92 14.49
N VAL B 667 10.10 -23.96 15.37
CA VAL B 667 9.06 -22.94 15.38
C VAL B 667 9.64 -21.59 15.81
N LEU B 668 10.61 -21.60 16.71
CA LEU B 668 11.27 -20.36 17.08
C LEU B 668 12.08 -19.81 15.91
N LEU B 669 12.69 -20.68 15.12
CA LEU B 669 13.35 -20.24 13.90
C LEU B 669 12.36 -19.58 12.95
N LEU B 670 11.19 -20.21 12.76
CA LEU B 670 10.18 -19.62 11.88
C LEU B 670 9.70 -18.28 12.40
N ASN B 671 9.45 -18.19 13.72
CA ASN B 671 8.98 -16.95 14.31
C ASN B 671 10.02 -15.85 14.16
N MET B 672 11.29 -16.17 14.39
CA MET B 672 12.35 -15.21 14.13
C MET B 672 12.34 -14.76 12.68
N LEU B 673 12.20 -15.71 11.76
CA LEU B 673 12.19 -15.38 10.34
C LEU B 673 11.08 -14.40 10.01
N ILE B 674 9.88 -14.60 10.58
CA ILE B 674 8.78 -13.67 10.31
C ILE B 674 9.08 -12.31 10.94
N ALA B 675 9.64 -12.32 12.16
CA ALA B 675 9.91 -11.07 12.85
C ALA B 675 10.94 -10.22 12.12
N LEU B 676 11.87 -10.84 11.40
CA LEU B 676 12.84 -10.07 10.64
C LEU B 676 12.51 -9.94 9.16
N MET B 677 11.50 -10.64 8.66
CA MET B 677 11.15 -10.55 7.25
C MET B 677 9.85 -9.81 6.99
N GLY B 678 9.06 -9.51 8.02
CA GLY B 678 7.85 -8.75 7.80
C GLY B 678 7.88 -7.37 8.43
N GLU B 679 8.50 -7.26 9.61
CA GLU B 679 8.45 -6.01 10.36
C GLU B 679 9.52 -5.03 9.88
N THR B 680 10.79 -5.43 9.97
CA THR B 680 11.88 -4.52 9.65
C THR B 680 11.87 -4.11 8.19
N VAL B 681 11.41 -5.01 7.31
CA VAL B 681 11.51 -4.78 5.87
C VAL B 681 10.78 -3.52 5.43
N GLU B 682 9.80 -3.07 6.23
CA GLU B 682 9.13 -1.81 5.92
C GLU B 682 10.07 -0.62 6.14
N ASN B 683 10.56 -0.47 7.36
CA ASN B 683 11.35 0.70 7.74
C ASN B 683 12.85 0.46 7.69
N VAL B 684 13.31 -0.67 7.15
CA VAL B 684 14.74 -0.94 7.11
C VAL B 684 15.48 0.16 6.36
N SER B 685 14.98 0.52 5.16
CA SER B 685 15.64 1.54 4.36
C SER B 685 15.74 2.86 5.11
N LYS B 686 14.59 3.37 5.59
CA LYS B 686 14.55 4.68 6.21
C LYS B 686 15.38 4.73 7.49
N GLU B 687 15.22 3.70 8.33
CA GLU B 687 16.00 3.62 9.57
C GLU B 687 17.50 3.57 9.26
N SER B 688 17.89 2.78 8.26
CA SER B 688 19.29 2.70 7.89
C SER B 688 19.81 4.07 7.47
N GLU B 689 19.05 4.77 6.63
CA GLU B 689 19.49 6.08 6.19
C GLU B 689 19.65 7.04 7.37
N ARG B 690 18.66 7.08 8.27
CA ARG B 690 18.74 8.07 9.34
C ARG B 690 19.86 7.73 10.32
N ILE B 691 20.08 6.44 10.61
CA ILE B 691 21.14 6.11 11.56
C ILE B 691 22.50 6.33 10.93
N TRP B 692 22.67 5.99 9.65
CA TRP B 692 23.93 6.30 8.98
C TRP B 692 24.17 7.80 8.94
N ARG B 693 23.11 8.59 8.73
CA ARG B 693 23.27 10.03 8.63
C ARG B 693 23.67 10.63 9.96
N LEU B 694 23.04 10.19 11.05
CA LEU B 694 23.45 10.66 12.37
C LEU B 694 24.89 10.25 12.67
N GLN B 695 25.25 9.02 12.29
CA GLN B 695 26.62 8.57 12.50
C GLN B 695 27.61 9.43 11.73
N ARG B 696 27.29 9.75 10.48
CA ARG B 696 28.16 10.56 9.66
C ARG B 696 28.30 11.98 10.22
N ALA B 697 27.18 12.55 10.67
CA ALA B 697 27.25 13.85 11.30
C ALA B 697 28.14 13.83 12.53
N ARG B 698 28.00 12.80 13.36
CA ARG B 698 28.83 12.71 14.56
C ARG B 698 30.30 12.57 14.21
N THR B 699 30.62 11.73 13.22
CA THR B 699 32.01 11.56 12.82
C THR B 699 32.60 12.85 12.26
N ILE B 700 31.83 13.55 11.43
CA ILE B 700 32.30 14.81 10.86
C ILE B 700 32.58 15.82 11.96
N LEU B 701 31.63 15.98 12.87
CA LEU B 701 31.81 16.97 13.94
C LEU B 701 32.90 16.55 14.91
N GLU B 702 33.18 15.24 15.00
CA GLU B 702 34.25 14.78 15.88
C GLU B 702 35.61 15.07 15.26
N PHE B 703 35.80 14.69 13.99
CA PHE B 703 37.00 15.06 13.27
C PHE B 703 37.23 16.57 13.32
N GLU B 704 36.15 17.34 13.19
CA GLU B 704 36.26 18.80 13.25
C GLU B 704 36.96 19.27 14.51
N LYS B 705 36.72 18.60 15.64
CA LYS B 705 37.43 18.93 16.87
C LYS B 705 38.83 18.36 16.92
N MET B 706 39.07 17.22 16.25
CA MET B 706 40.37 16.58 16.30
C MET B 706 41.46 17.41 15.64
N LEU B 707 41.09 18.46 14.92
CA LEU B 707 42.04 19.27 14.18
C LEU B 707 42.43 20.53 14.96
N PRO B 708 43.60 21.09 14.69
CA PRO B 708 44.03 22.30 15.40
C PRO B 708 43.30 23.53 14.88
N GLU B 709 43.51 24.64 15.58
CA GLU B 709 42.82 25.88 15.25
C GLU B 709 43.25 26.39 13.88
N TRP B 710 44.55 26.38 13.58
CA TRP B 710 45.03 26.92 12.32
C TRP B 710 44.50 26.13 11.13
N LEU B 711 44.52 24.80 11.21
CA LEU B 711 44.03 24.00 10.10
C LEU B 711 42.52 24.16 9.93
N ARG B 712 41.79 24.21 11.05
CA ARG B 712 40.34 24.44 10.98
C ARG B 712 40.04 25.76 10.30
N SER B 713 40.74 26.83 10.70
CA SER B 713 40.57 28.11 10.02
C SER B 713 40.97 28.01 8.56
N ARG B 714 41.92 27.14 8.23
CA ARG B 714 42.28 26.93 6.83
C ARG B 714 41.15 26.25 6.07
N PHE B 715 40.32 25.47 6.76
CA PHE B 715 39.17 24.85 6.08
C PHE B 715 38.01 25.84 5.95
N ARG B 716 37.44 26.25 7.08
CA ARG B 716 36.51 27.37 7.18
C ARG B 716 35.47 27.36 6.04
N MET B 717 34.59 26.36 6.11
CA MET B 717 33.49 26.27 5.17
C MET B 717 32.70 27.56 5.13
N GLY B 718 32.27 27.95 3.93
CA GLY B 718 31.56 29.19 3.74
C GLY B 718 32.46 30.31 3.24
N GLU B 719 31.83 31.35 2.72
CA GLU B 719 32.51 32.50 2.16
C GLU B 719 32.08 33.76 2.89
N LEU B 720 32.53 34.90 2.37
CA LEU B 720 32.05 36.20 2.82
C LEU B 720 31.00 36.72 1.86
N CYS B 721 30.19 37.68 2.34
CA CYS B 721 29.13 38.22 1.52
C CYS B 721 28.57 39.52 2.08
N LYS B 722 28.53 40.56 1.26
CA LYS B 722 27.96 41.84 1.69
C LYS B 722 26.47 41.86 1.39
N VAL B 723 25.66 42.09 2.42
CA VAL B 723 24.21 42.11 2.27
C VAL B 723 23.56 43.37 2.82
N ALA B 724 24.15 44.03 3.80
CA ALA B 724 23.57 45.21 4.42
C ALA B 724 24.48 46.41 4.18
N GLU B 725 24.16 47.52 4.85
CA GLU B 725 25.06 48.67 4.84
C GLU B 725 26.48 48.24 5.18
N ASP B 726 26.66 47.56 6.31
CA ASP B 726 27.91 46.87 6.62
C ASP B 726 27.57 45.66 7.47
N ASP B 727 27.37 44.52 6.81
CA ASP B 727 27.15 43.25 7.51
C ASP B 727 28.27 42.26 7.26
N PHE B 728 28.52 41.92 6.00
CA PHE B 728 29.64 41.06 5.62
C PHE B 728 29.72 39.79 6.47
N ARG B 729 28.57 39.22 6.76
CA ARG B 729 28.60 38.00 7.55
C ARG B 729 28.91 36.85 6.62
N LEU B 730 29.23 35.69 7.19
CA LEU B 730 29.54 34.51 6.42
C LEU B 730 28.29 34.00 5.70
N CYS B 731 28.53 33.24 4.63
CA CYS B 731 27.45 32.74 3.80
C CYS B 731 27.90 31.46 3.12
N LEU B 732 26.94 30.79 2.48
CA LEU B 732 27.16 29.47 1.89
C LEU B 732 26.29 29.37 0.65
N ARG B 733 26.89 29.56 -0.52
CA ARG B 733 26.14 29.58 -1.76
C ARG B 733 25.50 28.23 -2.05
N ILE B 734 24.28 28.28 -2.59
CA ILE B 734 23.58 27.09 -3.05
C ILE B 734 22.85 27.40 -4.35
N ASN B 735 23.36 26.89 -5.47
CA ASN B 735 22.65 27.04 -6.72
C ASN B 735 21.41 26.17 -6.71
N GLU B 736 20.45 26.50 -7.58
CA GLU B 736 19.20 25.76 -7.63
C GLU B 736 18.54 25.99 -8.99
N VAL B 737 17.45 25.26 -9.21
CA VAL B 737 16.69 25.36 -10.45
C VAL B 737 15.23 25.04 -10.12
N LYS B 738 14.32 25.90 -10.55
CA LYS B 738 12.89 25.71 -10.31
C LYS B 738 12.11 26.29 -11.49
N TRP B 739 11.39 25.43 -12.21
CA TRP B 739 10.60 25.84 -13.36
C TRP B 739 9.14 26.10 -13.02
N THR B 740 8.75 25.98 -11.75
CA THR B 740 7.34 26.00 -11.41
C THR B 740 6.83 27.40 -11.11
N GLU B 741 7.54 28.15 -10.27
CA GLU B 741 7.08 29.46 -9.82
C GLU B 741 7.90 30.52 -10.54
N TRP B 742 7.27 31.18 -11.52
CA TRP B 742 7.90 32.25 -12.28
C TRP B 742 7.57 33.58 -11.59
N LYS B 743 8.60 34.36 -11.30
CA LYS B 743 8.43 35.65 -10.63
C LYS B 743 9.41 36.65 -11.20
N THR B 744 8.92 37.87 -11.46
CA THR B 744 9.81 38.96 -11.84
C THR B 744 10.77 39.24 -10.70
N HIS B 745 12.05 38.94 -10.91
CA HIS B 745 13.02 39.01 -9.83
C HIS B 745 13.19 40.44 -9.35
N VAL B 746 13.15 40.62 -8.02
CA VAL B 746 13.14 41.93 -7.40
C VAL B 746 14.36 42.16 -6.53
N SER B 747 14.74 41.19 -5.72
CA SER B 747 15.82 41.35 -4.75
C SER B 747 16.99 40.45 -5.14
N PHE B 748 18.20 41.01 -5.07
CA PHE B 748 19.43 40.26 -5.30
C PHE B 748 20.60 41.14 -4.88
N LEU B 749 21.75 40.50 -4.65
CA LEU B 749 22.95 41.22 -4.26
C LEU B 749 23.75 41.66 -5.48
N ASN B 750 24.16 40.70 -6.31
CA ASN B 750 24.88 41.01 -7.54
C ASN B 750 23.92 40.95 -8.71
N GLU B 751 23.65 42.12 -9.31
CA GLU B 751 22.74 42.17 -10.45
C GLU B 751 23.31 41.40 -11.63
N ASP B 752 24.64 41.32 -11.74
CA ASP B 752 25.28 40.59 -12.81
C ASP B 752 25.51 39.15 -12.35
N PRO B 753 24.83 38.16 -12.94
CA PRO B 753 25.01 36.78 -12.48
C PRO B 753 26.37 36.23 -12.88
N GLY B 754 27.11 35.75 -11.89
CA GLY B 754 28.40 35.12 -12.13
C GLY B 754 28.36 33.62 -12.02
N ARG C 118 -16.30 13.10 -66.36
CA ARG C 118 -15.76 14.43 -66.17
C ARG C 118 -16.59 15.23 -65.17
N LEU C 119 -17.87 15.45 -65.52
CA LEU C 119 -18.75 16.17 -64.60
C LEU C 119 -19.09 15.33 -63.37
N LYS C 120 -19.05 14.00 -63.51
CA LYS C 120 -19.34 13.14 -62.37
C LYS C 120 -18.33 13.36 -61.26
N LYS C 121 -17.05 13.14 -61.54
CA LYS C 121 -16.00 13.38 -60.56
C LYS C 121 -15.96 14.84 -60.14
N ARG C 122 -16.34 15.75 -61.05
CA ARG C 122 -16.40 17.16 -60.69
C ARG C 122 -17.39 17.40 -59.55
N ILE C 123 -18.64 16.97 -59.73
CA ILE C 123 -19.63 17.13 -58.68
C ILE C 123 -19.25 16.34 -57.44
N PHE C 124 -18.62 15.17 -57.62
CA PHE C 124 -18.21 14.37 -56.47
C PHE C 124 -17.20 15.12 -55.61
N ALA C 125 -16.16 15.67 -56.23
CA ALA C 125 -15.19 16.45 -55.48
C ALA C 125 -15.80 17.72 -54.91
N ALA C 126 -16.73 18.34 -55.65
CA ALA C 126 -17.37 19.55 -55.15
C ALA C 126 -18.17 19.28 -53.89
N VAL C 127 -18.84 18.13 -53.83
CA VAL C 127 -19.65 17.81 -52.66
C VAL C 127 -18.79 17.24 -51.54
N SER C 128 -17.70 16.54 -51.86
CA SER C 128 -16.83 16.00 -50.82
C SER C 128 -16.07 17.13 -50.13
N GLU C 129 -15.47 18.04 -50.90
CA GLU C 129 -14.87 19.22 -50.31
C GLU C 129 -15.93 20.10 -49.66
N GLY C 130 -17.04 20.30 -50.34
CA GLY C 130 -18.10 21.15 -49.82
C GLY C 130 -17.68 22.58 -49.58
N CYS C 131 -16.60 23.03 -50.22
CA CYS C 131 -16.07 24.37 -50.00
C CYS C 131 -17.06 25.46 -50.36
N VAL C 132 -18.10 25.14 -51.13
CA VAL C 132 -19.16 26.08 -51.47
C VAL C 132 -20.35 25.29 -52.00
N GLU C 133 -21.54 25.84 -51.84
CA GLU C 133 -22.74 25.22 -52.37
C GLU C 133 -23.19 25.81 -53.69
N GLU C 134 -22.71 27.00 -54.04
CA GLU C 134 -23.12 27.63 -55.29
C GLU C 134 -22.68 26.82 -56.50
N LEU C 135 -21.42 26.37 -56.51
CA LEU C 135 -20.95 25.62 -57.67
C LEU C 135 -21.57 24.23 -57.73
N VAL C 136 -21.92 23.66 -56.57
CA VAL C 136 -22.59 22.36 -56.62
C VAL C 136 -24.01 22.51 -57.12
N GLU C 137 -24.68 23.63 -56.78
CA GLU C 137 -26.00 23.89 -57.36
C GLU C 137 -25.90 24.12 -58.86
N LEU C 138 -24.84 24.81 -59.30
CA LEU C 138 -24.63 25.01 -60.73
C LEU C 138 -24.39 23.68 -61.44
N LEU C 139 -23.60 22.79 -60.83
CA LEU C 139 -23.37 21.48 -61.41
C LEU C 139 -24.66 20.67 -61.46
N VAL C 140 -25.50 20.80 -60.44
CA VAL C 140 -26.79 20.11 -60.44
C VAL C 140 -27.66 20.64 -61.58
N GLU C 141 -27.67 21.96 -61.78
CA GLU C 141 -28.44 22.54 -62.88
C GLU C 141 -27.93 22.04 -64.23
N LEU C 142 -26.61 21.97 -64.39
CA LEU C 142 -26.04 21.48 -65.64
C LEU C 142 -26.39 20.01 -65.88
N GLN C 143 -26.33 19.20 -64.82
CA GLN C 143 -26.71 17.79 -64.96
C GLN C 143 -28.19 17.64 -65.30
N GLU C 144 -29.04 18.48 -64.72
CA GLU C 144 -30.46 18.44 -65.04
C GLU C 144 -30.70 18.84 -66.49
N LEU C 145 -30.00 19.87 -66.97
CA LEU C 145 -30.12 20.26 -68.37
C LEU C 145 -29.66 19.14 -69.29
N CYS C 146 -28.56 18.47 -68.94
CA CYS C 146 -28.08 17.36 -69.76
C CYS C 146 -29.04 16.17 -69.72
N ARG C 147 -29.72 15.97 -68.60
CA ARG C 147 -30.66 14.85 -68.49
C ARG C 147 -31.96 15.13 -69.23
N ARG C 148 -32.37 16.41 -69.30
CA ARG C 148 -33.60 16.74 -70.01
C ARG C 148 -33.47 16.43 -71.50
N ARG C 149 -32.31 16.68 -72.07
CA ARG C 149 -32.08 16.39 -73.49
C ARG C 149 -31.00 15.33 -73.66
N VAL C 154 -35.25 8.04 -68.19
CA VAL C 154 -34.83 9.36 -67.74
C VAL C 154 -34.32 9.36 -66.29
N PRO C 155 -35.08 8.78 -65.34
CA PRO C 155 -34.55 8.72 -63.96
C PRO C 155 -33.42 7.73 -63.81
N ASP C 156 -33.47 6.61 -64.52
CA ASP C 156 -32.35 5.66 -64.49
C ASP C 156 -31.07 6.32 -64.96
N PHE C 157 -31.16 7.18 -65.98
CA PHE C 157 -29.97 7.89 -66.45
C PHE C 157 -29.45 8.85 -65.40
N LEU C 158 -30.35 9.58 -64.72
CA LEU C 158 -29.93 10.49 -63.68
C LEU C 158 -29.25 9.74 -62.54
N MET C 159 -29.75 8.55 -62.20
CA MET C 159 -29.08 7.73 -61.20
C MET C 159 -27.71 7.28 -61.67
N HIS C 160 -27.64 6.72 -62.87
CA HIS C 160 -26.36 6.26 -63.42
C HIS C 160 -25.33 7.36 -63.45
N LYS C 161 -25.76 8.60 -63.72
CA LYS C 161 -24.84 9.73 -63.77
C LYS C 161 -24.55 10.32 -62.40
N LEU C 162 -25.42 10.11 -61.40
CA LEU C 162 -25.25 10.69 -60.08
C LEU C 162 -24.59 9.74 -59.09
N THR C 163 -24.29 8.51 -59.50
CA THR C 163 -23.65 7.53 -58.63
C THR C 163 -22.38 7.02 -59.30
N ALA C 164 -21.54 6.34 -58.53
CA ALA C 164 -20.36 5.68 -59.05
C ALA C 164 -20.61 4.18 -59.06
N SER C 165 -20.64 3.59 -60.27
CA SER C 165 -20.98 2.18 -60.43
C SER C 165 -19.90 1.24 -59.93
N ASP C 166 -18.81 1.74 -59.35
CA ASP C 166 -17.79 0.87 -58.79
C ASP C 166 -18.31 0.16 -57.54
N THR C 167 -18.74 0.93 -56.54
CA THR C 167 -19.34 0.38 -55.33
C THR C 167 -20.82 0.71 -55.22
N GLY C 168 -21.25 1.85 -55.74
CA GLY C 168 -22.59 2.35 -55.53
C GLY C 168 -22.65 3.59 -54.68
N LYS C 169 -21.51 4.13 -54.25
CA LYS C 169 -21.46 5.32 -53.42
C LYS C 169 -22.03 6.52 -54.17
N THR C 170 -23.19 7.00 -53.74
CA THR C 170 -23.82 8.13 -54.41
C THR C 170 -23.29 9.44 -53.86
N CYS C 171 -23.78 10.55 -54.42
CA CYS C 171 -23.34 11.86 -53.97
C CYS C 171 -23.79 12.15 -52.54
N LEU C 172 -24.94 11.62 -52.14
CA LEU C 172 -25.39 11.82 -50.77
C LEU C 172 -24.46 11.14 -49.77
N MET C 173 -24.10 9.89 -50.04
CA MET C 173 -23.15 9.19 -49.18
C MET C 173 -21.84 9.93 -49.12
N LYS C 174 -21.32 10.37 -50.28
CA LYS C 174 -20.04 11.08 -50.29
C LYS C 174 -20.12 12.37 -49.50
N ALA C 175 -21.26 13.04 -49.56
CA ALA C 175 -21.46 14.25 -48.74
C ALA C 175 -21.40 13.91 -47.26
N LEU C 176 -22.12 12.85 -46.86
CA LEU C 176 -22.17 12.52 -45.44
C LEU C 176 -20.83 12.01 -44.92
N LEU C 177 -20.01 11.40 -45.79
CA LEU C 177 -18.73 10.88 -45.32
C LEU C 177 -17.77 11.97 -44.89
N ASN C 178 -17.86 13.15 -45.50
CA ASN C 178 -16.94 14.25 -45.24
C ASN C 178 -17.73 15.39 -44.61
N ILE C 179 -17.83 15.38 -43.28
CA ILE C 179 -18.64 16.36 -42.56
C ILE C 179 -17.88 17.69 -42.52
N ASN C 180 -18.36 18.64 -43.30
CA ASN C 180 -17.95 20.04 -43.22
C ASN C 180 -19.17 20.86 -42.86
N PRO C 181 -18.99 22.05 -42.28
CA PRO C 181 -20.15 22.83 -41.81
C PRO C 181 -21.19 23.12 -42.88
N ASN C 182 -20.97 22.73 -44.14
CA ASN C 182 -21.91 22.99 -45.21
C ASN C 182 -22.89 21.85 -45.46
N THR C 183 -22.68 20.67 -44.86
CA THR C 183 -23.53 19.52 -45.14
C THR C 183 -25.00 19.81 -44.88
N LYS C 184 -25.29 20.52 -43.78
CA LYS C 184 -26.67 20.77 -43.39
C LYS C 184 -27.52 21.35 -44.51
N GLU C 185 -26.91 22.11 -45.43
CA GLU C 185 -27.60 22.63 -46.60
C GLU C 185 -27.36 21.81 -47.86
N ILE C 186 -26.18 21.17 -47.95
CA ILE C 186 -25.88 20.36 -49.12
C ILE C 186 -26.87 19.20 -49.22
N VAL C 187 -27.15 18.54 -48.10
CA VAL C 187 -28.08 17.42 -48.14
C VAL C 187 -29.48 17.91 -48.49
N ARG C 188 -29.86 19.09 -47.99
CA ARG C 188 -31.17 19.63 -48.35
C ARG C 188 -31.27 19.87 -49.84
N ILE C 189 -30.23 20.47 -50.43
CA ILE C 189 -30.22 20.70 -51.87
C ILE C 189 -30.29 19.37 -52.62
N LEU C 190 -29.58 18.36 -52.12
CA LEU C 190 -29.56 17.07 -52.81
C LEU C 190 -30.92 16.38 -52.75
N LEU C 191 -31.59 16.45 -51.59
CA LEU C 191 -32.93 15.87 -51.51
C LEU C 191 -33.92 16.66 -52.38
N ALA C 192 -33.77 17.98 -52.44
CA ALA C 192 -34.62 18.77 -53.34
C ALA C 192 -34.40 18.35 -54.79
N PHE C 193 -33.15 18.11 -55.17
CA PHE C 193 -32.87 17.66 -56.54
C PHE C 193 -33.47 16.28 -56.79
N ALA C 194 -33.33 15.37 -55.82
CA ALA C 194 -33.91 14.04 -55.99
C ALA C 194 -35.43 14.10 -56.06
N GLU C 195 -36.04 15.10 -55.43
CA GLU C 195 -37.48 15.31 -55.54
C GLU C 195 -37.85 15.92 -56.89
N GLU C 196 -36.95 16.73 -57.47
CA GLU C 196 -37.24 17.31 -58.78
C GLU C 196 -37.51 16.24 -59.82
N ASN C 197 -36.72 15.17 -59.81
CA ASN C 197 -36.96 14.02 -60.68
C ASN C 197 -37.76 12.92 -60.00
N ASP C 198 -38.13 13.11 -58.72
CA ASP C 198 -38.86 12.12 -57.94
C ASP C 198 -38.12 10.77 -57.96
N ILE C 199 -36.84 10.82 -57.59
CA ILE C 199 -35.98 9.65 -57.58
C ILE C 199 -35.52 9.30 -56.17
N LEU C 200 -36.04 9.99 -55.15
CA LEU C 200 -35.61 9.76 -53.77
C LEU C 200 -35.64 8.29 -53.40
N GLY C 201 -36.66 7.57 -53.87
CA GLY C 201 -36.81 6.15 -53.57
C GLY C 201 -35.56 5.34 -53.81
N ARG C 202 -35.08 5.33 -55.05
CA ARG C 202 -33.83 4.64 -55.35
C ARG C 202 -32.61 5.49 -55.01
N PHE C 203 -32.78 6.76 -54.65
CA PHE C 203 -31.64 7.64 -54.39
C PHE C 203 -31.11 7.47 -52.98
N ILE C 204 -31.94 7.77 -51.98
CA ILE C 204 -31.47 7.74 -50.60
C ILE C 204 -31.40 6.31 -50.10
N ASN C 205 -32.34 5.45 -50.53
CA ASN C 205 -32.32 4.06 -50.15
C ASN C 205 -31.27 3.26 -50.90
N ALA C 206 -30.52 3.89 -51.81
CA ALA C 206 -29.43 3.22 -52.48
C ALA C 206 -28.39 2.77 -51.46
N GLU C 207 -27.64 1.74 -51.82
CA GLU C 207 -26.67 1.14 -50.91
C GLU C 207 -25.44 0.70 -51.70
N TYR C 208 -24.38 0.38 -50.97
CA TYR C 208 -23.16 -0.08 -51.60
C TYR C 208 -23.38 -1.43 -52.29
N THR C 209 -22.36 -1.85 -53.02
CA THR C 209 -22.35 -3.17 -53.63
C THR C 209 -21.02 -3.89 -53.46
N GLU C 210 -19.97 -3.21 -53.00
CA GLU C 210 -18.68 -3.85 -52.81
C GLU C 210 -18.77 -4.90 -51.71
N GLU C 211 -17.92 -5.92 -51.80
CA GLU C 211 -17.95 -7.00 -50.83
C GLU C 211 -17.59 -6.56 -49.42
N ALA C 212 -17.21 -5.31 -49.22
CA ALA C 212 -16.88 -4.84 -47.88
C ALA C 212 -18.11 -4.34 -47.14
N TYR C 213 -18.77 -3.32 -47.70
CA TYR C 213 -19.91 -2.66 -47.08
C TYR C 213 -21.22 -3.07 -47.73
N GLU C 214 -21.36 -4.35 -48.06
CA GLU C 214 -22.52 -4.84 -48.78
C GLU C 214 -23.81 -4.46 -48.07
N GLY C 215 -24.61 -3.58 -48.69
CA GLY C 215 -25.86 -3.15 -48.13
C GLY C 215 -25.81 -1.86 -47.33
N GLN C 216 -24.62 -1.35 -47.02
CA GLN C 216 -24.52 -0.14 -46.22
C GLN C 216 -25.30 1.00 -46.87
N THR C 217 -26.06 1.72 -46.06
CA THR C 217 -26.98 2.74 -46.52
C THR C 217 -26.56 4.09 -45.92
N ALA C 218 -27.07 5.17 -46.50
CA ALA C 218 -26.73 6.51 -46.03
C ALA C 218 -27.08 6.72 -44.56
N LEU C 219 -28.03 5.98 -44.02
CA LEU C 219 -28.41 6.18 -42.62
C LEU C 219 -27.30 5.71 -41.69
N ASN C 220 -26.70 4.56 -41.96
CA ASN C 220 -25.58 4.11 -41.15
C ASN C 220 -24.39 5.06 -41.25
N ILE C 221 -24.23 5.74 -42.38
CA ILE C 221 -23.15 6.72 -42.52
C ILE C 221 -23.47 7.96 -41.69
N ALA C 222 -24.72 8.43 -41.76
CA ALA C 222 -25.11 9.61 -40.99
C ALA C 222 -25.04 9.34 -39.50
N ILE C 223 -25.30 8.10 -39.09
CA ILE C 223 -25.26 7.78 -37.67
C ILE C 223 -23.84 7.57 -37.20
N GLU C 224 -23.01 6.88 -38.00
CA GLU C 224 -21.61 6.69 -37.63
C GLU C 224 -20.86 8.00 -37.47
N ARG C 225 -21.34 9.08 -38.09
CA ARG C 225 -20.73 10.39 -37.96
C ARG C 225 -21.49 11.30 -37.01
N ARG C 226 -22.46 10.76 -36.26
CA ARG C 226 -23.15 11.46 -35.19
C ARG C 226 -23.95 12.66 -35.67
N GLN C 227 -24.31 12.70 -36.96
CA GLN C 227 -25.12 13.80 -37.48
C GLN C 227 -26.59 13.48 -37.22
N GLY C 228 -27.09 13.96 -36.09
CA GLY C 228 -28.46 13.66 -35.71
C GLY C 228 -29.48 14.41 -36.54
N ASP C 229 -29.29 15.71 -36.72
CA ASP C 229 -30.23 16.51 -37.51
C ASP C 229 -30.32 15.99 -38.94
N ILE C 230 -29.18 15.63 -39.53
CA ILE C 230 -29.20 15.10 -40.89
C ILE C 230 -29.87 13.73 -40.91
N ALA C 231 -29.71 12.94 -39.85
CA ALA C 231 -30.44 11.68 -39.77
C ALA C 231 -31.94 11.93 -39.74
N ALA C 232 -32.37 12.97 -39.02
CA ALA C 232 -33.79 13.34 -39.01
C ALA C 232 -34.25 13.73 -40.40
N LEU C 233 -33.48 14.57 -41.08
CA LEU C 233 -33.83 14.97 -42.45
C LEU C 233 -33.89 13.76 -43.37
N LEU C 234 -33.04 12.77 -43.14
CA LEU C 234 -33.03 11.58 -43.98
C LEU C 234 -34.28 10.73 -43.75
N ILE C 235 -34.57 10.40 -42.49
CA ILE C 235 -35.74 9.58 -42.21
C ILE C 235 -37.03 10.29 -42.61
N ALA C 236 -37.07 11.62 -42.45
CA ALA C 236 -38.20 12.37 -42.98
C ALA C 236 -38.28 12.28 -44.49
N ALA C 237 -37.13 12.15 -45.16
CA ALA C 237 -37.09 11.96 -46.60
C ALA C 237 -37.35 10.52 -47.01
N GLY C 238 -37.68 9.65 -46.06
CA GLY C 238 -38.00 8.27 -46.38
C GLY C 238 -36.78 7.37 -46.38
N ALA C 239 -35.82 7.65 -45.50
CA ALA C 239 -34.65 6.78 -45.38
C ALA C 239 -35.07 5.43 -44.81
N ASP C 240 -34.67 4.36 -45.49
CA ASP C 240 -35.02 3.01 -45.06
C ASP C 240 -34.36 2.74 -43.71
N VAL C 241 -35.17 2.69 -42.65
CA VAL C 241 -34.60 2.63 -41.31
C VAL C 241 -34.13 1.23 -40.96
N ASN C 242 -34.73 0.19 -41.54
CA ASN C 242 -34.34 -1.18 -41.26
C ASN C 242 -33.41 -1.75 -42.32
N ALA C 243 -32.64 -0.90 -42.99
CA ALA C 243 -31.70 -1.37 -43.99
C ALA C 243 -30.54 -2.10 -43.32
N HIS C 244 -30.42 -3.39 -43.58
CA HIS C 244 -29.42 -4.22 -42.93
C HIS C 244 -28.08 -4.11 -43.65
N ALA C 245 -27.05 -3.73 -42.91
CA ALA C 245 -25.71 -3.56 -43.48
C ALA C 245 -24.90 -4.85 -43.33
N LYS C 246 -25.38 -5.90 -43.98
CA LYS C 246 -24.79 -7.22 -43.84
C LYS C 246 -23.56 -7.37 -44.72
N GLY C 247 -22.62 -6.44 -44.60
CA GLY C 247 -21.39 -6.52 -45.37
C GLY C 247 -20.29 -7.25 -44.63
N ALA C 248 -19.35 -7.80 -45.41
CA ALA C 248 -18.25 -8.56 -44.80
C ALA C 248 -17.37 -7.71 -43.92
N PHE C 249 -17.49 -6.37 -44.00
CA PHE C 249 -16.80 -5.52 -43.04
C PHE C 249 -17.59 -5.37 -41.75
N PHE C 250 -18.90 -5.13 -41.86
CA PHE C 250 -19.72 -4.94 -40.67
C PHE C 250 -19.92 -6.22 -39.88
N ASN C 251 -19.70 -7.38 -40.49
CA ASN C 251 -19.74 -8.67 -39.79
C ASN C 251 -18.38 -9.35 -39.87
N PRO C 252 -17.36 -8.75 -39.25
CA PRO C 252 -16.01 -9.29 -39.41
C PRO C 252 -15.78 -10.50 -38.53
N LYS C 253 -15.07 -11.49 -39.09
CA LYS C 253 -14.76 -12.69 -38.32
C LYS C 253 -13.63 -12.43 -37.34
N TYR C 254 -12.52 -11.88 -37.82
CA TYR C 254 -11.41 -11.49 -36.96
C TYR C 254 -11.65 -10.06 -36.49
N GLN C 255 -11.50 -9.84 -35.18
CA GLN C 255 -11.69 -8.51 -34.61
C GLN C 255 -10.58 -7.57 -35.07
N HIS C 256 -10.73 -6.29 -34.69
CA HIS C 256 -9.75 -5.24 -34.94
C HIS C 256 -9.68 -4.85 -36.41
N GLU C 257 -10.39 -5.58 -37.27
CA GLU C 257 -10.56 -5.23 -38.68
C GLU C 257 -12.06 -5.31 -38.97
N GLY C 258 -12.76 -4.23 -38.68
CA GLY C 258 -14.21 -4.25 -38.73
C GLY C 258 -14.84 -3.87 -37.41
N PHE C 259 -16.13 -3.57 -37.41
CA PHE C 259 -16.83 -3.13 -36.22
C PHE C 259 -18.24 -3.71 -36.27
N TYR C 260 -18.45 -4.84 -35.58
CA TYR C 260 -19.76 -5.46 -35.55
C TYR C 260 -20.63 -4.74 -34.53
N PHE C 261 -21.81 -4.31 -34.97
CA PHE C 261 -22.66 -3.46 -34.15
C PHE C 261 -24.13 -3.83 -34.18
N GLY C 262 -24.52 -4.88 -34.90
CA GLY C 262 -25.92 -5.24 -35.05
C GLY C 262 -26.48 -5.01 -36.43
N GLU C 263 -25.75 -4.34 -37.32
CA GLU C 263 -26.09 -4.27 -38.73
C GLU C 263 -27.41 -3.54 -38.98
N THR C 264 -27.79 -2.64 -38.08
CA THR C 264 -29.05 -1.92 -38.21
C THR C 264 -28.88 -0.51 -37.69
N PRO C 265 -29.43 0.49 -38.37
CA PRO C 265 -29.34 1.87 -37.86
C PRO C 265 -29.73 2.02 -36.40
N LEU C 266 -30.77 1.33 -35.95
CA LEU C 266 -31.06 1.34 -34.52
C LEU C 266 -29.94 0.70 -33.72
N ALA C 267 -29.46 -0.45 -34.18
CA ALA C 267 -28.34 -1.10 -33.52
C ALA C 267 -27.11 -0.20 -33.51
N LEU C 268 -26.89 0.57 -34.57
CA LEU C 268 -25.73 1.44 -34.63
C LEU C 268 -25.88 2.60 -33.67
N ALA C 269 -27.02 3.29 -33.72
CA ALA C 269 -27.26 4.42 -32.82
C ALA C 269 -27.32 3.98 -31.37
N ALA C 270 -27.52 2.69 -31.11
CA ALA C 270 -27.48 2.21 -29.74
C ALA C 270 -26.09 1.81 -29.28
N CYS C 271 -25.30 1.18 -30.16
CA CYS C 271 -23.97 0.75 -29.74
C CYS C 271 -22.96 1.89 -29.68
N THR C 272 -23.15 2.96 -30.45
CA THR C 272 -22.24 4.09 -30.42
C THR C 272 -22.73 5.21 -29.52
N ASN C 273 -23.54 4.88 -28.51
CA ASN C 273 -23.98 5.84 -27.49
C ASN C 273 -24.59 7.08 -28.13
N GLN C 274 -25.72 6.86 -28.81
CA GLN C 274 -26.49 7.94 -29.42
C GLN C 274 -27.96 7.74 -29.05
N PRO C 275 -28.33 8.09 -27.82
CA PRO C 275 -29.70 7.83 -27.38
C PRO C 275 -30.74 8.71 -28.06
N GLU C 276 -30.37 9.94 -28.42
CA GLU C 276 -31.30 10.82 -29.13
C GLU C 276 -31.78 10.15 -30.41
N ILE C 277 -30.85 9.62 -31.21
CA ILE C 277 -31.21 8.99 -32.46
C ILE C 277 -31.90 7.66 -32.21
N VAL C 278 -31.59 6.98 -31.10
CA VAL C 278 -32.30 5.76 -30.76
C VAL C 278 -33.77 6.05 -30.52
N GLN C 279 -34.06 7.10 -29.75
CA GLN C 279 -35.45 7.48 -29.54
C GLN C 279 -36.08 7.97 -30.83
N LEU C 280 -35.31 8.66 -31.66
CA LEU C 280 -35.83 9.14 -32.94
C LEU C 280 -36.19 7.99 -33.86
N LEU C 281 -35.47 6.87 -33.77
CA LEU C 281 -35.79 5.72 -34.60
C LEU C 281 -36.93 4.89 -34.03
N MET C 282 -36.96 4.73 -32.70
CA MET C 282 -38.01 3.92 -32.09
C MET C 282 -39.36 4.62 -32.14
N GLU C 283 -39.37 5.94 -31.94
CA GLU C 283 -40.63 6.67 -32.02
C GLU C 283 -41.20 6.64 -33.43
N HIS C 284 -40.38 6.35 -34.43
CA HIS C 284 -40.87 6.18 -35.78
C HIS C 284 -41.69 4.90 -35.88
N GLU C 285 -42.50 4.82 -36.93
CA GLU C 285 -43.40 3.68 -37.11
C GLU C 285 -42.78 2.57 -37.95
N GLN C 286 -42.01 2.94 -38.98
CA GLN C 286 -41.43 1.96 -39.88
C GLN C 286 -40.33 1.13 -39.23
N THR C 287 -39.84 1.53 -38.06
CA THR C 287 -38.78 0.78 -37.41
C THR C 287 -39.27 -0.60 -37.00
N ASP C 288 -38.33 -1.52 -36.85
CA ASP C 288 -38.63 -2.91 -36.52
C ASP C 288 -37.62 -3.37 -35.46
N ILE C 289 -37.99 -3.23 -34.20
CA ILE C 289 -37.05 -3.54 -33.13
C ILE C 289 -36.81 -5.04 -33.03
N THR C 290 -37.71 -5.85 -33.57
CA THR C 290 -37.55 -7.30 -33.55
C THR C 290 -36.80 -7.83 -34.75
N SER C 291 -36.09 -6.98 -35.48
CA SER C 291 -35.37 -7.43 -36.67
C SER C 291 -34.20 -8.33 -36.29
N ARG C 292 -33.86 -9.23 -37.19
CA ARG C 292 -32.77 -10.17 -36.98
C ARG C 292 -31.81 -10.12 -38.15
N ASP C 293 -30.52 -10.13 -37.86
CA ASP C 293 -29.49 -9.88 -38.85
C ASP C 293 -28.89 -11.19 -39.38
N SER C 294 -27.82 -11.07 -40.15
CA SER C 294 -27.17 -12.22 -40.77
C SER C 294 -26.60 -13.21 -39.75
N ARG C 295 -26.47 -12.81 -38.49
CA ARG C 295 -26.02 -13.71 -37.44
C ARG C 295 -27.17 -14.14 -36.54
N GLY C 296 -28.40 -13.76 -36.87
CA GLY C 296 -29.55 -14.07 -36.05
C GLY C 296 -29.85 -13.08 -34.95
N ASN C 297 -28.87 -12.27 -34.57
CA ASN C 297 -29.03 -11.33 -33.47
C ASN C 297 -30.16 -10.35 -33.75
N ASN C 298 -30.74 -9.83 -32.67
CA ASN C 298 -31.53 -8.61 -32.71
C ASN C 298 -30.75 -7.52 -31.99
N ILE C 299 -31.39 -6.38 -31.78
CA ILE C 299 -30.71 -5.25 -31.17
C ILE C 299 -30.10 -5.63 -29.82
N LEU C 300 -30.82 -6.44 -29.04
CA LEU C 300 -30.33 -6.75 -27.70
C LEU C 300 -29.11 -7.66 -27.74
N HIS C 301 -29.06 -8.59 -28.67
CA HIS C 301 -27.86 -9.40 -28.82
C HIS C 301 -26.67 -8.53 -29.15
N ALA C 302 -26.85 -7.51 -29.99
CA ALA C 302 -25.75 -6.63 -30.33
C ALA C 302 -25.30 -5.82 -29.13
N LEU C 303 -26.24 -5.22 -28.41
CA LEU C 303 -25.89 -4.50 -27.19
C LEU C 303 -25.15 -5.40 -26.22
N VAL C 304 -25.51 -6.68 -26.14
CA VAL C 304 -24.76 -7.60 -25.31
C VAL C 304 -23.36 -7.81 -25.88
N THR C 305 -23.25 -7.91 -27.20
CA THR C 305 -21.99 -8.27 -27.83
C THR C 305 -20.95 -7.17 -27.69
N VAL C 306 -21.37 -5.90 -27.70
CA VAL C 306 -20.42 -4.80 -27.66
C VAL C 306 -20.22 -4.22 -26.28
N ALA C 307 -20.82 -4.79 -25.24
CA ALA C 307 -20.64 -4.30 -23.88
C ALA C 307 -19.37 -4.90 -23.30
N GLU C 308 -18.36 -4.05 -23.04
CA GLU C 308 -17.07 -4.59 -22.65
C GLU C 308 -16.85 -4.63 -21.14
N ASP C 309 -16.79 -3.45 -20.52
CA ASP C 309 -16.46 -3.33 -19.10
C ASP C 309 -16.56 -1.86 -18.70
N PHE C 310 -16.91 -1.59 -17.43
CA PHE C 310 -17.15 -0.20 -17.04
C PHE C 310 -15.89 0.65 -17.17
N LYS C 311 -14.71 0.06 -16.95
CA LYS C 311 -13.48 0.84 -17.01
C LYS C 311 -13.19 1.38 -18.39
N THR C 312 -13.81 0.83 -19.43
CA THR C 312 -13.55 1.24 -20.80
C THR C 312 -14.76 1.80 -21.52
N GLN C 313 -15.93 1.84 -20.88
CA GLN C 313 -17.13 2.30 -21.56
C GLN C 313 -18.00 3.27 -20.77
N ASN C 314 -17.82 3.39 -19.46
CA ASN C 314 -18.72 4.13 -18.57
C ASN C 314 -20.13 3.53 -18.56
N ASP C 315 -20.32 2.38 -19.19
CA ASP C 315 -21.56 1.60 -19.12
C ASP C 315 -22.76 2.42 -19.59
N PHE C 316 -22.72 2.84 -20.85
CA PHE C 316 -23.91 3.36 -21.49
C PHE C 316 -24.76 2.25 -22.08
N VAL C 317 -24.12 1.14 -22.46
CA VAL C 317 -24.81 0.03 -23.10
C VAL C 317 -25.87 -0.55 -22.18
N LYS C 318 -25.65 -0.48 -20.87
CA LYS C 318 -26.69 -0.90 -19.93
C LYS C 318 -27.87 0.06 -19.97
N ARG C 319 -27.59 1.36 -20.07
CA ARG C 319 -28.66 2.35 -20.17
C ARG C 319 -29.46 2.15 -21.44
N MET C 320 -28.78 1.99 -22.58
CA MET C 320 -29.48 1.76 -23.83
C MET C 320 -30.23 0.44 -23.79
N TYR C 321 -29.69 -0.56 -23.09
CA TYR C 321 -30.40 -1.81 -22.90
C TYR C 321 -31.73 -1.57 -22.20
N ASP C 322 -31.70 -0.88 -21.06
CA ASP C 322 -32.93 -0.60 -20.33
C ASP C 322 -33.92 0.17 -21.21
N MET C 323 -33.43 1.20 -21.90
CA MET C 323 -34.31 2.03 -22.72
C MET C 323 -34.99 1.20 -23.82
N ILE C 324 -34.20 0.48 -24.61
CA ILE C 324 -34.76 -0.28 -25.72
C ILE C 324 -35.65 -1.40 -25.21
N LEU C 325 -35.29 -2.01 -24.08
CA LEU C 325 -36.10 -3.09 -23.53
C LEU C 325 -37.47 -2.58 -23.13
N LEU C 326 -37.52 -1.63 -22.18
CA LEU C 326 -38.83 -1.20 -21.71
C LEU C 326 -39.57 -0.36 -22.76
N ARG C 327 -38.92 0.04 -23.86
CA ARG C 327 -39.67 0.72 -24.90
C ARG C 327 -40.57 -0.24 -25.67
N SER C 328 -40.00 -1.32 -26.20
CA SER C 328 -40.81 -2.40 -26.76
C SER C 328 -41.19 -3.28 -25.59
N GLY C 329 -42.31 -2.95 -24.94
CA GLY C 329 -42.59 -3.58 -23.67
C GLY C 329 -43.30 -4.90 -23.83
N ASN C 330 -42.50 -5.96 -23.82
CA ASN C 330 -42.93 -7.36 -23.86
C ASN C 330 -41.65 -8.18 -23.82
N TRP C 331 -41.81 -9.50 -23.70
CA TRP C 331 -40.68 -10.41 -23.72
C TRP C 331 -40.29 -10.83 -25.13
N GLU C 332 -40.64 -10.03 -26.13
CA GLU C 332 -40.28 -10.36 -27.51
C GLU C 332 -38.77 -10.43 -27.67
N LEU C 333 -38.06 -9.41 -27.20
CA LEU C 333 -36.63 -9.31 -27.47
C LEU C 333 -35.83 -10.33 -26.66
N GLU C 334 -36.19 -10.54 -25.40
CA GLU C 334 -35.43 -11.45 -24.57
C GLU C 334 -35.69 -12.92 -24.87
N THR C 335 -36.78 -13.24 -25.56
CA THR C 335 -37.12 -14.65 -25.77
C THR C 335 -36.59 -15.22 -27.08
N THR C 336 -36.25 -14.37 -28.06
CA THR C 336 -35.72 -14.87 -29.31
C THR C 336 -34.30 -15.39 -29.13
N ARG C 337 -33.93 -16.34 -29.97
CA ARG C 337 -32.59 -16.88 -29.95
C ARG C 337 -31.98 -16.62 -31.32
N ASN C 338 -30.66 -16.51 -31.36
CA ASN C 338 -29.96 -16.24 -32.60
C ASN C 338 -29.59 -17.56 -33.26
N ASN C 339 -28.81 -17.49 -34.34
CA ASN C 339 -28.42 -18.69 -35.07
C ASN C 339 -27.48 -19.58 -34.29
N ASP C 340 -27.08 -19.17 -33.09
CA ASP C 340 -26.36 -20.03 -32.17
C ASP C 340 -27.28 -20.66 -31.14
N GLY C 341 -28.58 -20.35 -31.19
CA GLY C 341 -29.53 -20.91 -30.24
C GLY C 341 -29.41 -20.34 -28.85
N LEU C 342 -29.04 -19.06 -28.72
CA LEU C 342 -28.92 -18.42 -27.43
C LEU C 342 -29.76 -17.15 -27.38
N THR C 343 -30.24 -16.83 -26.21
CA THR C 343 -30.98 -15.62 -25.93
C THR C 343 -30.04 -14.54 -25.41
N PRO C 344 -30.41 -13.26 -25.49
CA PRO C 344 -29.52 -12.20 -25.00
C PRO C 344 -29.03 -12.43 -23.58
N LEU C 345 -29.87 -12.96 -22.71
CA LEU C 345 -29.42 -13.33 -21.38
C LEU C 345 -28.39 -14.47 -21.47
N GLN C 346 -28.78 -15.57 -22.11
CA GLN C 346 -27.84 -16.66 -22.33
C GLN C 346 -26.61 -16.18 -23.09
N LEU C 347 -26.77 -15.20 -23.98
CA LEU C 347 -25.63 -14.70 -24.74
C LEU C 347 -24.64 -13.98 -23.85
N ALA C 348 -25.11 -12.99 -23.09
CA ALA C 348 -24.24 -12.31 -22.14
C ALA C 348 -23.68 -13.29 -21.11
N ALA C 349 -24.30 -14.45 -20.95
CA ALA C 349 -23.71 -15.49 -20.12
C ALA C 349 -22.59 -16.22 -20.85
N LYS C 350 -22.76 -16.48 -22.15
CA LYS C 350 -21.76 -17.21 -22.90
C LYS C 350 -20.44 -16.46 -22.95
N MET C 351 -20.49 -15.18 -23.34
CA MET C 351 -19.35 -14.31 -23.16
C MET C 351 -19.25 -13.91 -21.69
N GLY C 352 -18.23 -13.12 -21.37
CA GLY C 352 -18.00 -12.78 -19.98
C GLY C 352 -18.54 -11.43 -19.56
N LYS C 353 -19.67 -11.03 -20.14
CA LYS C 353 -20.19 -9.70 -19.88
C LYS C 353 -20.83 -9.62 -18.49
N ALA C 354 -20.03 -9.30 -17.47
CA ALA C 354 -20.52 -9.31 -16.11
C ALA C 354 -21.52 -8.19 -15.85
N GLU C 355 -21.25 -6.99 -16.35
CA GLU C 355 -22.10 -5.85 -16.07
C GLU C 355 -23.50 -6.05 -16.63
N ILE C 356 -23.59 -6.35 -17.93
CA ILE C 356 -24.89 -6.61 -18.54
C ILE C 356 -25.59 -7.75 -17.85
N LEU C 357 -24.84 -8.77 -17.44
CA LEU C 357 -25.44 -9.89 -16.73
C LEU C 357 -25.99 -9.46 -15.38
N LYS C 358 -25.19 -8.74 -14.60
CA LYS C 358 -25.65 -8.26 -13.30
C LYS C 358 -26.87 -7.37 -13.44
N TYR C 359 -27.02 -6.71 -14.58
CA TYR C 359 -28.22 -5.91 -14.80
C TYR C 359 -29.41 -6.80 -15.12
N ILE C 360 -29.25 -7.71 -16.08
CA ILE C 360 -30.39 -8.50 -16.54
C ILE C 360 -30.91 -9.42 -15.45
N LEU C 361 -30.02 -10.00 -14.65
CA LEU C 361 -30.46 -10.93 -13.61
C LEU C 361 -31.29 -10.21 -12.55
N SER C 362 -30.79 -9.08 -12.06
CA SER C 362 -31.52 -8.28 -11.07
C SER C 362 -31.92 -6.98 -11.75
N ARG C 363 -33.05 -7.02 -12.46
CA ARG C 363 -33.61 -5.86 -13.12
C ARG C 363 -35.01 -5.62 -12.55
N GLU C 364 -35.19 -4.48 -11.89
CA GLU C 364 -36.48 -4.12 -11.31
C GLU C 364 -37.04 -2.94 -12.08
N ILE C 365 -38.29 -3.06 -12.49
CA ILE C 365 -39.02 -1.99 -13.17
C ILE C 365 -40.19 -1.60 -12.27
N LYS C 366 -40.21 -0.36 -11.81
CA LYS C 366 -41.17 0.06 -10.82
C LYS C 366 -42.44 0.66 -11.43
N GLU C 367 -42.42 1.02 -12.71
CA GLU C 367 -43.65 1.45 -13.36
C GLU C 367 -44.68 0.35 -13.32
N LYS C 368 -45.93 0.71 -13.05
CA LYS C 368 -46.97 -0.28 -12.82
C LYS C 368 -47.19 -1.16 -14.06
N ARG C 369 -47.36 -0.54 -15.22
CA ARG C 369 -47.69 -1.28 -16.43
C ARG C 369 -46.51 -2.08 -16.98
N LEU C 370 -45.35 -2.05 -16.32
CA LEU C 370 -44.19 -2.77 -16.83
C LEU C 370 -43.47 -3.58 -15.76
N ARG C 371 -44.06 -3.75 -14.58
CA ARG C 371 -43.44 -4.58 -13.56
C ARG C 371 -43.28 -6.02 -14.05
N SER C 372 -44.16 -6.47 -14.94
CA SER C 372 -44.08 -7.82 -15.47
C SER C 372 -42.78 -8.10 -16.20
N LEU C 373 -42.05 -7.06 -16.60
CA LEU C 373 -40.78 -7.23 -17.29
C LEU C 373 -39.61 -7.44 -16.34
N SER C 374 -39.81 -7.27 -15.03
CA SER C 374 -38.72 -7.29 -14.09
C SER C 374 -38.29 -8.74 -13.79
N ARG C 375 -37.15 -8.87 -13.12
CA ARG C 375 -36.69 -10.16 -12.63
C ARG C 375 -36.29 -10.08 -11.16
N LYS C 376 -36.79 -9.08 -10.44
CA LYS C 376 -36.55 -8.95 -9.01
C LYS C 376 -37.63 -8.05 -8.44
N PHE C 377 -38.47 -8.60 -7.57
CA PHE C 377 -39.59 -7.86 -6.99
C PHE C 377 -39.37 -7.72 -5.50
N THR C 378 -39.13 -6.50 -5.04
CA THR C 378 -39.20 -6.23 -3.61
C THR C 378 -40.65 -6.37 -3.19
N ASP C 379 -40.99 -7.50 -2.58
CA ASP C 379 -42.37 -7.86 -2.33
C ASP C 379 -42.78 -7.74 -0.88
N TRP C 380 -41.86 -7.40 0.02
CA TRP C 380 -42.11 -7.60 1.43
C TRP C 380 -41.61 -6.48 2.32
N ALA C 381 -40.97 -5.46 1.77
CA ALA C 381 -40.22 -4.50 2.58
C ALA C 381 -41.08 -3.84 3.63
N TYR C 382 -40.54 -3.74 4.84
CA TYR C 382 -41.20 -3.08 5.96
C TYR C 382 -40.44 -1.83 6.42
N GLY C 383 -39.17 -1.96 6.73
CA GLY C 383 -38.36 -0.83 7.10
C GLY C 383 -37.03 -0.92 6.39
N PRO C 384 -35.94 -0.86 7.15
CA PRO C 384 -34.63 -1.19 6.56
C PRO C 384 -34.52 -2.64 6.16
N VAL C 385 -35.46 -3.48 6.57
CA VAL C 385 -35.51 -4.87 6.16
C VAL C 385 -36.37 -4.98 4.91
N SER C 386 -36.08 -5.96 4.07
CA SER C 386 -36.79 -6.14 2.82
C SER C 386 -36.48 -7.54 2.29
N SER C 387 -37.40 -8.06 1.49
CA SER C 387 -37.27 -9.41 0.93
C SER C 387 -37.43 -9.33 -0.58
N SER C 388 -36.32 -9.10 -1.27
CA SER C 388 -36.31 -9.13 -2.73
C SER C 388 -36.57 -10.55 -3.21
N LEU C 389 -37.44 -10.66 -4.20
CA LEU C 389 -37.89 -11.96 -4.71
C LEU C 389 -37.39 -12.11 -6.14
N TYR C 390 -36.18 -12.65 -6.28
CA TYR C 390 -35.54 -12.77 -7.58
C TYR C 390 -36.28 -13.76 -8.46
N ASP C 391 -35.81 -13.91 -9.69
CA ASP C 391 -36.42 -14.78 -10.68
C ASP C 391 -35.47 -15.91 -11.04
N LEU C 392 -36.05 -17.06 -11.37
CA LEU C 392 -35.31 -18.25 -11.74
C LEU C 392 -35.93 -18.90 -12.97
N THR C 393 -36.42 -18.08 -13.90
CA THR C 393 -37.08 -18.62 -15.09
C THR C 393 -36.13 -19.48 -15.91
N ASN C 394 -35.03 -18.89 -16.38
CA ASN C 394 -34.06 -19.64 -17.17
C ASN C 394 -32.68 -19.58 -16.52
N VAL C 395 -32.63 -19.78 -15.20
CA VAL C 395 -31.38 -19.70 -14.46
C VAL C 395 -31.09 -20.93 -13.63
N ASP C 396 -32.06 -21.79 -13.34
CA ASP C 396 -31.93 -22.82 -12.32
C ASP C 396 -31.59 -24.20 -12.89
N THR C 397 -30.92 -24.25 -14.05
CA THR C 397 -30.39 -25.47 -14.65
C THR C 397 -31.47 -26.49 -15.01
N THR C 398 -32.75 -26.13 -14.89
CA THR C 398 -33.82 -27.00 -15.31
C THR C 398 -34.19 -26.83 -16.78
N THR C 399 -33.33 -26.16 -17.55
CA THR C 399 -33.52 -25.97 -18.98
C THR C 399 -32.31 -26.59 -19.69
N ASP C 400 -32.43 -26.74 -21.02
CA ASP C 400 -31.35 -27.33 -21.81
C ASP C 400 -30.05 -26.58 -21.59
N ASN C 401 -30.05 -25.28 -21.86
CA ASN C 401 -28.85 -24.45 -21.75
C ASN C 401 -29.19 -23.28 -20.82
N SER C 402 -28.98 -23.49 -19.52
CA SER C 402 -29.31 -22.47 -18.54
C SER C 402 -28.15 -21.50 -18.35
N VAL C 403 -28.46 -20.37 -17.70
CA VAL C 403 -27.44 -19.35 -17.46
C VAL C 403 -26.42 -19.83 -16.45
N LEU C 404 -26.84 -20.64 -15.48
CA LEU C 404 -25.91 -21.06 -14.43
C LEU C 404 -24.93 -22.10 -14.95
N GLU C 405 -25.43 -23.10 -15.68
CA GLU C 405 -24.53 -24.11 -16.23
C GLU C 405 -23.61 -23.50 -17.28
N ILE C 406 -24.07 -22.47 -17.98
CA ILE C 406 -23.19 -21.75 -18.91
C ILE C 406 -22.12 -21.00 -18.14
N THR C 407 -22.53 -20.28 -17.10
CA THR C 407 -21.59 -19.48 -16.33
C THR C 407 -20.55 -20.34 -15.62
N VAL C 408 -20.87 -21.58 -15.32
CA VAL C 408 -19.90 -22.42 -14.61
C VAL C 408 -19.10 -23.29 -15.58
N TYR C 409 -19.69 -23.74 -16.67
CA TYR C 409 -19.04 -24.67 -17.59
C TYR C 409 -18.34 -23.97 -18.74
N ASN C 410 -18.43 -22.65 -18.83
CA ASN C 410 -17.70 -21.91 -19.85
C ASN C 410 -16.36 -21.49 -19.27
N THR C 411 -15.30 -22.23 -19.61
CA THR C 411 -13.97 -21.98 -19.09
C THR C 411 -13.12 -21.14 -20.01
N ASN C 412 -13.70 -20.58 -21.07
CA ASN C 412 -13.00 -19.75 -22.04
C ASN C 412 -13.42 -18.28 -21.95
N ILE C 413 -13.73 -17.82 -20.74
CA ILE C 413 -14.12 -16.43 -20.54
C ILE C 413 -13.18 -15.76 -19.53
N ASP C 414 -12.81 -16.50 -18.48
CA ASP C 414 -11.79 -16.05 -17.53
C ASP C 414 -12.25 -14.83 -16.74
N ASN C 415 -13.54 -14.74 -16.44
CA ASN C 415 -14.08 -13.70 -15.58
C ASN C 415 -15.01 -14.25 -14.52
N ARG C 416 -15.23 -15.57 -14.48
CA ARG C 416 -16.25 -16.16 -13.63
C ARG C 416 -16.04 -15.88 -12.16
N HIS C 417 -14.80 -15.60 -11.74
CA HIS C 417 -14.54 -15.23 -10.35
C HIS C 417 -15.38 -14.05 -9.89
N GLU C 418 -15.92 -13.26 -10.83
CA GLU C 418 -16.86 -12.18 -10.55
C GLU C 418 -18.29 -12.53 -10.92
N MET C 419 -18.50 -13.26 -12.01
CA MET C 419 -19.86 -13.57 -12.45
C MET C 419 -20.56 -14.52 -11.47
N LEU C 420 -19.81 -15.36 -10.78
CA LEU C 420 -20.43 -16.27 -9.81
C LEU C 420 -20.64 -15.62 -8.46
N THR C 421 -20.64 -14.29 -8.40
CA THR C 421 -21.01 -13.55 -7.20
C THR C 421 -22.23 -12.67 -7.46
N LEU C 422 -22.93 -12.90 -8.56
CA LEU C 422 -24.04 -12.05 -8.96
C LEU C 422 -25.26 -12.36 -8.09
N GLU C 423 -26.41 -11.78 -8.46
CA GLU C 423 -27.53 -11.74 -7.51
C GLU C 423 -28.10 -13.11 -7.24
N PRO C 424 -28.72 -13.82 -8.20
CA PRO C 424 -29.30 -15.12 -7.86
C PRO C 424 -28.32 -16.27 -8.00
N LEU C 425 -27.26 -16.09 -8.80
CA LEU C 425 -26.33 -17.17 -9.05
C LEU C 425 -25.61 -17.60 -7.77
N HIS C 426 -25.07 -16.64 -7.04
CA HIS C 426 -24.30 -16.94 -5.83
C HIS C 426 -25.15 -17.69 -4.81
N THR C 427 -26.31 -17.14 -4.48
CA THR C 427 -27.14 -17.77 -3.46
C THR C 427 -27.80 -19.04 -3.96
N LEU C 428 -27.97 -19.19 -5.28
CA LEU C 428 -28.48 -20.46 -5.79
C LEU C 428 -27.43 -21.55 -5.67
N LEU C 429 -26.17 -21.23 -5.95
CA LEU C 429 -25.09 -22.18 -5.68
C LEU C 429 -25.07 -22.53 -4.19
N HIS C 430 -25.17 -21.51 -3.33
CA HIS C 430 -25.17 -21.76 -1.88
C HIS C 430 -26.31 -22.70 -1.49
N MET C 431 -27.49 -22.50 -2.05
CA MET C 431 -28.64 -23.30 -1.64
C MET C 431 -28.54 -24.73 -2.16
N LYS C 432 -28.18 -24.90 -3.44
CA LYS C 432 -27.93 -26.24 -3.95
C LYS C 432 -26.90 -26.96 -3.09
N TRP C 433 -25.84 -26.24 -2.71
CA TRP C 433 -24.78 -26.81 -1.90
C TRP C 433 -25.35 -27.30 -0.59
N LYS C 434 -25.84 -26.39 0.24
CA LYS C 434 -26.34 -26.76 1.56
C LYS C 434 -27.50 -27.74 1.52
N LYS C 435 -28.16 -27.88 0.37
CA LYS C 435 -29.27 -28.81 0.31
C LYS C 435 -28.79 -30.23 0.03
N PHE C 436 -27.99 -30.42 -1.03
CA PHE C 436 -27.54 -31.78 -1.34
C PHE C 436 -26.06 -31.92 -1.66
N ALA C 437 -25.38 -30.86 -2.09
CA ALA C 437 -24.04 -31.03 -2.60
C ALA C 437 -23.04 -31.24 -1.47
N LYS C 438 -23.22 -30.54 -0.35
CA LYS C 438 -22.36 -30.81 0.81
C LYS C 438 -22.42 -32.28 1.20
N HIS C 439 -23.63 -32.85 1.26
CA HIS C 439 -23.78 -34.24 1.65
C HIS C 439 -23.13 -35.17 0.65
N MET C 440 -23.42 -34.98 -0.64
CA MET C 440 -22.84 -35.88 -1.63
C MET C 440 -21.33 -35.77 -1.69
N PHE C 441 -20.80 -34.55 -1.54
CA PHE C 441 -19.36 -34.35 -1.61
C PHE C 441 -18.68 -34.98 -0.41
N PHE C 442 -19.24 -34.82 0.79
CA PHE C 442 -18.64 -35.44 1.96
C PHE C 442 -18.73 -36.96 1.88
N LEU C 443 -19.83 -37.49 1.34
CA LEU C 443 -19.92 -38.93 1.11
C LEU C 443 -18.83 -39.40 0.17
N SER C 444 -18.59 -38.66 -0.92
CA SER C 444 -17.55 -39.04 -1.86
C SER C 444 -16.18 -38.99 -1.21
N PHE C 445 -15.94 -37.97 -0.37
CA PHE C 445 -14.67 -37.90 0.34
C PHE C 445 -14.49 -39.10 1.26
N CYS C 446 -15.54 -39.48 1.98
CA CYS C 446 -15.42 -40.61 2.90
C CYS C 446 -15.15 -41.91 2.15
N PHE C 447 -15.89 -42.14 1.05
CA PHE C 447 -15.66 -43.35 0.26
C PHE C 447 -14.24 -43.38 -0.29
N TYR C 448 -13.74 -42.24 -0.78
CA TYR C 448 -12.39 -42.23 -1.33
C TYR C 448 -11.35 -42.40 -0.24
N PHE C 449 -11.58 -41.85 0.94
CA PHE C 449 -10.64 -42.03 2.05
C PHE C 449 -10.57 -43.48 2.48
N PHE C 450 -11.71 -44.16 2.52
CA PHE C 450 -11.69 -45.57 2.88
C PHE C 450 -11.04 -46.42 1.79
N TYR C 451 -11.31 -46.11 0.52
CA TYR C 451 -10.62 -46.79 -0.57
C TYR C 451 -9.12 -46.57 -0.47
N ASN C 452 -8.70 -45.38 -0.06
CA ASN C 452 -7.27 -45.09 0.02
C ASN C 452 -6.63 -45.84 1.19
N ILE C 453 -7.28 -45.85 2.35
CA ILE C 453 -6.70 -46.54 3.49
C ILE C 453 -6.69 -48.05 3.25
N THR C 454 -7.67 -48.58 2.53
CA THR C 454 -7.64 -50.01 2.25
C THR C 454 -6.61 -50.35 1.19
N LEU C 455 -6.34 -49.44 0.25
CA LEU C 455 -5.19 -49.63 -0.62
C LEU C 455 -3.89 -49.62 0.17
N THR C 456 -3.79 -48.72 1.14
CA THR C 456 -2.59 -48.68 1.99
C THR C 456 -2.41 -49.99 2.74
N LEU C 457 -3.49 -50.52 3.31
CA LEU C 457 -3.36 -51.76 4.08
C LEU C 457 -3.07 -52.95 3.17
N VAL C 458 -3.65 -52.98 1.97
CA VAL C 458 -3.33 -54.03 1.01
C VAL C 458 -1.85 -53.97 0.63
N SER C 459 -1.34 -52.76 0.42
CA SER C 459 0.08 -52.60 0.11
C SER C 459 0.95 -53.11 1.23
N TYR C 460 0.66 -52.67 2.46
CA TYR C 460 1.45 -53.11 3.62
C TYR C 460 1.41 -54.63 3.78
N TYR C 461 0.24 -55.23 3.66
CA TYR C 461 0.06 -56.65 3.92
C TYR C 461 -0.05 -57.44 2.63
N ARG C 462 0.73 -57.05 1.62
CA ARG C 462 0.75 -57.76 0.36
C ARG C 462 1.25 -59.19 0.55
N PRO C 463 0.94 -60.09 -0.39
CA PRO C 463 1.42 -61.47 -0.28
C PRO C 463 2.91 -61.59 -0.57
N ARG C 464 3.73 -61.35 0.45
CA ARG C 464 5.18 -61.41 0.32
C ARG C 464 5.65 -62.73 -0.29
N GLY C 480 -14.16 -66.15 0.53
CA GLY C 480 -13.37 -65.30 1.41
C GLY C 480 -14.20 -64.65 2.51
N TRP C 481 -13.55 -64.27 3.61
CA TRP C 481 -14.27 -63.68 4.73
C TRP C 481 -14.26 -62.16 4.69
N LEU C 482 -13.08 -61.54 4.78
CA LEU C 482 -13.02 -60.09 4.79
C LEU C 482 -11.98 -59.50 3.84
N GLN C 483 -10.80 -60.13 3.75
CA GLN C 483 -9.67 -59.49 3.10
C GLN C 483 -9.78 -59.53 1.58
N LEU C 484 -9.94 -60.73 1.02
CA LEU C 484 -10.03 -60.84 -0.44
C LEU C 484 -11.30 -60.19 -0.97
N LEU C 485 -12.36 -60.16 -0.16
CA LEU C 485 -13.52 -59.36 -0.53
C LEU C 485 -13.16 -57.87 -0.51
N GLY C 486 -12.24 -57.47 0.37
CA GLY C 486 -11.72 -56.11 0.29
C GLY C 486 -10.95 -55.87 -0.99
N ARG C 487 -10.21 -56.88 -1.46
CA ARG C 487 -9.52 -56.77 -2.73
C ARG C 487 -10.52 -56.60 -3.88
N MET C 488 -11.58 -57.40 -3.89
CA MET C 488 -12.62 -57.23 -4.90
C MET C 488 -13.30 -55.87 -4.78
N PHE C 489 -13.47 -55.36 -3.56
CA PHE C 489 -14.05 -54.03 -3.37
C PHE C 489 -13.16 -52.98 -4.00
N VAL C 490 -11.86 -53.04 -3.74
CA VAL C 490 -10.91 -52.14 -4.38
C VAL C 490 -11.03 -52.24 -5.89
N LEU C 491 -11.08 -53.47 -6.41
CA LEU C 491 -11.19 -53.67 -7.85
C LEU C 491 -12.42 -52.96 -8.42
N ILE C 492 -13.59 -53.24 -7.86
CA ILE C 492 -14.83 -52.71 -8.43
C ILE C 492 -14.91 -51.19 -8.25
N TRP C 493 -14.47 -50.69 -7.09
CA TRP C 493 -14.52 -49.26 -6.85
C TRP C 493 -13.61 -48.52 -7.81
N ALA C 494 -12.37 -48.99 -7.96
CA ALA C 494 -11.46 -48.36 -8.91
C ALA C 494 -11.97 -48.51 -10.34
N MET C 495 -12.66 -49.61 -10.63
CA MET C 495 -13.19 -49.82 -11.97
C MET C 495 -14.26 -48.79 -12.31
N CYS C 496 -15.25 -48.63 -11.42
CA CYS C 496 -16.30 -47.66 -11.70
C CYS C 496 -15.75 -46.23 -11.67
N ILE C 497 -14.77 -45.97 -10.80
CA ILE C 497 -14.14 -44.65 -10.80
C ILE C 497 -13.45 -44.39 -12.13
N SER C 498 -12.76 -45.40 -12.66
CA SER C 498 -12.08 -45.24 -13.95
C SER C 498 -13.07 -44.98 -15.06
N VAL C 499 -14.17 -45.75 -15.10
CA VAL C 499 -15.17 -45.53 -16.14
C VAL C 499 -15.79 -44.15 -16.02
N LYS C 500 -16.10 -43.72 -14.80
CA LYS C 500 -16.69 -42.41 -14.58
C LYS C 500 -15.76 -41.31 -15.06
N GLU C 501 -14.50 -41.36 -14.64
CA GLU C 501 -13.56 -40.30 -15.01
C GLU C 501 -13.22 -40.35 -16.50
N GLY C 502 -13.26 -41.55 -17.11
CA GLY C 502 -12.99 -41.64 -18.53
C GLY C 502 -14.10 -41.04 -19.36
N ILE C 503 -15.35 -41.38 -19.02
CA ILE C 503 -16.47 -40.76 -19.73
C ILE C 503 -16.56 -39.28 -19.38
N ALA C 504 -15.97 -38.88 -18.24
CA ALA C 504 -15.85 -37.46 -17.94
C ALA C 504 -14.86 -36.78 -18.88
N ILE C 505 -13.75 -37.46 -19.19
CA ILE C 505 -12.79 -36.92 -20.14
C ILE C 505 -13.45 -36.67 -21.49
N PHE C 506 -14.45 -37.47 -21.84
CA PHE C 506 -15.06 -37.44 -23.17
C PHE C 506 -15.91 -36.21 -23.40
N LEU C 507 -15.89 -35.18 -22.55
CA LEU C 507 -16.72 -34.01 -22.81
C LEU C 507 -16.03 -33.01 -23.74
N LEU C 508 -14.72 -32.82 -23.58
CA LEU C 508 -13.97 -31.96 -24.49
C LEU C 508 -12.49 -32.31 -24.47
N SER C 518 -4.76 -25.15 -13.64
CA SER C 518 -5.12 -26.05 -12.55
C SER C 518 -6.62 -26.04 -12.31
N ASP C 519 -7.39 -26.56 -13.27
CA ASP C 519 -8.85 -26.56 -13.16
C ASP C 519 -9.44 -27.96 -13.10
N ALA C 520 -9.17 -28.82 -14.10
CA ALA C 520 -9.87 -30.09 -14.18
C ALA C 520 -8.98 -31.24 -14.60
N TRP C 521 -7.67 -31.17 -14.36
CA TRP C 521 -6.80 -32.31 -14.63
C TRP C 521 -7.01 -33.43 -13.63
N PHE C 522 -7.81 -33.20 -12.60
CA PHE C 522 -8.08 -34.26 -11.63
C PHE C 522 -8.81 -35.42 -12.26
N HIS C 523 -9.60 -35.18 -13.31
CA HIS C 523 -10.16 -36.29 -14.07
C HIS C 523 -9.05 -37.17 -14.61
N PHE C 524 -8.05 -36.55 -15.25
CA PHE C 524 -6.90 -37.28 -15.75
C PHE C 524 -6.25 -38.11 -14.65
N VAL C 525 -5.93 -37.47 -13.53
CA VAL C 525 -5.12 -38.19 -12.55
C VAL C 525 -5.94 -39.24 -11.79
N PHE C 526 -7.23 -38.99 -11.55
CA PHE C 526 -8.07 -40.00 -10.92
C PHE C 526 -8.24 -41.21 -11.83
N PHE C 527 -8.50 -40.97 -13.12
CA PHE C 527 -8.61 -42.07 -14.07
C PHE C 527 -7.31 -42.85 -14.14
N ILE C 528 -6.18 -42.14 -14.09
CA ILE C 528 -4.88 -42.80 -14.14
C ILE C 528 -4.66 -43.67 -12.92
N GLN C 529 -5.00 -43.16 -11.73
CA GLN C 529 -4.84 -43.94 -10.51
C GLN C 529 -5.75 -45.17 -10.53
N ALA C 530 -6.97 -45.02 -11.01
CA ALA C 530 -7.89 -46.15 -11.05
C ALA C 530 -7.40 -47.22 -12.02
N VAL C 531 -6.94 -46.80 -13.20
CA VAL C 531 -6.38 -47.76 -14.15
C VAL C 531 -5.13 -48.42 -13.58
N LEU C 532 -4.34 -47.67 -12.82
CA LEU C 532 -3.16 -48.25 -12.18
C LEU C 532 -3.55 -49.35 -11.22
N VAL C 533 -4.53 -49.09 -10.35
CA VAL C 533 -4.98 -50.12 -9.41
C VAL C 533 -5.51 -51.34 -10.16
N ILE C 534 -6.33 -51.11 -11.19
CA ILE C 534 -6.97 -52.23 -11.86
C ILE C 534 -5.93 -53.06 -12.61
N LEU C 535 -4.94 -52.40 -13.22
CA LEU C 535 -3.88 -53.13 -13.89
C LEU C 535 -3.03 -53.90 -12.90
N SER C 536 -2.72 -53.30 -11.76
CA SER C 536 -1.94 -53.99 -10.73
C SER C 536 -2.64 -55.26 -10.28
N VAL C 537 -3.92 -55.16 -9.96
CA VAL C 537 -4.62 -56.33 -9.43
C VAL C 537 -4.84 -57.37 -10.53
N PHE C 538 -5.10 -56.94 -11.77
CA PHE C 538 -5.25 -57.90 -12.86
C PHE C 538 -3.94 -58.63 -13.14
N LEU C 539 -2.81 -57.95 -12.99
CA LEU C 539 -1.52 -58.61 -13.15
C LEU C 539 -1.25 -59.56 -11.98
N TYR C 540 -1.61 -59.15 -10.76
CA TYR C 540 -1.44 -60.05 -9.62
C TYR C 540 -2.25 -61.33 -9.80
N LEU C 541 -3.46 -61.21 -10.34
CA LEU C 541 -4.26 -62.40 -10.61
C LEU C 541 -3.60 -63.27 -11.68
N PHE C 542 -3.01 -62.65 -12.70
CA PHE C 542 -2.48 -63.38 -13.84
C PHE C 542 -1.00 -63.66 -13.65
N ALA C 543 -0.35 -64.21 -14.68
CA ALA C 543 1.03 -64.67 -14.60
C ALA C 543 2.01 -63.53 -14.87
N TYR C 544 1.95 -62.51 -14.01
CA TYR C 544 2.86 -61.37 -14.05
C TYR C 544 3.06 -60.90 -12.61
N LYS C 545 4.18 -61.32 -12.01
CA LYS C 545 4.46 -61.04 -10.62
C LYS C 545 5.18 -59.72 -10.41
N GLU C 546 5.05 -58.78 -11.35
CA GLU C 546 5.54 -57.42 -11.19
C GLU C 546 4.43 -56.44 -10.82
N TYR C 547 3.46 -56.91 -10.03
CA TYR C 547 2.28 -56.12 -9.68
C TYR C 547 2.54 -55.09 -8.59
N LEU C 548 3.53 -55.34 -7.73
CA LEU C 548 3.73 -54.48 -6.57
C LEU C 548 4.07 -53.06 -6.98
N ALA C 549 4.83 -52.90 -8.06
CA ALA C 549 5.17 -51.57 -8.53
C ALA C 549 3.92 -50.75 -8.82
N CYS C 550 3.05 -51.29 -9.66
CA CYS C 550 1.81 -50.59 -9.99
C CYS C 550 0.96 -50.37 -8.76
N LEU C 551 0.91 -51.35 -7.85
CA LEU C 551 0.04 -51.23 -6.69
C LEU C 551 0.51 -50.11 -5.76
N VAL C 552 1.81 -50.05 -5.47
CA VAL C 552 2.30 -49.04 -4.55
C VAL C 552 2.26 -47.67 -5.21
N LEU C 553 2.54 -47.59 -6.52
CA LEU C 553 2.40 -46.31 -7.20
C LEU C 553 0.96 -45.85 -7.21
N ALA C 554 0.01 -46.79 -7.26
CA ALA C 554 -1.40 -46.44 -7.19
C ALA C 554 -1.77 -45.91 -5.81
N MET C 555 -1.26 -46.55 -4.77
CA MET C 555 -1.51 -46.04 -3.42
C MET C 555 -0.95 -44.63 -3.26
N ALA C 556 0.24 -44.38 -3.79
CA ALA C 556 0.82 -43.06 -3.71
C ALA C 556 -0.01 -42.04 -4.50
N LEU C 557 -0.46 -42.42 -5.69
CA LEU C 557 -1.25 -41.49 -6.49
C LEU C 557 -2.61 -41.22 -5.86
N GLY C 558 -3.16 -42.18 -5.11
CA GLY C 558 -4.38 -41.91 -4.39
C GLY C 558 -4.17 -40.95 -3.22
N TRP C 559 -3.13 -41.21 -2.43
CA TRP C 559 -2.81 -40.27 -1.36
C TRP C 559 -2.36 -38.92 -1.90
N ALA C 560 -2.10 -38.82 -3.20
CA ALA C 560 -1.89 -37.53 -3.83
C ALA C 560 -3.19 -36.92 -4.34
N ASN C 561 -4.09 -37.72 -4.88
CA ASN C 561 -5.39 -37.27 -5.35
C ASN C 561 -6.33 -36.87 -4.22
N MET C 562 -5.96 -37.18 -2.98
CA MET C 562 -6.69 -36.61 -1.85
C MET C 562 -6.73 -35.08 -1.88
N LEU C 563 -5.95 -34.45 -2.78
CA LEU C 563 -5.95 -33.00 -2.89
C LEU C 563 -7.29 -32.47 -3.37
N TYR C 564 -7.87 -33.11 -4.39
CA TYR C 564 -9.16 -32.69 -4.91
C TYR C 564 -10.22 -32.64 -3.81
N TYR C 565 -10.11 -33.53 -2.82
CA TYR C 565 -11.09 -33.57 -1.76
C TYR C 565 -10.74 -32.69 -0.57
N THR C 566 -9.45 -32.41 -0.36
CA THR C 566 -9.10 -31.34 0.56
C THR C 566 -9.10 -29.98 -0.12
N ARG C 567 -9.71 -29.88 -1.31
CA ARG C 567 -9.93 -28.62 -1.99
C ARG C 567 -11.37 -28.12 -1.83
N GLY C 568 -12.23 -28.90 -1.18
CA GLY C 568 -13.61 -28.52 -1.01
C GLY C 568 -13.84 -27.64 0.21
N PHE C 569 -13.39 -28.11 1.37
CA PHE C 569 -13.54 -27.33 2.58
C PHE C 569 -12.63 -26.11 2.53
N GLN C 570 -13.10 -25.00 3.11
CA GLN C 570 -12.56 -23.68 2.76
C GLN C 570 -11.14 -23.47 3.29
N SER C 571 -10.92 -23.74 4.57
CA SER C 571 -9.57 -23.64 5.10
C SER C 571 -8.63 -24.61 4.39
N MET C 572 -9.04 -25.86 4.30
CA MET C 572 -8.33 -26.82 3.48
C MET C 572 -8.24 -26.36 2.04
N SER C 573 -9.24 -25.63 1.55
CA SER C 573 -9.17 -25.10 0.19
C SER C 573 -7.96 -24.18 0.04
N MET C 574 -7.87 -23.17 0.89
CA MET C 574 -6.75 -22.24 0.81
C MET C 574 -5.42 -22.98 0.93
N TYR C 575 -5.30 -23.85 1.93
CA TYR C 575 -4.05 -24.57 2.13
C TYR C 575 -3.68 -25.40 0.91
N SER C 576 -4.59 -26.27 0.48
CA SER C 576 -4.32 -27.18 -0.62
C SER C 576 -4.00 -26.43 -1.90
N VAL C 577 -4.74 -25.36 -2.18
CA VAL C 577 -4.54 -24.73 -3.48
C VAL C 577 -3.34 -23.81 -3.48
N MET C 578 -2.90 -23.27 -2.33
CA MET C 578 -1.63 -22.57 -2.38
C MET C 578 -0.46 -23.55 -2.43
N ILE C 579 -0.62 -24.73 -1.81
CA ILE C 579 0.34 -25.80 -2.02
C ILE C 579 0.44 -26.13 -3.51
N GLN C 580 -0.71 -26.28 -4.17
CA GLN C 580 -0.72 -26.62 -5.59
C GLN C 580 -0.16 -25.50 -6.45
N LYS C 581 -0.43 -24.25 -6.08
CA LYS C 581 0.16 -23.12 -6.80
C LYS C 581 1.67 -23.16 -6.72
N VAL C 582 2.22 -23.39 -5.53
CA VAL C 582 3.66 -23.61 -5.39
C VAL C 582 4.10 -24.72 -6.35
N ILE C 583 3.52 -25.91 -6.18
CA ILE C 583 3.96 -27.11 -6.89
C ILE C 583 4.00 -26.88 -8.39
N LEU C 584 2.92 -26.32 -8.95
CA LEU C 584 2.85 -26.23 -10.40
C LEU C 584 3.55 -24.98 -10.93
N HIS C 585 3.37 -23.84 -10.28
CA HIS C 585 3.98 -22.61 -10.76
C HIS C 585 5.51 -22.68 -10.70
N ASP C 586 6.07 -22.87 -9.51
CA ASP C 586 7.47 -22.42 -9.43
C ASP C 586 8.47 -23.52 -9.14
N VAL C 587 8.15 -24.47 -8.24
CA VAL C 587 9.14 -25.49 -7.90
C VAL C 587 9.45 -26.36 -9.11
N LEU C 588 8.55 -26.39 -10.09
CA LEU C 588 8.79 -27.23 -11.26
C LEU C 588 9.84 -26.62 -12.18
N LYS C 589 9.74 -25.32 -12.47
CA LYS C 589 10.81 -24.68 -13.23
C LYS C 589 12.11 -24.68 -12.44
N PHE C 590 12.01 -24.53 -11.11
CA PHE C 590 13.20 -24.65 -10.29
C PHE C 590 13.83 -26.03 -10.43
N LEU C 591 13.01 -27.08 -10.44
CA LEU C 591 13.53 -28.43 -10.64
C LEU C 591 14.15 -28.59 -12.01
N PHE C 592 13.58 -27.98 -13.04
CA PHE C 592 14.18 -28.08 -14.37
C PHE C 592 15.57 -27.46 -14.39
N VAL C 593 15.70 -26.23 -13.88
CA VAL C 593 17.00 -25.58 -13.90
C VAL C 593 17.98 -26.30 -12.98
N TYR C 594 17.49 -26.89 -11.88
CA TYR C 594 18.36 -27.65 -11.00
C TYR C 594 18.78 -28.96 -11.64
N ILE C 595 17.94 -29.55 -12.48
CA ILE C 595 18.33 -30.74 -13.22
C ILE C 595 19.42 -30.40 -14.23
N VAL C 596 19.32 -29.22 -14.84
CA VAL C 596 20.41 -28.79 -15.73
C VAL C 596 21.69 -28.59 -14.94
N PHE C 597 21.59 -27.97 -13.76
CA PHE C 597 22.71 -27.89 -12.83
C PHE C 597 23.34 -29.25 -12.62
N LEU C 598 22.50 -30.24 -12.28
CA LEU C 598 22.98 -31.58 -11.96
C LEU C 598 23.69 -32.18 -13.15
N LEU C 599 23.08 -32.12 -14.33
CA LEU C 599 23.70 -32.69 -15.52
C LEU C 599 25.08 -32.07 -15.76
N GLY C 600 25.15 -30.74 -15.79
CA GLY C 600 26.41 -30.09 -16.09
C GLY C 600 27.49 -30.38 -15.07
N PHE C 601 27.15 -30.22 -13.79
CA PHE C 601 28.16 -30.40 -12.75
C PHE C 601 28.54 -31.86 -12.61
N GLY C 602 27.60 -32.78 -12.84
CA GLY C 602 27.93 -34.19 -12.81
C GLY C 602 28.90 -34.58 -13.91
N VAL C 603 28.62 -34.14 -15.14
CA VAL C 603 29.54 -34.49 -16.22
C VAL C 603 30.90 -33.83 -15.97
N ALA C 604 30.92 -32.61 -15.45
CA ALA C 604 32.19 -31.96 -15.14
C ALA C 604 32.99 -32.76 -14.12
N LEU C 605 32.36 -33.04 -12.97
CA LEU C 605 33.05 -33.75 -11.90
C LEU C 605 33.52 -35.14 -12.36
N ALA C 606 32.66 -35.88 -13.05
CA ALA C 606 33.05 -37.18 -13.55
C ALA C 606 34.14 -37.07 -14.61
N SER C 607 34.25 -35.93 -15.28
CA SER C 607 35.37 -35.71 -16.18
C SER C 607 36.65 -35.36 -15.44
N LEU C 608 36.54 -34.84 -14.22
CA LEU C 608 37.73 -34.54 -13.45
C LEU C 608 38.30 -35.74 -12.72
N ILE C 609 37.50 -36.78 -12.51
CA ILE C 609 37.95 -37.96 -11.78
C ILE C 609 39.06 -38.66 -12.55
N GLU C 610 40.14 -39.00 -11.82
CA GLU C 610 41.31 -39.69 -12.43
C GLU C 610 41.18 -41.20 -12.17
N LYS C 611 41.52 -42.03 -13.15
CA LYS C 611 41.43 -43.51 -13.02
C LYS C 611 42.15 -43.95 -11.74
N CYS C 612 41.39 -44.44 -10.75
CA CYS C 612 41.97 -44.89 -9.46
C CYS C 612 41.70 -46.38 -9.28
N PRO C 613 42.65 -47.29 -9.63
CA PRO C 613 42.45 -48.73 -9.48
C PRO C 613 42.59 -49.17 -8.01
N ASN C 616 39.17 -51.41 -9.40
CA ASN C 616 38.70 -52.49 -8.50
C ASN C 616 38.73 -51.98 -7.05
N LYS C 617 39.08 -50.70 -6.86
CA LYS C 617 39.13 -50.10 -5.51
C LYS C 617 39.12 -48.57 -5.63
N ASP C 618 37.99 -48.01 -6.07
CA ASP C 618 37.85 -46.54 -6.23
C ASP C 618 38.25 -45.84 -4.92
N CYS C 619 39.13 -44.83 -5.02
CA CYS C 619 39.60 -44.08 -3.83
C CYS C 619 38.89 -42.72 -3.77
N SER C 620 37.62 -42.67 -4.21
CA SER C 620 36.83 -41.41 -4.21
C SER C 620 35.34 -41.75 -4.34
N SER C 621 34.49 -41.04 -3.57
CA SER C 621 33.02 -41.27 -3.62
C SER C 621 32.54 -41.22 -5.07
N TYR C 622 32.71 -40.08 -5.74
CA TYR C 622 32.29 -39.93 -7.12
C TYR C 622 32.99 -40.97 -7.99
N GLY C 623 32.20 -41.82 -8.65
CA GLY C 623 32.75 -42.84 -9.52
C GLY C 623 32.44 -42.55 -10.96
N SER C 624 31.42 -43.21 -11.49
CA SER C 624 30.91 -42.92 -12.83
C SER C 624 30.03 -41.68 -12.76
N PHE C 625 29.30 -41.41 -13.83
CA PHE C 625 28.42 -40.24 -13.87
C PHE C 625 27.32 -40.35 -12.80
N SER C 626 26.58 -41.46 -12.80
CA SER C 626 25.44 -41.59 -11.90
C SER C 626 25.88 -41.48 -10.44
N ASP C 627 27.06 -42.02 -10.12
CA ASP C 627 27.58 -41.85 -8.77
C ASP C 627 27.75 -40.38 -8.42
N ALA C 628 28.36 -39.61 -9.33
CA ALA C 628 28.55 -38.18 -9.10
C ALA C 628 27.22 -37.48 -8.92
N VAL C 629 26.26 -37.80 -9.79
CA VAL C 629 24.91 -37.17 -9.73
C VAL C 629 24.32 -37.47 -8.35
N LEU C 630 24.40 -38.73 -7.91
CA LEU C 630 23.87 -39.13 -6.58
C LEU C 630 24.64 -38.38 -5.49
N GLU C 631 25.96 -38.23 -5.65
CA GLU C 631 26.79 -37.51 -4.66
C GLU C 631 26.31 -36.06 -4.61
N LEU C 632 26.04 -35.46 -5.77
CA LEU C 632 25.58 -34.05 -5.84
C LEU C 632 24.21 -33.89 -5.16
N PHE C 633 23.23 -34.74 -5.51
CA PHE C 633 21.92 -34.70 -4.88
C PHE C 633 22.04 -34.67 -3.37
N LYS C 634 22.81 -35.61 -2.81
CA LYS C 634 22.97 -35.67 -1.37
C LYS C 634 23.57 -34.39 -0.82
N LEU C 635 24.49 -33.77 -1.57
CA LEU C 635 25.07 -32.50 -1.14
C LEU C 635 24.04 -31.39 -1.16
N THR C 636 23.14 -31.40 -2.14
CA THR C 636 22.06 -30.41 -2.16
C THR C 636 21.16 -30.57 -0.95
N ILE C 637 20.79 -31.81 -0.62
CA ILE C 637 19.98 -32.04 0.57
C ILE C 637 20.79 -31.97 1.86
N GLY C 638 22.10 -32.22 1.78
CA GLY C 638 22.96 -32.03 2.94
C GLY C 638 23.47 -33.31 3.56
N LEU C 639 23.70 -34.33 2.73
CA LEU C 639 24.15 -35.62 3.23
C LEU C 639 25.46 -36.08 2.60
N GLY C 640 25.91 -35.45 1.51
CA GLY C 640 27.16 -35.82 0.89
C GLY C 640 28.35 -35.46 1.75
N ASP C 641 29.54 -35.80 1.23
CA ASP C 641 30.78 -35.58 1.94
C ASP C 641 31.70 -34.72 1.08
N LEU C 642 32.29 -33.69 1.69
CA LEU C 642 33.23 -32.81 1.01
C LEU C 642 34.63 -33.22 1.41
N ASN C 643 35.21 -34.13 0.63
CA ASN C 643 36.60 -34.53 0.78
C ASN C 643 37.39 -34.03 -0.42
N ILE C 644 38.41 -33.21 -0.17
CA ILE C 644 39.18 -32.64 -1.27
C ILE C 644 39.92 -33.70 -2.06
N GLN C 645 40.16 -34.88 -1.49
CA GLN C 645 40.91 -35.93 -2.16
C GLN C 645 39.96 -36.92 -2.85
N GLN C 646 39.27 -36.40 -3.87
CA GLN C 646 38.45 -37.23 -4.74
C GLN C 646 39.25 -37.85 -5.88
N ASN C 647 40.58 -37.92 -5.73
CA ASN C 647 41.47 -38.47 -6.75
C ASN C 647 41.30 -37.73 -8.08
N SER C 648 41.49 -36.42 -8.03
CA SER C 648 41.36 -35.56 -9.19
C SER C 648 42.74 -35.27 -9.79
N LYS C 649 42.73 -34.60 -10.93
CA LYS C 649 43.97 -34.20 -11.53
C LYS C 649 44.26 -32.80 -11.04
N TYR C 650 43.19 -32.03 -10.75
CA TYR C 650 43.32 -30.63 -10.35
C TYR C 650 42.44 -30.42 -9.13
N PRO C 651 42.96 -30.71 -7.94
CA PRO C 651 42.13 -30.60 -6.73
C PRO C 651 41.55 -29.21 -6.53
N ILE C 652 42.32 -28.16 -6.81
CA ILE C 652 41.82 -26.81 -6.63
C ILE C 652 40.65 -26.54 -7.57
N LEU C 653 40.77 -26.97 -8.83
CA LEU C 653 39.72 -26.70 -9.80
C LEU C 653 38.48 -27.55 -9.52
N PHE C 654 38.67 -28.81 -9.13
CA PHE C 654 37.54 -29.64 -8.78
C PHE C 654 36.80 -29.07 -7.57
N LEU C 655 37.55 -28.65 -6.55
CA LEU C 655 36.92 -28.05 -5.38
C LEU C 655 36.20 -26.77 -5.76
N PHE C 656 36.77 -25.99 -6.68
CA PHE C 656 36.13 -24.78 -7.16
C PHE C 656 34.78 -25.10 -7.81
N LEU C 657 34.78 -26.09 -8.71
CA LEU C 657 33.54 -26.48 -9.39
C LEU C 657 32.49 -26.99 -8.40
N LEU C 658 32.92 -27.76 -7.39
CA LEU C 658 31.96 -28.29 -6.43
C LEU C 658 31.37 -27.18 -5.58
N ILE C 659 32.22 -26.27 -5.09
CA ILE C 659 31.73 -25.13 -4.33
C ILE C 659 30.81 -24.29 -5.20
N THR C 660 31.13 -24.17 -6.49
CA THR C 660 30.27 -23.43 -7.40
C THR C 660 28.89 -24.07 -7.50
N TYR C 661 28.86 -25.40 -7.64
CA TYR C 661 27.56 -26.07 -7.72
C TYR C 661 26.75 -25.85 -6.46
N VAL C 662 27.35 -26.06 -5.29
CA VAL C 662 26.57 -25.94 -4.07
C VAL C 662 26.13 -24.50 -3.84
N ILE C 663 26.99 -23.54 -4.18
CA ILE C 663 26.64 -22.12 -4.03
C ILE C 663 25.49 -21.77 -4.95
N LEU C 664 25.55 -22.22 -6.20
CA LEU C 664 24.53 -21.82 -7.16
C LEU C 664 23.20 -22.51 -6.88
N THR C 665 23.22 -23.76 -6.40
CA THR C 665 21.96 -24.38 -6.01
C THR C 665 21.41 -23.74 -4.74
N PHE C 666 22.29 -23.26 -3.86
CA PHE C 666 21.85 -22.44 -2.74
C PHE C 666 21.16 -21.17 -3.24
N VAL C 667 21.75 -20.54 -4.25
CA VAL C 667 21.18 -19.32 -4.81
C VAL C 667 19.84 -19.61 -5.48
N LEU C 668 19.71 -20.77 -6.10
CA LEU C 668 18.43 -21.15 -6.68
C LEU C 668 17.38 -21.41 -5.62
N LEU C 669 17.79 -21.98 -4.48
CA LEU C 669 16.87 -22.10 -3.35
C LEU C 669 16.41 -20.72 -2.89
N LEU C 670 17.33 -19.78 -2.75
CA LEU C 670 16.95 -18.43 -2.33
C LEU C 670 16.00 -17.79 -3.34
N ASN C 671 16.32 -17.90 -4.63
CA ASN C 671 15.49 -17.32 -5.66
C ASN C 671 14.10 -17.94 -5.69
N MET C 672 14.02 -19.25 -5.44
CA MET C 672 12.71 -19.90 -5.36
C MET C 672 11.92 -19.37 -4.17
N LEU C 673 12.57 -19.31 -3.00
CA LEU C 673 11.92 -18.72 -1.84
C LEU C 673 11.41 -17.32 -2.15
N ILE C 674 12.15 -16.58 -2.97
CA ILE C 674 11.71 -15.24 -3.36
C ILE C 674 10.46 -15.31 -4.23
N ALA C 675 10.52 -16.10 -5.29
CA ALA C 675 9.38 -16.21 -6.20
C ALA C 675 8.11 -16.66 -5.50
N LEU C 676 8.22 -17.41 -4.40
CA LEU C 676 7.03 -17.84 -3.69
C LEU C 676 6.73 -17.04 -2.43
N MET C 677 7.62 -16.13 -2.02
CA MET C 677 7.36 -15.33 -0.83
C MET C 677 7.10 -13.86 -1.13
N GLY C 678 7.38 -13.41 -2.34
CA GLY C 678 7.09 -12.04 -2.69
C GLY C 678 5.93 -11.88 -3.66
N GLU C 679 5.86 -12.76 -4.66
CA GLU C 679 4.88 -12.60 -5.72
C GLU C 679 3.53 -13.17 -5.32
N THR C 680 3.48 -14.47 -5.04
CA THR C 680 2.21 -15.13 -4.77
C THR C 680 1.52 -14.58 -3.53
N VAL C 681 2.30 -14.13 -2.54
CA VAL C 681 1.73 -13.70 -1.26
C VAL C 681 0.75 -12.55 -1.44
N GLU C 682 0.90 -11.78 -2.52
CA GLU C 682 -0.05 -10.70 -2.79
C GLU C 682 -1.43 -11.26 -3.16
N ASN C 683 -1.48 -12.09 -4.20
CA ASN C 683 -2.75 -12.55 -4.77
C ASN C 683 -3.14 -13.95 -4.31
N VAL C 684 -2.43 -14.52 -3.32
CA VAL C 684 -2.76 -15.88 -2.89
C VAL C 684 -4.16 -15.92 -2.29
N SER C 685 -4.48 -14.96 -1.41
CA SER C 685 -5.76 -14.97 -0.73
C SER C 685 -6.93 -14.90 -1.71
N LYS C 686 -6.76 -14.12 -2.78
CA LYS C 686 -7.84 -13.94 -3.74
C LYS C 686 -7.90 -15.10 -4.73
N GLU C 687 -6.75 -15.53 -5.22
CA GLU C 687 -6.71 -16.62 -6.19
C GLU C 687 -7.21 -17.92 -5.58
N SER C 688 -6.80 -18.21 -4.35
CA SER C 688 -7.28 -19.39 -3.65
C SER C 688 -8.80 -19.41 -3.62
N GLU C 689 -9.41 -18.31 -3.21
CA GLU C 689 -10.87 -18.28 -3.10
C GLU C 689 -11.53 -18.37 -4.46
N ARG C 690 -10.98 -17.71 -5.49
CA ARG C 690 -11.65 -17.78 -6.79
C ARG C 690 -11.57 -19.19 -7.37
N ILE C 691 -10.43 -19.87 -7.23
CA ILE C 691 -10.32 -21.21 -7.78
C ILE C 691 -11.15 -22.19 -6.96
N TRP C 692 -11.22 -22.00 -5.64
CA TRP C 692 -12.09 -22.84 -4.82
C TRP C 692 -13.54 -22.65 -5.20
N ARG C 693 -13.95 -21.41 -5.45
CA ARG C 693 -15.34 -21.14 -5.82
C ARG C 693 -15.67 -21.76 -7.16
N LEU C 694 -14.76 -21.66 -8.13
CA LEU C 694 -14.98 -22.34 -9.41
C LEU C 694 -15.10 -23.83 -9.22
N GLN C 695 -14.22 -24.42 -8.40
CA GLN C 695 -14.28 -25.85 -8.15
C GLN C 695 -15.59 -26.24 -7.50
N ARG C 696 -16.04 -25.47 -6.52
CA ARG C 696 -17.29 -25.79 -5.83
C ARG C 696 -18.47 -25.69 -6.76
N ALA C 697 -18.50 -24.66 -7.61
CA ALA C 697 -19.56 -24.57 -8.61
C ALA C 697 -19.56 -25.77 -9.52
N ARG C 698 -18.38 -26.20 -9.99
CA ARG C 698 -18.31 -27.34 -10.89
C ARG C 698 -18.79 -28.60 -10.19
N THR C 699 -18.37 -28.81 -8.94
CA THR C 699 -18.79 -30.01 -8.22
C THR C 699 -20.29 -30.02 -7.97
N ILE C 700 -20.85 -28.87 -7.60
CA ILE C 700 -22.29 -28.78 -7.37
C ILE C 700 -23.05 -29.10 -8.65
N LEU C 701 -22.66 -28.48 -9.76
CA LEU C 701 -23.37 -28.71 -11.01
C LEU C 701 -23.15 -30.13 -11.52
N GLU C 702 -22.04 -30.70 -11.08
CA GLU C 702 -21.69 -32.10 -11.45
C GLU C 702 -22.72 -32.98 -10.77
N PHE C 703 -22.68 -32.97 -9.44
CA PHE C 703 -23.60 -33.75 -8.61
C PHE C 703 -25.03 -33.57 -9.09
N GLU C 704 -25.32 -32.34 -9.49
CA GLU C 704 -26.64 -31.94 -10.00
C GLU C 704 -27.09 -32.95 -11.05
N LYS C 705 -26.19 -33.29 -11.97
CA LYS C 705 -26.48 -34.22 -13.06
C LYS C 705 -26.43 -35.68 -12.60
N MET C 706 -25.62 -35.99 -11.59
CA MET C 706 -25.48 -37.37 -11.13
C MET C 706 -26.77 -37.92 -10.54
N LEU C 707 -27.75 -37.08 -10.27
CA LEU C 707 -28.99 -37.49 -9.62
C LEU C 707 -30.08 -37.74 -10.65
N PRO C 708 -31.06 -38.56 -10.31
CA PRO C 708 -32.16 -38.85 -11.25
C PRO C 708 -33.14 -37.69 -11.33
N GLU C 709 -34.06 -37.81 -12.29
CA GLU C 709 -35.02 -36.74 -12.53
C GLU C 709 -35.95 -36.54 -11.34
N TRP C 710 -36.46 -37.66 -10.77
CA TRP C 710 -37.41 -37.54 -9.67
C TRP C 710 -36.78 -36.88 -8.44
N LEU C 711 -35.56 -37.30 -8.08
CA LEU C 711 -34.90 -36.72 -6.91
C LEU C 711 -34.56 -35.25 -7.17
N ARG C 712 -34.12 -34.93 -8.38
CA ARG C 712 -33.83 -33.54 -8.71
C ARG C 712 -35.08 -32.68 -8.56
N SER C 713 -36.21 -33.14 -9.11
CA SER C 713 -37.46 -32.43 -8.92
C SER C 713 -37.84 -32.35 -7.45
N ARG C 714 -37.45 -33.36 -6.66
CA ARG C 714 -37.69 -33.30 -5.22
C ARG C 714 -36.84 -32.23 -4.57
N PHE C 715 -35.69 -31.89 -5.15
CA PHE C 715 -34.88 -30.82 -4.58
C PHE C 715 -35.41 -29.45 -5.03
N ARG C 716 -35.32 -29.17 -6.33
CA ARG C 716 -36.00 -28.04 -6.98
C ARG C 716 -35.85 -26.74 -6.17
N MET C 717 -34.62 -26.25 -6.12
CA MET C 717 -34.36 -24.97 -5.47
C MET C 717 -35.27 -23.89 -6.03
N GLY C 718 -35.78 -23.05 -5.14
CA GLY C 718 -36.68 -21.99 -5.52
C GLY C 718 -38.13 -22.32 -5.17
N GLU C 719 -38.98 -21.29 -5.21
CA GLU C 719 -40.38 -21.42 -4.89
C GLU C 719 -41.22 -20.85 -6.02
N LEU C 720 -42.54 -20.85 -5.82
CA LEU C 720 -43.47 -20.21 -6.74
C LEU C 720 -43.79 -18.80 -6.27
N CYS C 721 -44.26 -17.96 -7.19
CA CYS C 721 -44.57 -16.59 -6.85
C CYS C 721 -45.40 -15.91 -7.94
N LYS C 722 -46.47 -15.22 -7.55
CA LYS C 722 -47.33 -14.52 -8.49
C LYS C 722 -46.92 -13.06 -8.55
N VAL C 723 -46.61 -12.57 -9.75
CA VAL C 723 -46.19 -11.18 -9.93
C VAL C 723 -47.13 -10.47 -10.89
N ALA C 724 -47.44 -11.11 -12.00
CA ALA C 724 -48.24 -10.52 -13.06
C ALA C 724 -49.70 -10.96 -12.93
N GLU C 725 -50.49 -10.63 -13.95
CA GLU C 725 -51.86 -11.13 -14.01
C GLU C 725 -51.88 -12.65 -13.89
N ASP C 726 -51.08 -13.33 -14.70
CA ASP C 726 -50.85 -14.76 -14.52
C ASP C 726 -49.42 -15.05 -15.02
N ASP C 727 -48.47 -14.99 -14.09
CA ASP C 727 -47.08 -15.34 -14.39
C ASP C 727 -46.64 -16.57 -13.61
N PHE C 728 -46.71 -16.52 -12.27
CA PHE C 728 -46.42 -17.65 -11.41
C PHE C 728 -45.10 -18.33 -11.79
N ARG C 729 -44.10 -17.53 -12.05
CA ARG C 729 -42.83 -18.08 -12.41
C ARG C 729 -42.09 -18.47 -11.14
N LEU C 730 -40.99 -19.21 -11.30
CA LEU C 730 -40.15 -19.59 -10.17
C LEU C 730 -39.47 -18.36 -9.58
N CYS C 731 -39.11 -18.44 -8.29
CA CYS C 731 -38.48 -17.32 -7.60
C CYS C 731 -37.63 -17.85 -6.46
N LEU C 732 -36.82 -16.95 -5.90
CA LEU C 732 -35.85 -17.31 -4.88
C LEU C 732 -35.73 -16.14 -3.91
N ARG C 733 -36.36 -16.27 -2.75
CA ARG C 733 -36.40 -15.18 -1.79
C ARG C 733 -35.02 -14.87 -1.24
N ILE C 734 -34.74 -13.58 -1.05
CA ILE C 734 -33.52 -13.13 -0.38
C ILE C 734 -33.85 -11.97 0.54
N ASN C 735 -33.82 -12.22 1.84
CA ASN C 735 -33.99 -11.12 2.79
C ASN C 735 -32.75 -10.23 2.77
N GLU C 736 -32.92 -8.99 3.21
CA GLU C 736 -31.83 -8.02 3.20
C GLU C 736 -32.14 -6.92 4.21
N VAL C 737 -31.10 -6.12 4.51
CA VAL C 737 -31.20 -5.02 5.45
C VAL C 737 -30.32 -3.89 4.95
N LYS C 738 -30.92 -2.71 4.78
CA LYS C 738 -30.20 -1.53 4.33
C LYS C 738 -30.73 -0.30 5.06
N TRP C 739 -29.86 0.37 5.81
CA TRP C 739 -30.22 1.55 6.56
C TRP C 739 -29.88 2.86 5.84
N THR C 740 -29.32 2.79 4.63
CA THR C 740 -28.78 3.97 3.99
C THR C 740 -29.83 4.72 3.16
N GLU C 741 -30.52 4.03 2.28
CA GLU C 741 -31.46 4.64 1.36
C GLU C 741 -32.88 4.42 1.88
N TRP C 742 -33.47 5.47 2.43
CA TRP C 742 -34.84 5.43 2.93
C TRP C 742 -35.79 5.85 1.82
N LYS C 743 -36.79 5.02 1.54
CA LYS C 743 -37.75 5.29 0.48
C LYS C 743 -39.14 4.85 0.93
N THR C 744 -40.14 5.67 0.61
CA THR C 744 -41.52 5.28 0.85
C THR C 744 -41.88 4.13 -0.07
N HIS C 745 -41.98 2.93 0.48
CA HIS C 745 -42.17 1.73 -0.33
C HIS C 745 -43.46 1.81 -1.12
N VAL C 746 -43.38 1.55 -2.42
CA VAL C 746 -44.51 1.75 -3.32
C VAL C 746 -44.89 0.44 -4.01
N SER C 747 -43.92 -0.45 -4.18
CA SER C 747 -44.12 -1.68 -4.95
C SER C 747 -43.83 -2.88 -4.06
N PHE C 748 -44.75 -3.84 -4.05
CA PHE C 748 -44.58 -5.09 -3.33
C PHE C 748 -45.69 -6.04 -3.75
N LEU C 749 -45.42 -7.34 -3.59
CA LEU C 749 -46.42 -8.36 -3.90
C LEU C 749 -47.39 -8.54 -2.74
N ASN C 750 -46.87 -8.93 -1.58
CA ASN C 750 -47.68 -9.13 -0.40
C ASN C 750 -47.55 -7.91 0.51
N GLU C 751 -48.64 -7.14 0.63
CA GLU C 751 -48.62 -5.95 1.48
C GLU C 751 -48.38 -6.31 2.93
N ASP C 752 -48.83 -7.49 3.36
CA ASP C 752 -48.63 -7.95 4.72
C ASP C 752 -47.30 -8.69 4.82
N PRO C 753 -46.30 -8.16 5.51
CA PRO C 753 -44.99 -8.84 5.57
C PRO C 753 -45.07 -10.10 6.43
N GLY C 754 -44.65 -11.21 5.84
CA GLY C 754 -44.59 -12.47 6.56
C GLY C 754 -43.19 -12.89 6.91
N ARG D 118 31.61 61.83 -12.20
CA ARG D 118 30.80 61.46 -11.05
C ARG D 118 29.32 61.42 -11.41
N LEU D 119 28.96 62.15 -12.46
CA LEU D 119 27.56 62.14 -12.91
C LEU D 119 27.17 60.81 -13.51
N LYS D 120 28.13 60.05 -14.03
CA LYS D 120 27.84 58.73 -14.60
C LYS D 120 27.25 57.81 -13.54
N LYS D 121 28.01 57.56 -12.46
CA LYS D 121 27.50 56.73 -11.38
C LYS D 121 26.28 57.36 -10.73
N ARG D 122 26.17 58.68 -10.75
CA ARG D 122 24.98 59.34 -10.21
C ARG D 122 23.73 58.92 -10.97
N ILE D 123 23.74 59.08 -12.29
CA ILE D 123 22.59 58.66 -13.09
C ILE D 123 22.40 57.15 -13.01
N PHE D 124 23.49 56.39 -12.90
CA PHE D 124 23.37 54.93 -12.81
C PHE D 124 22.60 54.55 -11.56
N ALA D 125 22.99 55.09 -10.40
CA ALA D 125 22.27 54.79 -9.17
C ALA D 125 20.86 55.34 -9.20
N ALA D 126 20.65 56.51 -9.82
CA ALA D 126 19.32 57.08 -9.90
C ALA D 126 18.38 56.18 -10.69
N VAL D 127 18.88 55.57 -11.78
CA VAL D 127 18.03 54.72 -12.59
C VAL D 127 17.91 53.32 -11.99
N SER D 128 18.95 52.84 -11.31
CA SER D 128 18.87 51.52 -10.69
C SER D 128 17.90 51.53 -9.51
N GLU D 129 18.05 52.51 -8.62
CA GLU D 129 17.07 52.66 -7.54
C GLU D 129 15.70 53.02 -8.11
N GLY D 130 15.66 53.94 -9.07
CA GLY D 130 14.41 54.36 -9.65
C GLY D 130 13.44 54.97 -8.67
N CYS D 131 13.95 55.45 -7.52
CA CYS D 131 13.08 56.00 -6.47
C CYS D 131 12.28 57.20 -6.94
N VAL D 132 12.67 57.83 -8.04
CA VAL D 132 11.91 58.92 -8.64
C VAL D 132 12.40 59.11 -10.06
N GLU D 133 11.53 59.64 -10.91
CA GLU D 133 11.91 59.95 -12.29
C GLU D 133 12.28 61.41 -12.50
N GLU D 134 11.90 62.29 -11.58
CA GLU D 134 12.21 63.71 -11.74
C GLU D 134 13.71 63.95 -11.72
N LEU D 135 14.41 63.36 -10.76
CA LEU D 135 15.85 63.62 -10.67
C LEU D 135 16.60 62.95 -11.81
N VAL D 136 16.07 61.83 -12.33
CA VAL D 136 16.74 61.21 -13.46
C VAL D 136 16.52 62.04 -14.72
N GLU D 137 15.34 62.66 -14.85
CA GLU D 137 15.14 63.59 -15.96
C GLU D 137 16.04 64.81 -15.84
N LEU D 138 16.23 65.30 -14.61
CA LEU D 138 17.15 66.41 -14.39
C LEU D 138 18.58 66.02 -14.75
N LEU D 139 18.99 64.81 -14.37
CA LEU D 139 20.33 64.34 -14.73
C LEU D 139 20.48 64.21 -16.23
N VAL D 140 19.42 63.75 -16.92
CA VAL D 140 19.47 63.66 -18.37
C VAL D 140 19.61 65.04 -18.98
N GLU D 141 18.87 66.02 -18.46
CA GLU D 141 18.99 67.39 -18.96
C GLU D 141 20.39 67.94 -18.74
N LEU D 142 20.97 67.67 -17.57
CA LEU D 142 22.33 68.13 -17.30
C LEU D 142 23.34 67.48 -18.23
N GLN D 143 23.19 66.18 -18.48
CA GLN D 143 24.09 65.50 -19.42
C GLN D 143 23.94 66.04 -20.83
N GLU D 144 22.70 66.35 -21.24
CA GLU D 144 22.49 66.94 -22.56
C GLU D 144 23.13 68.31 -22.66
N LEU D 145 23.01 69.12 -21.61
CA LEU D 145 23.66 70.42 -21.60
C LEU D 145 25.18 70.27 -21.69
N CYS D 146 25.74 69.30 -20.96
CA CYS D 146 27.18 69.09 -21.00
C CYS D 146 27.63 68.59 -22.37
N ARG D 147 26.80 67.80 -23.05
CA ARG D 147 27.14 67.28 -24.36
C ARG D 147 26.93 68.28 -25.48
N ARG D 148 26.10 69.31 -25.25
CA ARG D 148 25.84 70.29 -26.30
C ARG D 148 27.09 71.06 -26.68
N ARG D 149 28.02 71.24 -25.73
CA ARG D 149 29.25 71.97 -26.01
C ARG D 149 30.17 71.19 -26.94
N VAL D 154 30.11 63.76 -31.53
CA VAL D 154 29.07 64.23 -30.63
C VAL D 154 28.22 63.08 -30.05
N PRO D 155 27.69 62.17 -30.90
CA PRO D 155 26.95 61.04 -30.34
C PRO D 155 27.84 60.02 -29.66
N ASP D 156 29.06 59.82 -30.17
CA ASP D 156 30.00 58.92 -29.51
C ASP D 156 30.28 59.38 -28.09
N PHE D 157 30.37 60.69 -27.86
CA PHE D 157 30.60 61.19 -26.51
C PHE D 157 29.40 60.89 -25.62
N LEU D 158 28.18 61.08 -26.13
CA LEU D 158 26.99 60.78 -25.35
C LEU D 158 26.93 59.30 -24.98
N MET D 159 27.33 58.44 -25.92
CA MET D 159 27.38 57.01 -25.61
C MET D 159 28.43 56.72 -24.54
N HIS D 160 29.65 57.21 -24.74
CA HIS D 160 30.73 56.97 -23.79
C HIS D 160 30.35 57.43 -22.38
N LYS D 161 29.62 58.55 -22.29
CA LYS D 161 29.19 59.05 -21.00
C LYS D 161 27.95 58.34 -20.48
N LEU D 162 27.19 57.67 -21.35
CA LEU D 162 25.96 57.01 -20.96
C LEU D 162 26.12 55.52 -20.77
N THR D 163 27.33 54.98 -20.96
CA THR D 163 27.60 53.57 -20.77
C THR D 163 28.79 53.41 -19.83
N ALA D 164 28.92 52.21 -19.29
CA ALA D 164 30.09 51.84 -18.48
C ALA D 164 31.01 50.97 -19.33
N SER D 165 32.19 51.48 -19.63
CA SER D 165 33.12 50.80 -20.53
C SER D 165 33.74 49.56 -19.92
N ASP D 166 33.36 49.17 -18.71
CA ASP D 166 33.86 47.93 -18.13
C ASP D 166 33.29 46.71 -18.85
N THR D 167 31.97 46.60 -18.88
CA THR D 167 31.29 45.55 -19.61
C THR D 167 30.51 46.06 -20.80
N GLY D 168 29.95 47.26 -20.72
CA GLY D 168 29.04 47.76 -21.72
C GLY D 168 27.63 47.97 -21.22
N LYS D 169 27.38 47.72 -19.94
CA LYS D 169 26.04 47.88 -19.38
C LYS D 169 25.61 49.34 -19.43
N THR D 170 24.59 49.63 -20.23
CA THR D 170 24.11 50.99 -20.38
C THR D 170 23.00 51.29 -19.37
N CYS D 171 22.48 52.51 -19.43
CA CYS D 171 21.41 52.89 -18.51
C CYS D 171 20.13 52.11 -18.76
N LEU D 172 19.88 51.73 -20.00
CA LEU D 172 18.68 50.94 -20.30
C LEU D 172 18.78 49.56 -19.66
N MET D 173 19.91 48.88 -19.86
CA MET D 173 20.12 47.59 -19.22
C MET D 173 20.02 47.71 -17.71
N LYS D 174 20.69 48.72 -17.13
CA LYS D 174 20.68 48.88 -15.69
C LYS D 174 19.26 49.12 -15.17
N ALA D 175 18.46 49.86 -15.93
CA ALA D 175 17.07 50.05 -15.57
C ALA D 175 16.31 48.73 -15.57
N LEU D 176 16.46 47.95 -16.65
CA LEU D 176 15.73 46.71 -16.77
C LEU D 176 16.16 45.67 -15.73
N LEU D 177 17.41 45.69 -15.28
CA LEU D 177 17.85 44.70 -14.31
C LEU D 177 17.15 44.86 -12.97
N ASN D 178 16.77 46.08 -12.60
CA ASN D 178 16.17 46.36 -11.30
C ASN D 178 14.74 46.83 -11.53
N ILE D 179 13.80 45.89 -11.55
CA ILE D 179 12.41 46.20 -11.86
C ILE D 179 11.75 46.81 -10.63
N ASN D 180 11.50 48.11 -10.69
CA ASN D 180 10.67 48.81 -9.74
C ASN D 180 9.47 49.39 -10.49
N PRO D 181 8.36 49.67 -9.80
CA PRO D 181 7.15 50.12 -10.51
C PRO D 181 7.34 51.36 -11.38
N ASN D 182 8.52 51.96 -11.40
CA ASN D 182 8.76 53.15 -12.20
C ASN D 182 9.38 52.87 -13.57
N THR D 183 9.82 51.62 -13.82
CA THR D 183 10.51 51.32 -15.08
C THR D 183 9.67 51.70 -16.29
N LYS D 184 8.36 51.42 -16.24
CA LYS D 184 7.49 51.66 -17.39
C LYS D 184 7.62 53.06 -17.95
N GLU D 185 7.95 54.05 -17.12
CA GLU D 185 8.19 55.42 -17.58
C GLU D 185 9.66 55.74 -17.73
N ILE D 186 10.52 55.12 -16.93
CA ILE D 186 11.95 55.37 -17.05
C ILE D 186 12.46 54.95 -18.42
N VAL D 187 12.01 53.78 -18.91
CA VAL D 187 12.44 53.33 -20.22
C VAL D 187 11.92 54.26 -21.30
N ARG D 188 10.69 54.76 -21.15
CA ARG D 188 10.16 55.69 -22.14
C ARG D 188 11.00 56.96 -22.18
N ILE D 189 11.37 57.48 -21.01
CA ILE D 189 12.21 58.68 -20.97
C ILE D 189 13.57 58.40 -21.60
N LEU D 190 14.13 57.21 -21.34
CA LEU D 190 15.43 56.87 -21.89
C LEU D 190 15.37 56.76 -23.41
N LEU D 191 14.31 56.16 -23.95
CA LEU D 191 14.18 56.07 -25.40
C LEU D 191 13.95 57.45 -26.01
N ALA D 192 13.17 58.30 -25.34
CA ALA D 192 13.00 59.67 -25.82
C ALA D 192 14.35 60.41 -25.86
N PHE D 193 15.18 60.20 -24.84
CA PHE D 193 16.49 60.83 -24.82
C PHE D 193 17.37 60.28 -25.94
N ALA D 194 17.35 58.96 -26.14
CA ALA D 194 18.15 58.38 -27.21
C ALA D 194 17.68 58.84 -28.58
N GLU D 195 16.39 59.16 -28.71
CA GLU D 195 15.87 59.73 -29.95
C GLU D 195 16.25 61.20 -30.10
N GLU D 196 16.40 61.92 -28.99
CA GLU D 196 16.81 63.32 -29.06
C GLU D 196 18.12 63.49 -29.80
N ASN D 197 19.11 62.64 -29.49
CA ASN D 197 20.37 62.62 -30.23
C ASN D 197 20.34 61.62 -31.38
N ASP D 198 19.25 60.85 -31.52
CA ASP D 198 19.12 59.83 -32.55
C ASP D 198 20.29 58.84 -32.48
N ILE D 199 20.39 58.20 -31.31
CA ILE D 199 21.47 57.25 -31.06
C ILE D 199 20.85 55.90 -30.70
N LEU D 200 19.53 55.79 -30.90
CA LEU D 200 18.80 54.57 -30.55
C LEU D 200 19.45 53.33 -31.14
N GLY D 201 20.00 53.44 -32.35
CA GLY D 201 20.66 52.32 -32.99
C GLY D 201 21.75 51.69 -32.15
N ARG D 202 22.79 52.46 -31.83
CA ARG D 202 23.84 51.96 -30.96
C ARG D 202 23.42 51.94 -29.50
N PHE D 203 22.27 52.51 -29.16
CA PHE D 203 21.83 52.55 -27.76
C PHE D 203 21.15 51.24 -27.36
N ILE D 204 20.03 50.91 -28.02
CA ILE D 204 19.29 49.70 -27.67
C ILE D 204 20.07 48.46 -28.09
N ASN D 205 20.58 48.45 -29.31
CA ASN D 205 21.33 47.29 -29.80
C ASN D 205 22.68 47.13 -29.13
N ALA D 206 23.04 48.02 -28.20
CA ALA D 206 24.27 47.83 -27.45
C ALA D 206 24.21 46.53 -26.66
N GLU D 207 25.38 45.96 -26.41
CA GLU D 207 25.45 44.66 -25.75
C GLU D 207 26.67 44.63 -24.86
N TYR D 208 26.72 43.62 -23.98
CA TYR D 208 27.85 43.47 -23.09
C TYR D 208 29.12 43.16 -23.87
N THR D 209 30.24 43.18 -23.17
CA THR D 209 31.52 42.78 -23.72
C THR D 209 32.31 41.86 -22.80
N GLU D 210 31.90 41.70 -21.55
CA GLU D 210 32.60 40.81 -20.63
C GLU D 210 32.49 39.37 -21.11
N GLU D 211 33.49 38.57 -20.76
CA GLU D 211 33.54 37.17 -21.19
C GLU D 211 32.38 36.35 -20.65
N ALA D 212 31.55 36.90 -19.77
CA ALA D 212 30.44 36.12 -19.23
C ALA D 212 29.20 36.24 -20.11
N TYR D 213 28.71 37.46 -20.31
CA TYR D 213 27.47 37.73 -21.04
C TYR D 213 27.74 38.28 -22.44
N GLU D 214 28.75 37.75 -23.11
CA GLU D 214 29.17 38.29 -24.41
C GLU D 214 28.00 38.32 -25.38
N GLY D 215 27.56 39.53 -25.74
CA GLY D 215 26.47 39.70 -26.68
C GLY D 215 25.11 39.95 -26.05
N GLN D 216 24.96 39.77 -24.74
CA GLN D 216 23.66 39.93 -24.11
C GLN D 216 23.11 41.32 -24.37
N THR D 217 21.82 41.40 -24.68
CA THR D 217 21.19 42.61 -25.16
C THR D 217 20.03 42.97 -24.23
N ALA D 218 19.66 44.26 -24.26
CA ALA D 218 18.58 44.75 -23.41
C ALA D 218 17.28 43.96 -23.58
N LEU D 219 16.95 43.56 -24.80
CA LEU D 219 15.75 42.74 -25.00
C LEU D 219 15.86 41.42 -24.27
N ASN D 220 17.04 40.81 -24.29
CA ASN D 220 17.25 39.58 -23.55
C ASN D 220 16.98 39.76 -22.07
N ILE D 221 17.40 40.90 -21.52
CA ILE D 221 17.16 41.19 -20.11
C ILE D 221 15.68 41.40 -19.85
N ALA D 222 15.03 42.19 -20.71
CA ALA D 222 13.60 42.45 -20.54
C ALA D 222 12.79 41.17 -20.59
N ILE D 223 13.22 40.21 -21.41
CA ILE D 223 12.51 38.94 -21.45
C ILE D 223 12.84 38.10 -20.22
N GLU D 224 14.10 38.10 -19.78
CA GLU D 224 14.47 37.33 -18.59
C GLU D 224 13.73 37.78 -17.34
N ARG D 225 13.23 39.01 -17.31
CA ARG D 225 12.50 39.54 -16.16
C ARG D 225 11.01 39.61 -16.38
N ARG D 226 10.50 38.96 -17.44
CA ARG D 226 9.07 38.81 -17.70
C ARG D 226 8.37 40.14 -17.96
N GLN D 227 9.11 41.19 -18.32
CA GLN D 227 8.49 42.49 -18.61
C GLN D 227 8.05 42.48 -20.07
N GLY D 228 6.79 42.12 -20.29
CA GLY D 228 6.28 42.02 -21.64
C GLY D 228 6.04 43.37 -22.28
N ASP D 229 5.37 44.27 -21.57
CA ASP D 229 5.07 45.59 -22.12
C ASP D 229 6.35 46.34 -22.50
N ILE D 230 7.37 46.26 -21.65
CA ILE D 230 8.64 46.92 -21.96
C ILE D 230 9.33 46.23 -23.13
N ALA D 231 9.17 44.90 -23.25
CA ALA D 231 9.68 44.22 -24.42
C ALA D 231 9.01 44.75 -25.69
N ALA D 232 7.70 45.01 -25.62
CA ALA D 232 6.98 45.60 -26.74
C ALA D 232 7.52 46.98 -27.06
N LEU D 233 7.69 47.81 -26.03
CA LEU D 233 8.25 49.15 -26.24
C LEU D 233 9.64 49.08 -26.85
N LEU D 234 10.41 48.05 -26.50
CA LEU D 234 11.76 47.91 -27.02
C LEU D 234 11.74 47.53 -28.49
N ILE D 235 10.99 46.48 -28.84
CA ILE D 235 10.95 46.06 -30.24
C ILE D 235 10.34 47.16 -31.11
N ALA D 236 9.36 47.89 -30.58
CA ALA D 236 8.84 49.04 -31.30
C ALA D 236 9.91 50.11 -31.46
N ALA D 237 10.83 50.21 -30.50
CA ALA D 237 11.96 51.12 -30.61
C ALA D 237 13.08 50.56 -31.49
N GLY D 238 12.88 49.40 -32.10
CA GLY D 238 13.87 48.83 -32.98
C GLY D 238 14.90 47.99 -32.26
N ALA D 239 14.46 47.29 -31.20
CA ALA D 239 15.35 46.39 -30.49
C ALA D 239 15.70 45.20 -31.37
N ASP D 240 16.99 44.92 -31.51
CA ASP D 240 17.45 43.83 -32.36
C ASP D 240 16.94 42.52 -31.81
N VAL D 241 16.04 41.86 -32.56
CA VAL D 241 15.33 40.70 -32.02
C VAL D 241 16.16 39.43 -32.14
N ASN D 242 16.99 39.32 -33.18
CA ASN D 242 17.80 38.12 -33.38
C ASN D 242 19.21 38.27 -32.83
N ALA D 243 19.39 39.11 -31.81
CA ALA D 243 20.71 39.29 -31.22
C ALA D 243 21.08 38.05 -30.43
N HIS D 244 22.16 37.38 -30.82
CA HIS D 244 22.56 36.13 -30.19
C HIS D 244 23.41 36.40 -28.97
N ALA D 245 23.00 35.84 -27.84
CA ALA D 245 23.71 36.02 -26.57
C ALA D 245 24.71 34.89 -26.36
N LYS D 246 25.70 34.82 -27.24
CA LYS D 246 26.66 33.72 -27.23
C LYS D 246 27.76 33.95 -26.21
N GLY D 247 27.37 34.21 -24.96
CA GLY D 247 28.35 34.41 -23.91
C GLY D 247 28.67 33.11 -23.18
N ALA D 248 29.88 33.08 -22.59
CA ALA D 248 30.31 31.88 -21.89
C ALA D 248 29.44 31.55 -20.69
N PHE D 249 28.58 32.48 -20.27
CA PHE D 249 27.60 32.16 -19.23
C PHE D 249 26.36 31.51 -19.86
N PHE D 250 25.84 32.08 -20.94
CA PHE D 250 24.63 31.56 -21.56
C PHE D 250 24.87 30.21 -22.23
N ASN D 251 26.12 29.87 -22.55
CA ASN D 251 26.45 28.56 -23.10
C ASN D 251 27.40 27.84 -22.14
N PRO D 252 26.93 27.49 -20.94
CA PRO D 252 27.82 26.92 -19.94
C PRO D 252 28.09 25.45 -20.20
N LYS D 253 29.34 25.04 -19.96
CA LYS D 253 29.70 23.64 -20.13
C LYS D 253 29.24 22.80 -18.94
N TYR D 254 29.53 23.25 -17.73
CA TYR D 254 29.06 22.58 -16.53
C TYR D 254 27.71 23.19 -16.13
N GLN D 255 26.73 22.33 -15.87
CA GLN D 255 25.40 22.80 -15.49
C GLN D 255 25.46 23.46 -14.10
N HIS D 256 24.33 24.05 -13.72
CA HIS D 256 24.12 24.65 -12.41
C HIS D 256 24.91 25.95 -12.24
N GLU D 257 25.75 26.28 -13.23
CA GLU D 257 26.45 27.57 -13.28
C GLU D 257 26.22 28.10 -14.69
N GLY D 258 25.09 28.77 -14.89
CA GLY D 258 24.68 29.16 -16.21
C GLY D 258 23.32 28.60 -16.57
N PHE D 259 22.69 29.15 -17.61
CA PHE D 259 21.36 28.73 -18.02
C PHE D 259 21.31 28.75 -19.54
N TYR D 260 21.51 27.60 -20.16
CA TYR D 260 21.46 27.50 -21.61
C TYR D 260 20.01 27.44 -22.07
N PHE D 261 19.66 28.33 -22.98
CA PHE D 261 18.26 28.48 -23.37
C PHE D 261 18.04 28.65 -24.86
N GLY D 262 19.10 28.60 -25.69
CA GLY D 262 18.98 28.84 -27.10
C GLY D 262 19.56 30.14 -27.58
N GLU D 263 20.02 31.00 -26.67
CA GLU D 263 20.82 32.18 -27.00
C GLU D 263 20.08 33.19 -27.85
N THR D 264 18.74 33.13 -27.90
CA THR D 264 17.98 34.04 -28.72
C THR D 264 16.74 34.51 -27.97
N PRO D 265 16.39 35.80 -28.09
CA PRO D 265 15.17 36.29 -27.41
C PRO D 265 13.94 35.43 -27.64
N LEU D 266 13.74 34.92 -28.86
CA LEU D 266 12.65 33.97 -29.06
C LEU D 266 12.89 32.70 -28.26
N ALA D 267 14.11 32.17 -28.33
CA ALA D 267 14.43 30.98 -27.56
C ALA D 267 14.24 31.21 -26.07
N LEU D 268 14.55 32.42 -25.58
CA LEU D 268 14.37 32.71 -24.17
C LEU D 268 12.90 32.79 -23.81
N ALA D 269 12.14 33.60 -24.56
CA ALA D 269 10.72 33.73 -24.28
C ALA D 269 9.97 32.41 -24.45
N ALA D 270 10.56 31.44 -25.15
CA ALA D 270 9.96 30.13 -25.25
C ALA D 270 10.38 29.18 -24.15
N CYS D 271 11.64 29.24 -23.70
CA CYS D 271 12.09 28.31 -22.66
C CYS D 271 11.62 28.72 -21.27
N THR D 272 11.38 30.02 -21.03
CA THR D 272 10.92 30.48 -19.73
C THR D 272 9.41 30.67 -19.68
N ASN D 273 8.67 29.93 -20.52
CA ASN D 273 7.21 29.91 -20.49
C ASN D 273 6.63 31.32 -20.56
N GLN D 274 6.88 31.96 -21.70
CA GLN D 274 6.34 33.30 -21.99
C GLN D 274 5.73 33.28 -23.38
N PRO D 275 4.55 32.67 -23.54
CA PRO D 275 3.95 32.55 -24.86
C PRO D 275 3.52 33.88 -25.47
N GLU D 276 3.08 34.82 -24.64
CA GLU D 276 2.70 36.14 -25.15
C GLU D 276 3.86 36.77 -25.91
N ILE D 277 5.05 36.76 -25.31
CA ILE D 277 6.20 37.37 -25.96
C ILE D 277 6.67 36.52 -27.13
N VAL D 278 6.45 35.21 -27.08
CA VAL D 278 6.80 34.36 -28.22
C VAL D 278 5.96 34.75 -29.43
N GLN D 279 4.65 34.92 -29.23
CA GLN D 279 3.80 35.37 -30.32
C GLN D 279 4.16 36.79 -30.75
N LEU D 280 4.54 37.63 -29.78
CA LEU D 280 4.93 39.00 -30.12
C LEU D 280 6.19 39.04 -30.96
N LEU D 281 7.09 38.08 -30.76
CA LEU D 281 8.31 38.04 -31.56
C LEU D 281 8.07 37.39 -32.91
N MET D 282 7.28 36.33 -32.95
CA MET D 282 7.04 35.63 -34.22
C MET D 282 6.18 36.46 -35.16
N GLU D 283 5.18 37.16 -34.62
CA GLU D 283 4.34 38.02 -35.46
C GLU D 283 5.14 39.17 -36.06
N HIS D 284 6.28 39.50 -35.45
CA HIS D 284 7.16 40.49 -36.03
C HIS D 284 7.79 39.96 -37.32
N GLU D 285 8.30 40.89 -38.13
CA GLU D 285 8.88 40.52 -39.42
C GLU D 285 10.38 40.27 -39.33
N GLN D 286 11.09 41.07 -38.53
CA GLN D 286 12.54 40.94 -38.44
C GLN D 286 12.99 39.66 -37.75
N THR D 287 12.08 38.93 -37.11
CA THR D 287 12.47 37.72 -36.42
C THR D 287 12.93 36.66 -37.41
N ASP D 288 13.72 35.72 -36.92
CA ASP D 288 14.30 34.66 -37.76
C ASP D 288 14.21 33.35 -36.98
N ILE D 289 13.12 32.60 -37.21
CA ILE D 289 12.91 31.38 -36.45
C ILE D 289 13.91 30.31 -36.84
N THR D 290 14.50 30.43 -38.03
CA THR D 290 15.49 29.45 -38.48
C THR D 290 16.90 29.81 -38.07
N SER D 291 17.07 30.69 -37.10
CA SER D 291 18.41 31.09 -36.67
C SER D 291 19.13 29.94 -35.99
N ARG D 292 20.45 29.97 -36.07
CA ARG D 292 21.30 28.93 -35.49
C ARG D 292 22.37 29.57 -34.61
N ASP D 293 22.58 28.98 -33.44
CA ASP D 293 23.42 29.59 -32.42
C ASP D 293 24.83 29.01 -32.45
N SER D 294 25.63 29.35 -31.43
CA SER D 294 27.03 28.91 -31.38
C SER D 294 27.16 27.41 -31.25
N ARG D 295 26.11 26.71 -30.82
CA ARG D 295 26.12 25.26 -30.75
C ARG D 295 25.45 24.61 -31.95
N GLY D 296 25.00 25.41 -32.91
CA GLY D 296 24.30 24.91 -34.07
C GLY D 296 22.81 24.78 -33.90
N ASN D 297 22.32 24.79 -32.66
CA ASN D 297 20.90 24.63 -32.39
C ASN D 297 20.08 25.73 -33.06
N ASN D 298 18.80 25.45 -33.22
CA ASN D 298 17.78 26.47 -33.47
C ASN D 298 16.82 26.44 -32.29
N ILE D 299 15.73 27.19 -32.40
CA ILE D 299 14.78 27.30 -31.29
C ILE D 299 14.30 25.93 -30.84
N LEU D 300 14.07 25.02 -31.79
CA LEU D 300 13.50 23.72 -31.43
C LEU D 300 14.51 22.84 -30.71
N HIS D 301 15.79 22.92 -31.10
CA HIS D 301 16.80 22.20 -30.35
C HIS D 301 16.85 22.68 -28.91
N ALA D 302 16.70 23.99 -28.70
CA ALA D 302 16.71 24.51 -27.34
C ALA D 302 15.51 24.02 -26.55
N LEU D 303 14.32 24.12 -27.14
CA LEU D 303 13.13 23.59 -26.48
C LEU D 303 13.29 22.13 -26.12
N VAL D 304 13.96 21.36 -26.98
CA VAL D 304 14.24 19.97 -26.64
C VAL D 304 15.21 19.90 -25.48
N THR D 305 16.22 20.77 -25.48
CA THR D 305 17.30 20.67 -24.51
C THR D 305 16.81 21.00 -23.09
N VAL D 306 15.86 21.93 -22.96
CA VAL D 306 15.44 22.35 -21.64
C VAL D 306 14.16 21.67 -21.16
N ALA D 307 13.65 20.69 -21.90
CA ALA D 307 12.45 19.96 -21.49
C ALA D 307 12.85 18.84 -20.56
N GLU D 308 12.45 18.92 -19.28
CA GLU D 308 12.96 17.97 -18.31
C GLU D 308 12.02 16.79 -18.07
N ASP D 309 10.85 17.06 -17.50
CA ASP D 309 9.90 16.03 -17.09
C ASP D 309 8.63 16.70 -16.57
N PHE D 310 7.48 16.05 -16.72
CA PHE D 310 6.22 16.70 -16.34
C PHE D 310 6.17 17.02 -14.85
N LYS D 311 6.78 16.18 -14.01
CA LYS D 311 6.71 16.40 -12.57
C LYS D 311 7.40 17.68 -12.15
N THR D 312 8.27 18.23 -12.98
CA THR D 312 9.04 19.42 -12.62
C THR D 312 8.76 20.62 -13.53
N GLN D 313 7.92 20.47 -14.55
CA GLN D 313 7.69 21.57 -15.47
C GLN D 313 6.24 21.82 -15.84
N ASN D 314 5.31 20.90 -15.57
CA ASN D 314 3.94 20.96 -16.05
C ASN D 314 3.85 20.93 -17.57
N ASP D 315 4.98 20.71 -18.25
CA ASP D 315 5.02 20.49 -19.70
C ASP D 315 4.42 21.66 -20.47
N PHE D 316 5.04 22.83 -20.32
CA PHE D 316 4.74 23.94 -21.21
C PHE D 316 5.60 23.88 -22.46
N VAL D 317 6.79 23.29 -22.35
CA VAL D 317 7.72 23.23 -23.48
C VAL D 317 7.12 22.48 -24.65
N LYS D 318 6.26 21.50 -24.38
CA LYS D 318 5.55 20.83 -25.45
C LYS D 318 4.55 21.77 -26.12
N ARG D 319 3.87 22.59 -25.32
CA ARG D 319 2.94 23.56 -25.88
C ARG D 319 3.68 24.57 -26.75
N MET D 320 4.79 25.12 -26.24
CA MET D 320 5.57 26.06 -27.02
C MET D 320 6.14 25.39 -28.26
N TYR D 321 6.47 24.11 -28.16
CA TYR D 321 6.93 23.35 -29.32
C TYR D 321 5.86 23.35 -30.40
N ASP D 322 4.64 22.96 -30.02
CA ASP D 322 3.55 22.94 -31.00
C ASP D 322 3.32 24.32 -31.60
N MET D 323 3.32 25.36 -30.75
CA MET D 323 3.06 26.71 -31.23
C MET D 323 4.11 27.15 -32.24
N ILE D 324 5.39 27.02 -31.88
CA ILE D 324 6.47 27.49 -32.75
C ILE D 324 6.54 26.65 -34.02
N LEU D 325 6.31 25.35 -33.91
CA LEU D 325 6.33 24.49 -35.09
C LEU D 325 5.24 24.89 -36.07
N LEU D 326 4.00 24.95 -35.61
CA LEU D 326 2.91 25.31 -36.50
C LEU D 326 3.07 26.71 -37.07
N ARG D 327 3.56 27.66 -36.28
CA ARG D 327 3.64 29.03 -36.76
C ARG D 327 4.59 29.18 -37.94
N SER D 328 5.74 28.52 -37.90
CA SER D 328 6.62 28.42 -39.05
C SER D 328 6.26 27.12 -39.77
N GLY D 329 5.23 27.19 -40.60
CA GLY D 329 4.67 25.95 -41.10
C GLY D 329 5.41 25.42 -42.30
N ASN D 330 6.35 24.52 -42.01
CA ASN D 330 7.13 23.77 -42.99
C ASN D 330 8.08 22.87 -42.21
N TRP D 331 8.80 22.00 -42.91
CA TRP D 331 9.79 21.15 -42.26
C TRP D 331 11.15 21.81 -42.14
N GLU D 332 11.20 23.14 -42.18
CA GLU D 332 12.47 23.84 -42.05
C GLU D 332 13.13 23.51 -40.71
N LEU D 333 12.38 23.63 -39.62
CA LEU D 333 12.96 23.50 -38.28
C LEU D 333 13.38 22.06 -38.00
N GLU D 334 12.48 21.11 -38.26
CA GLU D 334 12.77 19.72 -37.91
C GLU D 334 13.85 19.09 -38.78
N THR D 335 14.16 19.66 -39.94
CA THR D 335 15.10 19.03 -40.85
C THR D 335 16.55 19.47 -40.64
N THR D 336 16.77 20.63 -40.02
CA THR D 336 18.13 21.09 -39.80
C THR D 336 18.80 20.27 -38.71
N ARG D 337 20.12 20.18 -38.80
CA ARG D 337 20.90 19.48 -37.80
C ARG D 337 21.87 20.47 -37.19
N ASN D 338 22.25 20.24 -35.95
CA ASN D 338 23.15 21.14 -35.24
C ASN D 338 24.59 20.70 -35.48
N ASN D 339 25.53 21.35 -34.80
CA ASN D 339 26.94 21.01 -34.97
C ASN D 339 27.31 19.64 -34.41
N ASP D 340 26.34 18.91 -33.86
CA ASP D 340 26.53 17.51 -33.51
C ASP D 340 25.93 16.59 -34.56
N GLY D 341 25.35 17.13 -35.62
CA GLY D 341 24.76 16.33 -36.67
C GLY D 341 23.46 15.65 -36.29
N LEU D 342 22.68 16.26 -35.40
CA LEU D 342 21.40 15.70 -34.97
C LEU D 342 20.28 16.69 -35.23
N THR D 343 19.09 16.17 -35.46
CA THR D 343 17.87 16.94 -35.63
C THR D 343 17.12 16.99 -34.31
N PRO D 344 16.22 17.97 -34.14
CA PRO D 344 15.47 18.05 -32.86
C PRO D 344 14.81 16.75 -32.46
N LEU D 345 14.29 15.99 -33.42
CA LEU D 345 13.77 14.67 -33.10
C LEU D 345 14.90 13.75 -32.64
N GLN D 346 15.94 13.60 -33.47
CA GLN D 346 17.10 12.83 -33.07
C GLN D 346 17.72 13.38 -31.79
N LEU D 347 17.62 14.69 -31.56
CA LEU D 347 18.20 15.27 -30.36
C LEU D 347 17.43 14.83 -29.12
N ALA D 348 16.11 15.03 -29.10
CA ALA D 348 15.30 14.53 -28.00
C ALA D 348 15.42 13.03 -27.85
N ALA D 349 15.87 12.33 -28.90
CA ALA D 349 16.17 10.91 -28.76
C ALA D 349 17.51 10.69 -28.07
N LYS D 350 18.51 11.52 -28.37
CA LYS D 350 19.83 11.34 -27.80
C LYS D 350 19.80 11.52 -26.29
N MET D 351 19.23 12.62 -25.82
CA MET D 351 18.90 12.76 -24.41
C MET D 351 17.67 11.91 -24.10
N GLY D 352 17.25 11.91 -22.84
CA GLY D 352 16.16 11.06 -22.44
C GLY D 352 14.83 11.75 -22.36
N LYS D 353 14.58 12.72 -23.24
CA LYS D 353 13.36 13.51 -23.16
C LYS D 353 12.16 12.71 -23.65
N ALA D 354 11.52 11.97 -22.75
CA ALA D 354 10.42 11.09 -23.15
C ALA D 354 9.20 11.88 -23.59
N GLU D 355 8.84 12.93 -22.85
CA GLU D 355 7.62 13.67 -23.15
C GLU D 355 7.69 14.31 -24.53
N ILE D 356 8.74 15.09 -24.78
CA ILE D 356 8.91 15.71 -26.10
C ILE D 356 8.96 14.66 -27.18
N LEU D 357 9.59 13.52 -26.90
CA LEU D 357 9.63 12.44 -27.89
C LEU D 357 8.24 11.88 -28.16
N LYS D 358 7.50 11.57 -27.09
CA LYS D 358 6.15 11.04 -27.27
C LYS D 358 5.27 12.02 -28.02
N TYR D 359 5.56 13.31 -27.92
CA TYR D 359 4.81 14.29 -28.70
C TYR D 359 5.22 14.27 -30.16
N ILE D 360 6.53 14.35 -30.43
CA ILE D 360 6.99 14.47 -31.81
C ILE D 360 6.66 13.23 -32.61
N LEU D 361 6.78 12.04 -32.01
CA LEU D 361 6.54 10.81 -32.76
C LEU D 361 5.07 10.71 -33.17
N SER D 362 4.16 10.94 -32.24
CA SER D 362 2.73 10.92 -32.53
C SER D 362 2.21 12.35 -32.39
N ARG D 363 2.36 13.12 -33.45
CA ARG D 363 1.86 14.49 -33.52
C ARG D 363 0.85 14.59 -34.65
N GLU D 364 -0.40 14.84 -34.30
CA GLU D 364 -1.48 14.98 -35.28
C GLU D 364 -1.87 16.45 -35.35
N ILE D 365 -1.94 16.97 -36.57
CA ILE D 365 -2.38 18.34 -36.83
C ILE D 365 -3.61 18.24 -37.72
N LYS D 366 -4.76 18.68 -37.20
CA LYS D 366 -6.02 18.47 -37.90
C LYS D 366 -6.42 19.64 -38.78
N GLU D 367 -5.77 20.78 -38.66
CA GLU D 367 -5.99 21.87 -39.60
C GLU D 367 -5.65 21.41 -41.02
N LYS D 368 -6.49 21.80 -41.98
CA LYS D 368 -6.36 21.27 -43.33
C LYS D 368 -5.01 21.64 -43.94
N ARG D 369 -4.65 22.92 -43.88
CA ARG D 369 -3.43 23.40 -44.54
C ARG D 369 -2.15 22.98 -43.82
N LEU D 370 -2.24 22.22 -42.73
CA LEU D 370 -1.05 21.84 -41.99
C LEU D 370 -1.02 20.35 -41.65
N ARG D 371 -1.92 19.53 -42.19
CA ARG D 371 -1.85 18.10 -41.94
C ARG D 371 -0.54 17.52 -42.43
N SER D 372 0.06 18.11 -43.45
CA SER D 372 1.34 17.64 -43.96
C SER D 372 2.45 17.67 -42.93
N LEU D 373 2.27 18.42 -41.84
CA LEU D 373 3.25 18.50 -40.77
C LEU D 373 3.14 17.37 -39.76
N SER D 374 2.07 16.58 -39.83
CA SER D 374 1.80 15.59 -38.81
C SER D 374 2.69 14.36 -38.99
N ARG D 375 2.67 13.49 -37.98
CA ARG D 375 3.33 12.19 -38.06
C ARG D 375 2.41 11.07 -37.61
N LYS D 376 1.09 11.31 -37.62
CA LYS D 376 0.10 10.30 -37.30
C LYS D 376 -1.22 10.74 -37.91
N PHE D 377 -1.73 9.95 -38.85
CA PHE D 377 -2.96 10.30 -39.56
C PHE D 377 -4.01 9.23 -39.26
N THR D 378 -5.05 9.60 -38.52
CA THR D 378 -6.21 8.75 -38.39
C THR D 378 -6.88 8.72 -39.76
N ASP D 379 -6.67 7.65 -40.49
CA ASP D 379 -7.07 7.60 -41.89
C ASP D 379 -8.27 6.72 -42.16
N TRP D 380 -8.79 6.04 -41.15
CA TRP D 380 -9.71 4.95 -41.40
C TRP D 380 -10.89 4.89 -40.44
N ALA D 381 -10.97 5.78 -39.45
CA ALA D 381 -11.90 5.63 -38.34
C ALA D 381 -13.34 5.50 -38.83
N TYR D 382 -14.05 4.54 -38.25
CA TYR D 382 -15.46 4.31 -38.51
C TYR D 382 -16.34 4.56 -37.30
N GLY D 383 -16.03 3.93 -36.18
CA GLY D 383 -16.78 4.13 -34.97
C GLY D 383 -15.82 4.28 -33.81
N PRO D 384 -15.99 3.47 -32.79
CA PRO D 384 -14.97 3.42 -31.72
C PRO D 384 -13.71 2.77 -32.23
N VAL D 385 -13.77 2.17 -33.40
CA VAL D 385 -12.61 1.58 -34.06
C VAL D 385 -11.96 2.64 -34.93
N SER D 386 -10.65 2.53 -35.12
CA SER D 386 -9.91 3.51 -35.89
C SER D 386 -8.53 2.94 -36.20
N SER D 387 -7.94 3.42 -37.28
CA SER D 387 -6.63 2.94 -37.73
C SER D 387 -5.69 4.12 -37.92
N SER D 388 -5.02 4.51 -36.84
CA SER D 388 -3.99 5.54 -36.91
C SER D 388 -2.82 5.05 -37.75
N LEU D 389 -2.34 5.92 -38.63
CA LEU D 389 -1.29 5.58 -39.59
C LEU D 389 -0.05 6.40 -39.24
N TYR D 390 0.79 5.85 -38.37
CA TYR D 390 1.96 6.55 -37.88
C TYR D 390 2.97 6.75 -39.01
N ASP D 391 4.06 7.43 -38.69
CA ASP D 391 5.10 7.74 -39.65
C ASP D 391 6.40 7.06 -39.26
N LEU D 392 7.17 6.71 -40.28
CA LEU D 392 8.47 6.03 -40.12
C LEU D 392 9.51 6.67 -41.00
N THR D 393 9.48 7.99 -41.13
CA THR D 393 10.41 8.69 -42.01
C THR D 393 11.85 8.49 -41.54
N ASN D 394 12.14 8.85 -40.30
CA ASN D 394 13.48 8.71 -39.76
C ASN D 394 13.45 7.95 -38.43
N VAL D 395 12.74 6.83 -38.40
CA VAL D 395 12.53 6.09 -37.17
C VAL D 395 12.87 4.61 -37.39
N ASP D 396 12.88 4.18 -38.65
CA ASP D 396 12.89 2.76 -38.97
C ASP D 396 14.29 2.20 -39.23
N THR D 397 15.32 2.82 -38.66
CA THR D 397 16.70 2.34 -38.71
C THR D 397 17.26 2.24 -40.13
N THR D 398 16.53 2.75 -41.13
CA THR D 398 17.03 2.75 -42.50
C THR D 398 17.87 3.97 -42.82
N THR D 399 18.24 4.74 -41.82
CA THR D 399 19.08 5.92 -41.98
C THR D 399 20.34 5.73 -41.14
N ASP D 400 21.32 6.61 -41.36
CA ASP D 400 22.59 6.52 -40.64
C ASP D 400 22.36 6.51 -39.13
N ASN D 401 21.71 7.55 -38.61
CA ASN D 401 21.45 7.71 -37.19
C ASN D 401 19.95 7.88 -36.98
N SER D 402 19.25 6.76 -36.79
CA SER D 402 17.80 6.79 -36.65
C SER D 402 17.41 6.92 -35.19
N VAL D 403 16.15 7.30 -34.97
CA VAL D 403 15.65 7.49 -33.62
C VAL D 403 15.61 6.18 -32.85
N LEU D 404 15.35 5.06 -33.54
CA LEU D 404 15.22 3.80 -32.83
C LEU D 404 16.58 3.26 -32.40
N GLU D 405 17.56 3.28 -33.28
CA GLU D 405 18.89 2.82 -32.90
C GLU D 405 19.51 3.74 -31.86
N ILE D 406 19.16 5.03 -31.88
CA ILE D 406 19.61 5.93 -30.83
C ILE D 406 18.93 5.58 -29.51
N THR D 407 17.62 5.37 -29.54
CA THR D 407 16.88 5.08 -28.32
C THR D 407 17.30 3.76 -27.70
N VAL D 408 17.81 2.81 -28.50
CA VAL D 408 18.18 1.53 -27.93
C VAL D 408 19.67 1.47 -27.60
N TYR D 409 20.52 2.14 -28.38
CA TYR D 409 21.96 2.05 -28.20
C TYR D 409 22.52 3.15 -27.30
N ASN D 410 21.68 4.08 -26.85
CA ASN D 410 22.13 5.11 -25.91
C ASN D 410 21.90 4.58 -24.49
N THR D 411 22.96 4.11 -23.86
CA THR D 411 22.89 3.53 -22.53
C THR D 411 23.23 4.54 -21.43
N ASN D 412 23.41 5.81 -21.78
CA ASN D 412 23.76 6.85 -20.83
C ASN D 412 22.60 7.82 -20.62
N ILE D 413 21.36 7.33 -20.67
CA ILE D 413 20.19 8.16 -20.45
C ILE D 413 19.39 7.62 -19.28
N ASP D 414 19.27 6.28 -19.19
CA ASP D 414 18.65 5.61 -18.05
C ASP D 414 17.16 5.94 -17.92
N ASN D 415 16.48 6.10 -19.06
CA ASN D 415 15.04 6.27 -19.07
C ASN D 415 14.36 5.39 -20.11
N ARG D 416 15.13 4.59 -20.86
CA ARG D 416 14.60 3.84 -21.99
C ARG D 416 13.47 2.90 -21.61
N HIS D 417 13.40 2.46 -20.35
CA HIS D 417 12.31 1.63 -19.90
C HIS D 417 10.95 2.26 -20.17
N GLU D 418 10.91 3.57 -20.36
CA GLU D 418 9.70 4.29 -20.76
C GLU D 418 9.71 4.69 -22.23
N MET D 419 10.87 5.09 -22.76
CA MET D 419 10.92 5.54 -24.14
C MET D 419 10.65 4.42 -25.14
N LEU D 420 10.97 3.18 -24.79
CA LEU D 420 10.70 2.08 -25.69
C LEU D 420 9.28 1.55 -25.57
N THR D 421 8.37 2.35 -25.00
CA THR D 421 6.95 2.05 -24.98
C THR D 421 6.16 3.10 -25.74
N LEU D 422 6.83 3.94 -26.51
CA LEU D 422 6.18 5.06 -27.18
C LEU D 422 5.40 4.54 -28.39
N GLU D 423 4.89 5.46 -29.21
CA GLU D 423 3.85 5.10 -30.16
C GLU D 423 4.37 4.17 -31.26
N PRO D 424 5.29 4.58 -32.14
CA PRO D 424 5.71 3.65 -33.20
C PRO D 424 6.88 2.77 -32.80
N LEU D 425 7.65 3.19 -31.80
CA LEU D 425 8.84 2.44 -31.40
C LEU D 425 8.47 1.06 -30.88
N HIS D 426 7.52 1.00 -29.96
CA HIS D 426 7.15 -0.28 -29.34
C HIS D 426 6.66 -1.28 -30.37
N THR D 427 5.69 -0.87 -31.20
CA THR D 427 5.14 -1.79 -32.17
C THR D 427 6.10 -2.06 -33.31
N LEU D 428 7.04 -1.16 -33.58
CA LEU D 428 8.06 -1.46 -34.58
C LEU D 428 9.02 -2.51 -34.08
N LEU D 429 9.41 -2.43 -32.81
CA LEU D 429 10.18 -3.51 -32.21
C LEU D 429 9.41 -4.82 -32.28
N HIS D 430 8.13 -4.78 -31.92
CA HIS D 430 7.29 -5.98 -31.98
C HIS D 430 7.26 -6.58 -33.37
N MET D 431 7.15 -5.73 -34.40
CA MET D 431 7.02 -6.25 -35.75
C MET D 431 8.34 -6.80 -36.27
N LYS D 432 9.44 -6.07 -36.06
CA LYS D 432 10.75 -6.61 -36.41
C LYS D 432 10.96 -7.96 -35.73
N TRP D 433 10.56 -8.05 -34.46
CA TRP D 433 10.72 -9.28 -33.70
C TRP D 433 9.97 -10.41 -34.38
N LYS D 434 8.63 -10.30 -34.44
CA LYS D 434 7.82 -11.39 -34.98
C LYS D 434 8.12 -11.65 -36.45
N LYS D 435 8.77 -10.73 -37.15
CA LYS D 435 9.09 -11.00 -38.55
C LYS D 435 10.36 -11.83 -38.68
N PHE D 436 11.46 -11.38 -38.08
CA PHE D 436 12.71 -12.13 -38.24
C PHE D 436 13.50 -12.37 -36.95
N ALA D 437 13.31 -11.56 -35.92
CA ALA D 437 14.22 -11.63 -34.78
C ALA D 437 13.91 -12.83 -33.92
N LYS D 438 12.63 -13.16 -33.74
CA LYS D 438 12.30 -14.40 -33.02
C LYS D 438 12.97 -15.60 -33.67
N HIS D 439 12.90 -15.68 -35.00
CA HIS D 439 13.49 -16.81 -35.71
C HIS D 439 14.99 -16.85 -35.53
N MET D 440 15.67 -15.72 -35.76
CA MET D 440 17.13 -15.72 -35.66
C MET D 440 17.58 -15.99 -34.23
N PHE D 441 16.85 -15.47 -33.24
CA PHE D 441 17.23 -15.67 -31.86
C PHE D 441 17.05 -17.12 -31.44
N PHE D 442 15.94 -17.75 -31.85
CA PHE D 442 15.75 -19.15 -31.51
C PHE D 442 16.77 -20.03 -32.23
N LEU D 443 17.12 -19.67 -33.46
CA LEU D 443 18.19 -20.39 -34.15
C LEU D 443 19.50 -20.29 -33.39
N SER D 444 19.84 -19.09 -32.92
CA SER D 444 21.07 -18.93 -32.15
C SER D 444 21.03 -19.73 -30.86
N PHE D 445 19.88 -19.75 -30.20
CA PHE D 445 19.74 -20.55 -28.99
C PHE D 445 19.95 -22.02 -29.28
N CYS D 446 19.37 -22.52 -30.36
CA CYS D 446 19.51 -23.94 -30.68
C CYS D 446 20.96 -24.29 -31.00
N PHE D 447 21.62 -23.45 -31.81
CA PHE D 447 23.02 -23.70 -32.14
C PHE D 447 23.88 -23.70 -30.88
N TYR D 448 23.65 -22.74 -29.98
CA TYR D 448 24.46 -22.69 -28.76
C TYR D 448 24.16 -23.88 -27.86
N PHE D 449 22.91 -24.30 -27.78
CA PHE D 449 22.58 -25.46 -26.95
C PHE D 449 23.24 -26.73 -27.48
N PHE D 450 23.27 -26.90 -28.81
CA PHE D 450 23.93 -28.08 -29.35
C PHE D 450 25.44 -28.02 -29.17
N TYR D 451 26.03 -26.84 -29.36
CA TYR D 451 27.46 -26.68 -29.09
C TYR D 451 27.76 -26.97 -27.61
N ASN D 452 26.84 -26.60 -26.73
CA ASN D 452 27.06 -26.84 -25.31
C ASN D 452 26.93 -28.33 -24.96
N ILE D 453 25.94 -29.02 -25.54
CA ILE D 453 25.83 -30.44 -25.30
C ILE D 453 27.02 -31.18 -25.89
N THR D 454 27.59 -30.65 -26.97
CA THR D 454 28.76 -31.30 -27.55
C THR D 454 29.98 -31.08 -26.67
N LEU D 455 30.13 -29.89 -26.10
CA LEU D 455 31.19 -29.68 -25.11
C LEU D 455 31.00 -30.61 -23.92
N THR D 456 29.76 -30.81 -23.48
CA THR D 456 29.51 -31.71 -22.36
C THR D 456 29.93 -33.13 -22.69
N LEU D 457 29.54 -33.63 -23.86
CA LEU D 457 29.89 -35.00 -24.22
C LEU D 457 31.39 -35.16 -24.46
N VAL D 458 32.05 -34.14 -25.00
CA VAL D 458 33.49 -34.20 -25.17
C VAL D 458 34.19 -34.23 -23.82
N SER D 459 33.73 -33.42 -22.87
CA SER D 459 34.30 -33.43 -21.54
C SER D 459 34.12 -34.79 -20.88
N TYR D 460 32.90 -35.34 -20.95
CA TYR D 460 32.66 -36.67 -20.39
C TYR D 460 33.58 -37.71 -21.02
N TYR D 461 33.61 -37.75 -22.35
CA TYR D 461 34.41 -38.74 -23.07
C TYR D 461 35.78 -38.19 -23.44
N ARG D 462 36.51 -37.66 -22.44
CA ARG D 462 37.91 -37.21 -22.63
C ARG D 462 38.73 -38.53 -22.69
N PRO D 463 39.91 -38.55 -23.41
CA PRO D 463 40.66 -39.77 -23.76
C PRO D 463 40.68 -40.78 -22.62
N ARG D 464 40.03 -41.92 -22.87
CA ARG D 464 39.92 -42.99 -21.89
C ARG D 464 41.14 -43.88 -21.91
N GLY D 480 40.48 -42.10 -35.21
CA GLY D 480 39.36 -41.46 -34.54
C GLY D 480 38.61 -40.48 -35.43
N TRP D 481 37.34 -40.77 -35.68
CA TRP D 481 36.50 -39.93 -36.52
C TRP D 481 35.27 -39.39 -35.81
N LEU D 482 34.54 -40.25 -35.10
CA LEU D 482 33.24 -39.87 -34.55
C LEU D 482 33.36 -38.75 -33.52
N GLN D 483 34.35 -38.82 -32.64
CA GLN D 483 34.53 -37.76 -31.66
C GLN D 483 35.27 -36.57 -32.26
N LEU D 484 36.26 -36.83 -33.12
CA LEU D 484 37.09 -35.75 -33.63
C LEU D 484 36.32 -34.81 -34.55
N LEU D 485 35.28 -35.30 -35.23
CA LEU D 485 34.45 -34.40 -36.03
C LEU D 485 33.75 -33.39 -35.14
N GLY D 486 33.22 -33.85 -34.01
CA GLY D 486 32.67 -32.92 -33.03
C GLY D 486 33.72 -31.99 -32.46
N ARG D 487 34.95 -32.48 -32.28
CA ARG D 487 36.04 -31.63 -31.81
C ARG D 487 36.29 -30.48 -32.79
N MET D 488 36.39 -30.80 -34.08
CA MET D 488 36.58 -29.74 -35.08
C MET D 488 35.37 -28.81 -35.13
N PHE D 489 34.16 -29.36 -34.99
CA PHE D 489 32.97 -28.51 -35.01
C PHE D 489 32.99 -27.49 -33.88
N VAL D 490 33.27 -27.96 -32.66
CA VAL D 490 33.30 -27.02 -31.55
C VAL D 490 34.46 -26.06 -31.69
N LEU D 491 35.59 -26.50 -32.26
CA LEU D 491 36.70 -25.60 -32.52
C LEU D 491 36.26 -24.44 -33.42
N ILE D 492 35.67 -24.76 -34.57
CA ILE D 492 35.32 -23.70 -35.52
C ILE D 492 34.20 -22.83 -34.97
N TRP D 493 33.21 -23.44 -34.31
CA TRP D 493 32.10 -22.66 -33.78
C TRP D 493 32.57 -21.70 -32.71
N ALA D 494 33.36 -22.19 -31.73
CA ALA D 494 33.89 -21.30 -30.72
C ALA D 494 34.82 -20.27 -31.32
N MET D 495 35.53 -20.61 -32.40
CA MET D 495 36.41 -19.64 -33.04
C MET D 495 35.62 -18.47 -33.59
N CYS D 496 34.59 -18.75 -34.39
CA CYS D 496 33.82 -17.65 -34.98
C CYS D 496 33.05 -16.89 -33.90
N ILE D 497 32.58 -17.59 -32.86
CA ILE D 497 31.92 -16.91 -31.76
C ILE D 497 32.88 -15.95 -31.07
N SER D 498 34.14 -16.38 -30.87
CA SER D 498 35.13 -15.53 -30.24
C SER D 498 35.41 -14.31 -31.08
N VAL D 499 35.58 -14.48 -32.39
CA VAL D 499 35.82 -13.33 -33.25
C VAL D 499 34.65 -12.38 -33.23
N LYS D 500 33.43 -12.91 -33.28
CA LYS D 500 32.24 -12.06 -33.26
C LYS D 500 32.16 -11.25 -31.97
N GLU D 501 32.29 -11.92 -30.82
CA GLU D 501 32.19 -11.20 -29.56
C GLU D 501 33.35 -10.25 -29.34
N GLY D 502 34.52 -10.57 -29.90
CA GLY D 502 35.66 -9.66 -29.77
C GLY D 502 35.45 -8.38 -30.56
N ILE D 503 34.99 -8.52 -31.81
CA ILE D 503 34.71 -7.32 -32.59
C ILE D 503 33.49 -6.59 -32.03
N ALA D 504 32.65 -7.29 -31.27
CA ALA D 504 31.57 -6.63 -30.56
C ALA D 504 32.07 -5.84 -29.35
N ILE D 505 33.16 -6.30 -28.73
CA ILE D 505 33.73 -5.60 -27.58
C ILE D 505 34.17 -4.20 -27.98
N PHE D 506 34.56 -3.99 -29.23
CA PHE D 506 35.11 -2.73 -29.71
C PHE D 506 34.08 -1.59 -29.74
N LEU D 507 32.88 -1.77 -29.19
CA LEU D 507 31.83 -0.76 -29.26
C LEU D 507 31.43 -0.28 -27.86
N LEU D 508 32.43 0.10 -27.07
CA LEU D 508 32.21 0.57 -25.70
C LEU D 508 31.13 1.65 -25.62
N SER D 518 24.85 -7.24 -15.69
CA SER D 518 23.82 -6.21 -15.65
C SER D 518 23.18 -6.02 -17.01
N ASP D 519 23.94 -5.42 -17.95
CA ASP D 519 23.38 -5.09 -19.27
C ASP D 519 24.05 -5.85 -20.40
N ALA D 520 25.37 -5.72 -20.59
CA ALA D 520 25.98 -6.22 -21.81
C ALA D 520 27.37 -6.82 -21.58
N TRP D 521 27.59 -7.40 -20.40
CA TRP D 521 28.85 -8.11 -20.16
C TRP D 521 28.84 -9.52 -20.74
N PHE D 522 27.73 -9.93 -21.33
CA PHE D 522 27.67 -11.24 -21.96
C PHE D 522 28.61 -11.33 -23.14
N HIS D 523 28.89 -10.22 -23.81
CA HIS D 523 29.95 -10.22 -24.80
C HIS D 523 31.27 -10.66 -24.18
N PHE D 524 31.63 -10.04 -23.04
CA PHE D 524 32.83 -10.43 -22.33
C PHE D 524 32.84 -11.92 -22.03
N VAL D 525 31.77 -12.42 -21.41
CA VAL D 525 31.85 -13.79 -20.91
C VAL D 525 31.74 -14.80 -22.05
N PHE D 526 30.99 -14.50 -23.11
CA PHE D 526 30.97 -15.38 -24.28
C PHE D 526 32.33 -15.45 -24.94
N PHE D 527 32.98 -14.29 -25.10
CA PHE D 527 34.32 -14.26 -25.68
C PHE D 527 35.29 -15.05 -24.81
N ILE D 528 35.16 -14.93 -23.49
CA ILE D 528 36.03 -15.67 -22.58
C ILE D 528 35.81 -17.16 -22.73
N GLN D 529 34.56 -17.61 -22.79
CA GLN D 529 34.28 -19.04 -22.93
C GLN D 529 34.80 -19.57 -24.26
N ALA D 530 34.65 -18.80 -25.33
CA ALA D 530 35.11 -19.25 -26.64
C ALA D 530 36.63 -19.36 -26.67
N VAL D 531 37.32 -18.35 -26.13
CA VAL D 531 38.77 -18.41 -26.07
C VAL D 531 39.22 -19.56 -25.18
N LEU D 532 38.46 -19.86 -24.13
CA LEU D 532 38.79 -20.99 -23.26
C LEU D 532 38.72 -22.30 -24.04
N VAL D 533 37.63 -22.51 -24.78
CA VAL D 533 37.51 -23.73 -25.58
C VAL D 533 38.65 -23.82 -26.59
N ILE D 534 38.94 -22.71 -27.29
CA ILE D 534 39.92 -22.76 -28.36
C ILE D 534 41.32 -23.00 -27.80
N LEU D 535 41.64 -22.40 -26.64
CA LEU D 535 42.92 -22.63 -26.01
C LEU D 535 43.04 -24.06 -25.51
N SER D 536 41.97 -24.59 -24.92
CA SER D 536 41.99 -25.97 -24.46
C SER D 536 42.26 -26.94 -25.61
N VAL D 537 41.56 -26.77 -26.73
CA VAL D 537 41.72 -27.71 -27.82
C VAL D 537 43.09 -27.52 -28.50
N PHE D 538 43.56 -26.28 -28.61
CA PHE D 538 44.88 -26.05 -29.19
C PHE D 538 45.98 -26.65 -28.31
N LEU D 539 45.80 -26.61 -26.99
CA LEU D 539 46.77 -27.25 -26.11
C LEU D 539 46.70 -28.77 -26.21
N TYR D 540 45.48 -29.32 -26.28
CA TYR D 540 45.33 -30.76 -26.45
C TYR D 540 46.02 -31.23 -27.73
N LEU D 541 45.88 -30.48 -28.81
CA LEU D 541 46.59 -30.82 -30.04
C LEU D 541 48.10 -30.73 -29.85
N PHE D 542 48.57 -29.74 -29.11
CA PHE D 542 50.00 -29.50 -28.95
C PHE D 542 50.53 -30.24 -27.73
N ALA D 543 51.80 -29.95 -27.39
CA ALA D 543 52.50 -30.68 -26.33
C ALA D 543 52.29 -30.04 -24.97
N TYR D 544 51.02 -29.98 -24.56
CA TYR D 544 50.64 -29.46 -23.24
C TYR D 544 49.42 -30.25 -22.78
N LYS D 545 49.63 -31.24 -21.91
CA LYS D 545 48.57 -32.13 -21.47
C LYS D 545 47.86 -31.62 -20.22
N GLU D 546 47.86 -30.31 -20.00
CA GLU D 546 47.09 -29.68 -18.93
C GLU D 546 45.85 -28.99 -19.50
N TYR D 547 45.25 -29.57 -20.53
CA TYR D 547 44.15 -28.98 -21.27
C TYR D 547 42.79 -29.23 -20.64
N LEU D 548 42.62 -30.34 -19.93
CA LEU D 548 41.30 -30.71 -19.43
C LEU D 548 40.75 -29.66 -18.47
N ALA D 549 41.62 -28.98 -17.72
CA ALA D 549 41.17 -27.90 -16.86
C ALA D 549 40.44 -26.84 -17.68
N CYS D 550 41.10 -26.32 -18.72
CA CYS D 550 40.49 -25.32 -19.57
C CYS D 550 39.21 -25.85 -20.22
N LEU D 551 39.23 -27.12 -20.64
CA LEU D 551 38.08 -27.66 -21.35
C LEU D 551 36.85 -27.76 -20.44
N VAL D 552 37.03 -28.27 -19.22
CA VAL D 552 35.88 -28.43 -18.35
C VAL D 552 35.42 -27.07 -17.82
N LEU D 553 36.36 -26.15 -17.58
CA LEU D 553 35.95 -24.80 -17.18
C LEU D 553 35.19 -24.12 -18.32
N ALA D 554 35.55 -24.42 -19.56
CA ALA D 554 34.83 -23.87 -20.70
C ALA D 554 33.43 -24.45 -20.78
N MET D 555 33.28 -25.75 -20.57
CA MET D 555 31.95 -26.36 -20.56
C MET D 555 31.08 -25.72 -19.48
N ALA D 556 31.65 -25.51 -18.29
CA ALA D 556 30.89 -24.89 -17.22
C ALA D 556 30.51 -23.46 -17.56
N LEU D 557 31.44 -22.69 -18.14
CA LEU D 557 31.14 -21.31 -18.48
C LEU D 557 30.10 -21.21 -19.58
N GLY D 558 30.08 -22.18 -20.50
CA GLY D 558 29.03 -22.19 -21.51
C GLY D 558 27.67 -22.52 -20.93
N TRP D 559 27.61 -23.56 -20.10
CA TRP D 559 26.36 -23.87 -19.43
C TRP D 559 25.90 -22.73 -18.53
N ALA D 560 26.81 -21.86 -18.11
CA ALA D 560 26.42 -20.67 -17.37
C ALA D 560 25.98 -19.54 -18.29
N ASN D 561 26.64 -19.38 -19.43
CA ASN D 561 26.26 -18.37 -20.42
C ASN D 561 24.92 -18.66 -21.07
N MET D 562 24.33 -19.81 -20.79
CA MET D 562 23.03 -20.07 -21.36
C MET D 562 22.04 -19.07 -20.76
N LEU D 563 22.41 -18.40 -19.68
CA LEU D 563 21.51 -17.41 -19.08
C LEU D 563 21.11 -16.34 -20.09
N TYR D 564 22.05 -15.89 -20.91
CA TYR D 564 21.76 -14.87 -21.91
C TYR D 564 20.63 -15.31 -22.85
N TYR D 565 20.47 -16.62 -23.04
CA TYR D 565 19.40 -17.10 -23.89
C TYR D 565 18.15 -17.47 -23.11
N THR D 566 18.29 -17.83 -21.84
CA THR D 566 17.09 -18.01 -21.02
C THR D 566 16.57 -16.71 -20.45
N ARG D 567 17.06 -15.60 -20.99
CA ARG D 567 16.61 -14.28 -20.59
C ARG D 567 15.81 -13.66 -21.73
N GLY D 568 15.53 -14.47 -22.76
CA GLY D 568 14.72 -14.01 -23.88
C GLY D 568 13.25 -14.34 -23.73
N PHE D 569 12.94 -15.60 -23.46
CA PHE D 569 11.55 -16.00 -23.29
C PHE D 569 11.02 -15.46 -21.98
N GLN D 570 9.74 -15.04 -21.98
CA GLN D 570 9.26 -14.08 -20.99
C GLN D 570 9.29 -14.63 -19.58
N SER D 571 8.60 -15.75 -19.35
CA SER D 571 8.65 -16.37 -18.01
C SER D 571 10.08 -16.72 -17.64
N MET D 572 10.79 -17.36 -18.58
CA MET D 572 12.21 -17.61 -18.37
C MET D 572 12.98 -16.32 -18.22
N SER D 573 12.54 -15.24 -18.86
CA SER D 573 13.22 -13.96 -18.69
C SER D 573 13.13 -13.46 -17.26
N MET D 574 11.93 -13.45 -16.70
CA MET D 574 11.76 -13.03 -15.31
C MET D 574 12.59 -13.92 -14.38
N TYR D 575 12.49 -15.23 -14.55
CA TYR D 575 13.24 -16.15 -13.71
C TYR D 575 14.74 -15.89 -13.78
N SER D 576 15.28 -15.88 -15.00
CA SER D 576 16.71 -15.73 -15.22
C SER D 576 17.20 -14.40 -14.68
N VAL D 577 16.47 -13.32 -14.93
CA VAL D 577 17.01 -12.03 -14.54
C VAL D 577 16.84 -11.78 -13.05
N MET D 578 15.83 -12.36 -12.38
CA MET D 578 15.84 -12.20 -10.93
C MET D 578 16.90 -13.08 -10.30
N ILE D 579 17.22 -14.23 -10.90
CA ILE D 579 18.38 -15.00 -10.47
C ILE D 579 19.65 -14.15 -10.62
N GLN D 580 19.80 -13.50 -11.76
CA GLN D 580 21.00 -12.72 -12.02
C GLN D 580 21.11 -11.54 -11.09
N LYS D 581 19.99 -10.88 -10.80
CA LYS D 581 20.02 -9.78 -9.84
C LYS D 581 20.35 -10.27 -8.44
N VAL D 582 19.80 -11.43 -8.04
CA VAL D 582 20.22 -12.05 -6.79
C VAL D 582 21.74 -12.20 -6.76
N ILE D 583 22.28 -12.88 -7.77
CA ILE D 583 23.71 -13.18 -7.82
C ILE D 583 24.54 -11.91 -7.72
N LEU D 584 24.26 -10.93 -8.57
CA LEU D 584 25.17 -9.81 -8.70
C LEU D 584 24.96 -8.74 -7.63
N HIS D 585 23.75 -8.65 -7.06
CA HIS D 585 23.52 -7.70 -5.98
C HIS D 585 23.90 -8.28 -4.63
N ASP D 586 23.27 -9.38 -4.24
CA ASP D 586 23.19 -9.83 -2.86
C ASP D 586 24.28 -10.80 -2.46
N VAL D 587 24.35 -11.96 -3.12
CA VAL D 587 25.20 -13.04 -2.66
C VAL D 587 26.67 -12.66 -2.78
N LEU D 588 27.01 -11.70 -3.63
CA LEU D 588 28.42 -11.34 -3.79
C LEU D 588 28.93 -10.56 -2.58
N LYS D 589 28.20 -9.53 -2.15
CA LYS D 589 28.59 -8.84 -0.93
C LYS D 589 28.48 -9.75 0.28
N PHE D 590 27.46 -10.62 0.29
CA PHE D 590 27.35 -11.58 1.39
C PHE D 590 28.55 -12.51 1.41
N LEU D 591 29.02 -12.94 0.24
CA LEU D 591 30.20 -13.78 0.18
C LEU D 591 31.44 -13.03 0.62
N PHE D 592 31.56 -11.75 0.29
CA PHE D 592 32.71 -11.00 0.76
C PHE D 592 32.75 -10.95 2.29
N VAL D 593 31.63 -10.56 2.90
CA VAL D 593 31.63 -10.44 4.36
C VAL D 593 31.77 -11.81 5.01
N TYR D 594 31.22 -12.85 4.39
CA TYR D 594 31.36 -14.19 4.93
C TYR D 594 32.78 -14.70 4.77
N ILE D 595 33.47 -14.33 3.71
CA ILE D 595 34.88 -14.69 3.55
C ILE D 595 35.70 -14.01 4.64
N VAL D 596 35.38 -12.77 4.97
CA VAL D 596 36.10 -12.11 6.07
C VAL D 596 35.83 -12.84 7.38
N PHE D 597 34.55 -13.16 7.64
CA PHE D 597 34.18 -13.97 8.80
C PHE D 597 35.02 -15.23 8.88
N LEU D 598 35.02 -16.00 7.79
CA LEU D 598 35.64 -17.31 7.78
C LEU D 598 37.15 -17.21 7.93
N LEU D 599 37.76 -16.23 7.26
CA LEU D 599 39.21 -16.03 7.40
C LEU D 599 39.58 -15.69 8.83
N GLY D 600 38.87 -14.73 9.42
CA GLY D 600 39.21 -14.32 10.77
C GLY D 600 39.02 -15.43 11.79
N PHE D 601 37.87 -16.10 11.74
CA PHE D 601 37.64 -17.16 12.71
C PHE D 601 38.54 -18.37 12.43
N GLY D 602 38.96 -18.55 11.18
CA GLY D 602 39.91 -19.62 10.89
C GLY D 602 41.27 -19.36 11.49
N VAL D 603 41.79 -18.14 11.31
CA VAL D 603 43.08 -17.84 11.91
C VAL D 603 42.99 -17.89 13.43
N ALA D 604 41.86 -17.45 13.99
CA ALA D 604 41.67 -17.55 15.44
C ALA D 604 41.72 -19.00 15.91
N LEU D 605 40.91 -19.86 15.29
CA LEU D 605 40.86 -21.26 15.69
C LEU D 605 42.21 -21.93 15.53
N ALA D 606 42.88 -21.69 14.39
CA ALA D 606 44.20 -22.27 14.19
C ALA D 606 45.23 -21.71 15.16
N SER D 607 44.99 -20.51 15.70
CA SER D 607 45.84 -20.00 16.75
C SER D 607 45.53 -20.62 18.11
N LEU D 608 44.33 -21.16 18.27
CA LEU D 608 43.99 -21.83 19.52
C LEU D 608 44.48 -23.27 19.58
N ILE D 609 44.77 -23.84 18.41
CA ILE D 609 45.25 -25.25 18.31
C ILE D 609 46.66 -25.35 18.92
N GLU D 610 46.97 -26.49 19.53
CA GLU D 610 48.31 -26.71 20.17
C GLU D 610 49.09 -27.76 19.37
N LYS D 611 50.39 -27.56 19.21
CA LYS D 611 51.25 -28.51 18.46
C LYS D 611 51.04 -29.93 19.01
N CYS D 612 50.60 -30.86 18.16
CA CYS D 612 50.36 -32.26 18.57
C CYS D 612 51.03 -33.21 17.58
N PRO D 613 52.20 -33.82 17.92
CA PRO D 613 52.89 -34.74 17.00
C PRO D 613 52.17 -36.10 16.94
N ASN D 616 52.20 -35.63 13.20
CA ASN D 616 52.38 -37.06 12.81
C ASN D 616 51.21 -37.89 13.34
N LYS D 617 50.48 -37.35 14.33
CA LYS D 617 49.33 -38.06 14.93
C LYS D 617 48.37 -37.04 15.55
N ASP D 618 48.18 -35.88 14.90
CA ASP D 618 47.27 -34.82 15.41
C ASP D 618 45.89 -35.42 15.65
N CYS D 619 45.36 -35.27 16.88
CA CYS D 619 44.03 -35.80 17.24
C CYS D 619 43.00 -34.67 17.24
N SER D 620 42.91 -33.94 16.12
CA SER D 620 41.95 -32.81 16.00
C SER D 620 41.70 -32.49 14.52
N SER D 621 40.42 -32.34 14.14
CA SER D 621 40.06 -32.04 12.74
C SER D 621 40.83 -30.80 12.25
N TYR D 622 40.78 -29.72 13.01
CA TYR D 622 41.48 -28.49 12.67
C TYR D 622 42.98 -28.69 12.84
N GLY D 623 43.72 -28.57 11.75
CA GLY D 623 45.16 -28.71 11.81
C GLY D 623 45.87 -27.40 11.55
N SER D 624 46.33 -27.20 10.32
CA SER D 624 46.89 -25.92 9.92
C SER D 624 45.75 -24.96 9.63
N PHE D 625 46.09 -23.81 9.04
CA PHE D 625 45.07 -22.80 8.74
C PHE D 625 44.03 -23.34 7.76
N SER D 626 44.50 -23.84 6.62
CA SER D 626 43.58 -24.28 5.57
C SER D 626 42.67 -25.40 6.06
N ASP D 627 43.18 -26.26 6.94
CA ASP D 627 42.33 -27.29 7.53
C ASP D 627 41.17 -26.66 8.30
N ALA D 628 41.47 -25.69 9.16
CA ALA D 628 40.42 -25.01 9.91
C ALA D 628 39.44 -24.32 8.99
N VAL D 629 39.94 -23.72 7.90
CA VAL D 629 39.05 -23.06 6.96
C VAL D 629 38.10 -24.07 6.32
N LEU D 630 38.62 -25.25 5.97
CA LEU D 630 37.76 -26.28 5.39
C LEU D 630 36.69 -26.73 6.38
N GLU D 631 37.10 -26.96 7.64
CA GLU D 631 36.11 -27.39 8.63
C GLU D 631 35.05 -26.31 8.84
N LEU D 632 35.46 -25.04 8.82
CA LEU D 632 34.50 -23.96 9.00
C LEU D 632 33.54 -23.85 7.83
N PHE D 633 34.05 -24.03 6.61
CA PHE D 633 33.16 -24.14 5.45
C PHE D 633 32.13 -25.24 5.65
N LYS D 634 32.60 -26.45 5.97
CA LYS D 634 31.69 -27.58 6.14
C LYS D 634 30.67 -27.31 7.24
N LEU D 635 31.09 -26.57 8.27
CA LEU D 635 30.15 -26.21 9.33
C LEU D 635 29.12 -25.20 8.83
N THR D 636 29.53 -24.26 7.99
CA THR D 636 28.60 -23.30 7.42
C THR D 636 27.53 -24.02 6.59
N ILE D 637 27.96 -24.93 5.71
CA ILE D 637 27.02 -25.71 4.91
C ILE D 637 26.48 -26.92 5.67
N GLY D 638 27.01 -27.20 6.86
CA GLY D 638 26.40 -28.19 7.74
C GLY D 638 26.93 -29.60 7.64
N LEU D 639 28.22 -29.75 7.40
CA LEU D 639 28.84 -31.07 7.32
C LEU D 639 29.99 -31.27 8.31
N GLY D 640 30.51 -30.22 8.91
CA GLY D 640 31.58 -30.35 9.88
C GLY D 640 31.13 -31.04 11.15
N ASP D 641 32.07 -31.18 12.07
CA ASP D 641 31.84 -31.86 13.34
C ASP D 641 32.20 -30.95 14.50
N LEU D 642 31.33 -30.88 15.50
CA LEU D 642 31.58 -30.09 16.70
C LEU D 642 32.01 -31.05 17.81
N ASN D 643 33.32 -31.22 17.94
CA ASN D 643 33.91 -31.96 19.05
C ASN D 643 34.68 -30.95 19.91
N ILE D 644 34.26 -30.82 21.17
CA ILE D 644 34.90 -29.85 22.05
C ILE D 644 36.37 -30.15 22.27
N GLN D 645 36.80 -31.40 22.07
CA GLN D 645 38.19 -31.78 22.30
C GLN D 645 39.00 -31.65 21.01
N GLN D 646 39.12 -30.41 20.55
CA GLN D 646 40.00 -30.10 19.42
C GLN D 646 41.44 -29.89 19.84
N ASN D 647 41.83 -30.40 21.02
CA ASN D 647 43.18 -30.26 21.55
C ASN D 647 43.57 -28.79 21.66
N SER D 648 42.76 -28.05 22.42
CA SER D 648 42.98 -26.63 22.65
C SER D 648 43.57 -26.41 24.03
N LYS D 649 44.00 -25.18 24.27
CA LYS D 649 44.45 -24.76 25.59
C LYS D 649 43.34 -24.08 26.38
N TYR D 650 42.23 -23.73 25.72
CA TYR D 650 41.07 -23.12 26.38
C TYR D 650 39.83 -23.66 25.70
N PRO D 651 39.38 -24.87 26.08
CA PRO D 651 38.21 -25.45 25.43
C PRO D 651 36.98 -24.56 25.48
N ILE D 652 36.76 -23.86 26.60
CA ILE D 652 35.60 -22.99 26.70
C ILE D 652 35.72 -21.83 25.71
N LEU D 653 36.91 -21.24 25.60
CA LEU D 653 37.07 -20.09 24.72
C LEU D 653 37.02 -20.51 23.25
N PHE D 654 37.63 -21.65 22.91
CA PHE D 654 37.54 -22.15 21.55
C PHE D 654 36.11 -22.45 21.17
N LEU D 655 35.38 -23.12 22.06
CA LEU D 655 33.97 -23.40 21.79
C LEU D 655 33.18 -22.11 21.65
N PHE D 656 33.51 -21.10 22.46
CA PHE D 656 32.84 -19.81 22.34
C PHE D 656 33.07 -19.20 20.97
N LEU D 657 34.32 -19.18 20.51
CA LEU D 657 34.63 -18.61 19.21
C LEU D 657 33.94 -19.38 18.09
N LEU D 658 33.89 -20.70 18.20
CA LEU D 658 33.26 -21.49 17.13
C LEU D 658 31.76 -21.26 17.09
N ILE D 659 31.11 -21.26 18.26
CA ILE D 659 29.69 -20.95 18.31
C ILE D 659 29.43 -19.54 17.79
N THR D 660 30.35 -18.62 18.08
CA THR D 660 30.22 -17.26 17.59
C THR D 660 30.25 -17.24 16.07
N TYR D 661 31.21 -17.94 15.47
CA TYR D 661 31.29 -17.97 14.01
C TYR D 661 30.02 -18.54 13.40
N VAL D 662 29.55 -19.68 13.93
CA VAL D 662 28.38 -20.30 13.30
C VAL D 662 27.13 -19.44 13.52
N ILE D 663 27.03 -18.80 14.67
CA ILE D 663 25.89 -17.91 14.93
C ILE D 663 25.93 -16.72 14.00
N LEU D 664 27.10 -16.13 13.80
CA LEU D 664 27.19 -14.93 12.96
C LEU D 664 26.98 -15.26 11.49
N THR D 665 27.42 -16.43 11.04
CA THR D 665 27.13 -16.78 9.65
C THR D 665 25.66 -17.15 9.47
N PHE D 666 25.04 -17.72 10.51
CA PHE D 666 23.59 -17.86 10.52
C PHE D 666 22.91 -16.50 10.40
N VAL D 667 23.43 -15.51 11.12
CA VAL D 667 22.84 -14.16 11.10
C VAL D 667 23.04 -13.52 9.73
N LEU D 668 24.18 -13.78 9.08
CA LEU D 668 24.38 -13.27 7.75
C LEU D 668 23.45 -13.94 6.75
N LEU D 669 23.14 -15.22 6.97
CA LEU D 669 22.11 -15.86 6.16
C LEU D 669 20.76 -15.19 6.34
N LEU D 670 20.38 -14.91 7.59
CA LEU D 670 19.11 -14.23 7.84
C LEU D 670 19.10 -12.84 7.22
N ASN D 671 20.22 -12.12 7.29
CA ASN D 671 20.30 -10.79 6.72
C ASN D 671 20.20 -10.83 5.21
N MET D 672 20.82 -11.83 4.59
CA MET D 672 20.63 -12.06 3.17
C MET D 672 19.17 -12.30 2.85
N LEU D 673 18.51 -13.13 3.66
CA LEU D 673 17.10 -13.41 3.45
C LEU D 673 16.27 -12.13 3.50
N ILE D 674 16.54 -11.25 4.46
CA ILE D 674 15.73 -10.03 4.58
C ILE D 674 16.04 -9.08 3.42
N ALA D 675 17.33 -8.85 3.13
CA ALA D 675 17.70 -7.95 2.06
C ALA D 675 17.28 -8.46 0.70
N LEU D 676 16.93 -9.75 0.60
CA LEU D 676 16.46 -10.32 -0.65
C LEU D 676 14.96 -10.45 -0.72
N MET D 677 14.28 -10.56 0.42
CA MET D 677 12.84 -10.78 0.45
C MET D 677 12.04 -9.54 0.81
N GLY D 678 12.68 -8.45 1.20
CA GLY D 678 11.94 -7.22 1.44
C GLY D 678 12.12 -6.19 0.35
N GLU D 679 13.35 -6.02 -0.13
CA GLU D 679 13.65 -4.94 -1.05
C GLU D 679 13.35 -5.31 -2.49
N THR D 680 14.00 -6.36 -3.01
CA THR D 680 13.87 -6.70 -4.42
C THR D 680 12.43 -7.06 -4.78
N VAL D 681 11.71 -7.70 -3.85
CA VAL D 681 10.36 -8.20 -4.15
C VAL D 681 9.43 -7.07 -4.55
N GLU D 682 9.74 -5.84 -4.16
CA GLU D 682 8.92 -4.70 -4.58
C GLU D 682 9.10 -4.43 -6.07
N ASN D 683 10.34 -4.21 -6.50
CA ASN D 683 10.63 -3.79 -7.86
C ASN D 683 11.10 -4.92 -8.77
N VAL D 684 11.06 -6.17 -8.31
CA VAL D 684 11.52 -7.27 -9.14
C VAL D 684 10.69 -7.35 -10.42
N SER D 685 9.37 -7.23 -10.30
CA SER D 685 8.48 -7.35 -11.45
C SER D 685 8.83 -6.31 -12.51
N LYS D 686 8.88 -5.03 -12.12
CA LYS D 686 9.10 -3.95 -13.07
C LYS D 686 10.52 -3.98 -13.62
N GLU D 687 11.50 -4.29 -12.75
CA GLU D 687 12.89 -4.30 -13.19
C GLU D 687 13.15 -5.43 -14.17
N SER D 688 12.60 -6.62 -13.89
CA SER D 688 12.72 -7.72 -14.83
C SER D 688 12.19 -7.33 -16.20
N GLU D 689 10.99 -6.73 -16.23
CA GLU D 689 10.40 -6.33 -17.50
C GLU D 689 11.28 -5.32 -18.23
N ARG D 690 11.75 -4.29 -17.52
CA ARG D 690 12.51 -3.25 -18.22
C ARG D 690 13.84 -3.80 -18.75
N ILE D 691 14.52 -4.65 -17.97
CA ILE D 691 15.81 -5.15 -18.42
C ILE D 691 15.63 -6.15 -19.56
N TRP D 692 14.59 -6.97 -19.48
CA TRP D 692 14.31 -7.89 -20.59
C TRP D 692 13.96 -7.11 -21.85
N ARG D 693 13.22 -6.01 -21.71
CA ARG D 693 12.80 -5.24 -22.87
C ARG D 693 13.99 -4.56 -23.53
N LEU D 694 14.89 -4.00 -22.73
CA LEU D 694 16.11 -3.43 -23.29
C LEU D 694 16.95 -4.51 -23.96
N GLN D 695 17.01 -5.69 -23.34
CA GLN D 695 17.76 -6.79 -23.95
C GLN D 695 17.16 -7.19 -25.29
N ARG D 696 15.84 -7.29 -25.37
CA ARG D 696 15.18 -7.68 -26.61
C ARG D 696 15.38 -6.62 -27.69
N ALA D 697 15.30 -5.34 -27.31
CA ALA D 697 15.58 -4.29 -28.27
C ALA D 697 17.00 -4.40 -28.81
N ARG D 698 17.97 -4.63 -27.93
CA ARG D 698 19.36 -4.72 -28.37
C ARG D 698 19.55 -5.92 -29.29
N THR D 699 18.96 -7.07 -28.94
CA THR D 699 19.11 -8.25 -29.78
C THR D 699 18.46 -8.05 -31.15
N ILE D 700 17.27 -7.44 -31.17
CA ILE D 700 16.59 -7.19 -32.44
C ILE D 700 17.43 -6.28 -33.31
N LEU D 701 17.90 -5.16 -32.75
CA LEU D 701 18.67 -4.22 -33.55
C LEU D 701 20.02 -4.80 -33.95
N GLU D 702 20.53 -5.77 -33.19
CA GLU D 702 21.80 -6.40 -33.55
C GLU D 702 21.60 -7.38 -34.71
N PHE D 703 20.60 -8.24 -34.61
CA PHE D 703 20.24 -9.10 -35.73
C PHE D 703 19.99 -8.28 -36.98
N GLU D 704 19.32 -7.13 -36.84
CA GLU D 704 19.04 -6.27 -37.97
C GLU D 704 20.32 -5.91 -38.72
N LYS D 705 21.42 -5.69 -38.01
CA LYS D 705 22.69 -5.41 -38.68
C LYS D 705 23.31 -6.68 -39.25
N MET D 706 23.08 -7.83 -38.62
CA MET D 706 23.71 -9.06 -39.05
C MET D 706 23.23 -9.52 -40.43
N LEU D 707 22.19 -8.91 -40.97
CA LEU D 707 21.62 -9.32 -42.24
C LEU D 707 22.13 -8.46 -43.38
N PRO D 708 22.12 -8.99 -44.60
CA PRO D 708 22.60 -8.22 -45.74
C PRO D 708 21.57 -7.17 -46.17
N GLU D 709 22.01 -6.32 -47.10
CA GLU D 709 21.16 -5.22 -47.55
C GLU D 709 19.91 -5.73 -48.26
N TRP D 710 20.08 -6.72 -49.15
CA TRP D 710 18.94 -7.20 -49.93
C TRP D 710 17.89 -7.84 -49.03
N LEU D 711 18.31 -8.67 -48.09
CA LEU D 711 17.35 -9.31 -47.19
C LEU D 711 16.67 -8.30 -46.29
N ARG D 712 17.44 -7.32 -45.80
CA ARG D 712 16.85 -6.28 -44.98
C ARG D 712 15.78 -5.52 -45.75
N SER D 713 16.09 -5.12 -46.98
CA SER D 713 15.09 -4.48 -47.82
C SER D 713 13.91 -5.40 -48.09
N ARG D 714 14.15 -6.71 -48.12
CA ARG D 714 13.06 -7.66 -48.25
C ARG D 714 12.17 -7.67 -47.02
N PHE D 715 12.73 -7.35 -45.85
CA PHE D 715 11.91 -7.27 -44.65
C PHE D 715 11.15 -5.95 -44.57
N ARG D 716 11.89 -4.85 -44.43
CA ARG D 716 11.38 -3.47 -44.60
C ARG D 716 10.03 -3.28 -43.89
N MET D 717 10.09 -3.32 -42.56
CA MET D 717 8.90 -3.05 -41.76
C MET D 717 8.28 -1.72 -42.16
N GLY D 718 6.95 -1.70 -42.22
CA GLY D 718 6.24 -0.52 -42.65
C GLY D 718 5.72 -0.66 -44.07
N GLU D 719 4.86 0.29 -44.45
CA GLU D 719 4.24 0.33 -45.76
C GLU D 719 4.44 1.70 -46.41
N LEU D 720 3.75 1.91 -47.51
CA LEU D 720 3.67 3.21 -48.14
C LEU D 720 2.31 3.85 -47.85
N CYS D 721 2.26 5.18 -47.95
CA CYS D 721 1.03 5.91 -47.67
C CYS D 721 1.08 7.34 -48.16
N LYS D 722 0.02 7.79 -48.82
CA LYS D 722 -0.04 9.15 -49.36
C LYS D 722 -0.85 10.02 -48.41
N VAL D 723 -0.25 11.12 -47.95
CA VAL D 723 -0.93 12.05 -47.06
C VAL D 723 -0.94 13.48 -47.58
N ALA D 724 0.06 13.90 -48.34
CA ALA D 724 0.14 15.26 -48.84
C ALA D 724 -0.14 15.27 -50.34
N GLU D 725 0.06 16.44 -50.95
CA GLU D 725 0.00 16.53 -52.41
C GLU D 725 0.89 15.47 -53.05
N ASP D 726 2.16 15.40 -52.61
CA ASP D 726 3.04 14.29 -52.96
C ASP D 726 4.01 14.11 -51.79
N ASP D 727 3.66 13.23 -50.85
CA ASP D 727 4.54 12.87 -49.75
C ASP D 727 4.95 11.41 -49.81
N PHE D 728 3.98 10.50 -49.81
CA PHE D 728 4.23 9.06 -49.95
C PHE D 728 5.34 8.57 -49.05
N ARG D 729 5.34 9.04 -47.81
CA ARG D 729 6.36 8.60 -46.90
C ARG D 729 5.95 7.25 -46.34
N LEU D 730 6.88 6.56 -45.70
CA LEU D 730 6.59 5.28 -45.06
C LEU D 730 5.66 5.47 -43.88
N CYS D 731 4.95 4.39 -43.52
CA CYS D 731 3.98 4.44 -42.44
C CYS D 731 3.84 3.04 -41.85
N LEU D 732 3.11 2.99 -40.73
CA LEU D 732 2.97 1.76 -39.95
C LEU D 732 1.59 1.77 -39.32
N ARG D 733 0.66 1.02 -39.92
CA ARG D 733 -0.71 1.02 -39.46
C ARG D 733 -0.83 0.45 -38.06
N ILE D 734 -1.71 1.06 -37.27
CA ILE D 734 -2.05 0.54 -35.94
C ILE D 734 -3.56 0.69 -35.72
N ASN D 735 -4.28 -0.42 -35.77
CA ASN D 735 -5.69 -0.38 -35.44
C ASN D 735 -5.87 -0.12 -33.95
N GLU D 736 -7.05 0.36 -33.58
CA GLU D 736 -7.32 0.68 -32.19
C GLU D 736 -8.82 0.70 -31.96
N VAL D 737 -9.20 0.86 -30.69
CA VAL D 737 -10.60 0.91 -30.28
C VAL D 737 -10.69 1.78 -29.04
N LYS D 738 -11.59 2.75 -29.05
CA LYS D 738 -11.79 3.65 -27.92
C LYS D 738 -13.26 4.06 -27.87
N TRP D 739 -13.94 3.67 -26.79
CA TRP D 739 -15.35 3.98 -26.59
C TRP D 739 -15.58 5.24 -25.77
N THR D 740 -14.51 5.92 -25.34
CA THR D 740 -14.64 7.00 -24.37
C THR D 740 -14.94 8.34 -25.02
N GLU D 741 -14.13 8.74 -26.01
CA GLU D 741 -14.24 10.06 -26.62
C GLU D 741 -14.88 9.89 -28.00
N TRP D 742 -16.14 10.31 -28.10
CA TRP D 742 -16.86 10.28 -29.37
C TRP D 742 -16.68 11.60 -30.09
N LYS D 743 -16.32 11.54 -31.37
CA LYS D 743 -16.07 12.73 -32.16
C LYS D 743 -16.53 12.49 -33.59
N THR D 744 -17.19 13.49 -34.18
CA THR D 744 -17.54 13.44 -35.59
C THR D 744 -16.27 13.49 -36.42
N HIS D 745 -15.90 12.36 -37.01
CA HIS D 745 -14.62 12.25 -37.70
C HIS D 745 -14.54 13.24 -38.86
N VAL D 746 -13.43 13.97 -38.92
CA VAL D 746 -13.29 15.06 -39.87
C VAL D 746 -12.11 14.81 -40.81
N SER D 747 -11.10 14.09 -40.33
CA SER D 747 -9.86 13.91 -41.06
C SER D 747 -9.60 12.42 -41.25
N PHE D 748 -9.27 12.03 -42.48
CA PHE D 748 -8.89 10.66 -42.80
C PHE D 748 -8.35 10.63 -44.22
N LEU D 749 -7.53 9.63 -44.50
CA LEU D 749 -6.97 9.47 -45.84
C LEU D 749 -7.96 8.75 -46.75
N ASN D 750 -8.32 7.53 -46.40
CA ASN D 750 -9.27 6.75 -47.18
C ASN D 750 -10.64 6.85 -46.52
N GLU D 751 -11.59 7.51 -47.19
CA GLU D 751 -12.93 7.65 -46.65
C GLU D 751 -13.61 6.29 -46.51
N ASP D 752 -13.28 5.35 -47.39
CA ASP D 752 -13.85 4.01 -47.34
C ASP D 752 -13.00 3.14 -46.44
N PRO D 753 -13.50 2.72 -45.27
CA PRO D 753 -12.67 1.90 -44.37
C PRO D 753 -12.46 0.50 -44.92
N GLY D 754 -11.20 0.11 -45.03
CA GLY D 754 -10.85 -1.23 -45.46
C GLY D 754 -10.35 -2.12 -44.34
N12 EQK E . 11.74 -25.83 28.81
C15 EQK E . 2.86 -27.40 21.49
C17 EQK E . 3.63 -27.37 22.81
C20 EQK E . 5.03 -28.56 24.67
C21 EQK E . 4.12 -29.89 22.60
C22 EQK E . 4.82 -29.43 25.81
C24 EQK E . 3.35 -29.93 21.29
C26 EQK E . 3.78 -30.55 25.90
C28 EQK E . 9.65 -25.63 27.35
C14 EQK E . 2.23 -26.13 20.94
C16 EQK E . 4.25 -28.61 23.35
C18 EQK E . 2.61 -25.97 19.47
C19 EQK E . 0.71 -26.22 21.07
C23 EQK E . 2.74 -24.93 21.72
C25 EQK E . 6.63 -27.95 26.44
C27 EQK E . 8.55 -26.30 26.54
C29 EQK E . 10.68 -26.47 28.04
C30 EQK E . 9.71 -24.15 27.46
C31 EQK E . 11.79 -24.35 28.92
C32 EQK E . 11.16 -28.53 29.04
C33 EQK E . 9.06 -21.99 26.78
F02 EQK E . 2.78 -30.32 25.00
F03 EQK E . 3.25 -30.56 27.16
F04 EQK E . 4.37 -31.74 25.64
N08 EQK E . 2.73 -28.69 20.75
N09 EQK E . 5.83 -29.02 26.92
N10 EQK E . 7.68 -27.28 27.18
N11 EQK E . 3.11 -24.04 22.32
N13 EQK E . 10.76 -23.51 28.24
O05 EQK E . 10.63 -27.86 27.94
O06 EQK E . 8.75 -23.36 26.83
O07 EQK E . 8.40 -26.02 25.41
S01 EQK E . 6.15 -27.61 25.01
N12 EQK F . 37.20 -12.37 12.32
C15 EQK F . 28.11 -11.02 19.16
C17 EQK F . 29.53 -10.91 18.61
C20 EQK F . 32.05 -11.58 18.73
C21 EQK F . 30.34 -12.53 20.46
C22 EQK F . 33.23 -11.28 19.50
C24 EQK F . 28.91 -12.63 21.00
C26 EQK F . 33.27 -10.99 21.00
C28 EQK F . 35.21 -11.32 13.51
C14 EQK F . 26.97 -10.24 18.49
C16 EQK F . 30.63 -11.68 19.27
C18 EQK F . 26.12 -11.20 17.66
C19 EQK F . 26.10 -9.58 19.57
C23 EQK F . 27.55 -9.16 17.58
C25 EQK F . 34.00 -11.59 17.23
C27 EQK F . 34.33 -11.20 14.76
C29 EQK F . 36.37 -12.26 13.50
C30 EQK F . 34.89 -10.51 12.30
C31 EQK F . 36.89 -11.56 11.10
C32 EQK F . 37.95 -13.57 14.63
C33 EQK F . 33.70 -8.85 11.16
F02 EQK F . 32.09 -10.40 21.38
F03 EQK F . 34.31 -10.15 21.28
F04 EQK F . 33.43 -12.16 21.68
N08 EQK F . 27.82 -11.87 20.34
N09 EQK F . 34.47 -11.29 18.53
N10 EQK F . 34.83 -11.70 16.03
N11 EQK F . 27.99 -8.36 16.90
N13 EQK F . 35.73 -10.63 11.12
O05 EQK F . 36.66 -13.02 14.63
O06 EQK F . 33.81 -9.64 12.31
O07 EQK F . 33.27 -10.71 14.69
S01 EQK F . 32.48 -11.79 17.30
N12 EQK G . 1.50 -40.65 1.22
C15 EQK G . 3.95 -34.11 -7.94
C17 EQK G . 3.35 -35.26 -7.13
C20 EQK G . 3.38 -37.75 -6.34
C21 EQK G . 5.23 -36.83 -7.95
C22 EQK G . 3.04 -39.05 -6.84
C24 EQK G . 5.83 -35.68 -8.76
C26 EQK G . 3.21 -39.55 -8.28
C28 EQK G . 1.40 -38.99 -0.71
C14 EQK G . 3.29 -32.74 -7.92
C16 EQK G . 3.99 -36.60 -7.14
C18 EQK G . 4.33 -31.67 -7.54
C19 EQK G . 2.74 -32.42 -9.31
C23 EQK G . 2.16 -32.72 -6.90
C25 EQK G . 2.45 -39.06 -4.48
C27 EQK G . 1.90 -38.52 -2.07
C29 EQK G . 1.97 -40.21 -0.08
C30 EQK G . 0.34 -38.21 0.00
C31 EQK G . 0.44 -39.88 1.93
C32 EQK G . 2.76 -42.31 -0.76
C33 EQK G . -1.10 -36.37 0.22
F02 EQK G . 3.49 -38.49 -9.09
F03 EQK G . 2.06 -40.16 -8.70
F04 EQK G . 4.25 -40.43 -8.32
N08 EQK G . 5.19 -34.34 -8.74
N09 EQK G . 2.45 -39.88 -5.65
N10 EQK G . 1.98 -39.46 -3.16
N11 EQK G . 1.32 -32.72 -6.15
N13 EQK G . -0.13 -38.65 1.30
O05 EQK G . 2.97 -40.93 -0.74
O06 EQK G . -0.19 -37.06 -0.59
O07 EQK G . 2.23 -37.40 -2.22
S01 EQK G . 3.03 -37.70 -4.87
N12 EQK H . 26.19 -26.77 -15.77
C15 EQK H . 29.85 -17.21 -10.11
C17 EQK H . 29.57 -18.21 -11.23
C20 EQK H . 30.36 -20.27 -12.67
C21 EQK H . 31.86 -19.29 -10.79
C22 EQK H . 31.27 -20.63 -13.73
C24 EQK H . 32.14 -18.30 -9.67
C26 EQK H . 32.66 -20.05 -13.97
C28 EQK H . 26.27 -24.41 -14.84
C14 EQK H . 28.82 -16.14 -9.76
C16 EQK H . 30.60 -19.24 -11.57
C18 EQK H . 28.04 -16.60 -8.52
C19 EQK H . 29.54 -14.83 -9.44
C23 EQK H . 27.86 -15.92 -10.92
C25 EQK H . 29.32 -22.00 -14.09
C27 EQK H . 27.10 -23.31 -14.16
C29 EQK H . 26.94 -25.70 -15.14
C30 EQK H . 24.85 -24.20 -15.19
C31 EQK H . 24.75 -26.56 -16.12
C32 EQK H . 28.77 -27.15 -15.08
C33 EQK H . 22.99 -22.83 -15.57
F02 EQK H . 32.58 -18.68 -13.96
F03 EQK H . 33.12 -20.49 -15.17
F04 EQK H . 33.51 -20.47 -13.00
N08 EQK H . 31.12 -17.27 -9.35
N09 EQK H . 30.61 -21.73 -14.62
N10 EQK H . 28.42 -23.00 -14.67
N11 EQK H . 27.19 -15.75 -11.81
N13 EQK H . 24.10 -25.27 -15.83
O05 EQK H . 28.28 -25.88 -14.79
O06 EQK H . 24.22 -22.98 -14.92
O07 EQK H . 26.65 -22.76 -13.22
S01 EQK H . 29.12 -21.12 -12.86
#